data_7CB6
#
_entry.id   7CB6
#
_cell.length_a   90.860
_cell.length_b   133.860
_cell.length_c   171.320
_cell.angle_alpha   90.000
_cell.angle_beta   90.000
_cell.angle_gamma   90.000
#
_symmetry.space_group_name_H-M   'P 21 21 21'
#
loop_
_entity.id
_entity.type
_entity.pdbx_description
1 polymer '6-phosphogluconate dehydrogenase, decarboxylating'
2 non-polymer 'SILVER ION'
3 water water
#
_entity_poly.entity_id   1
_entity_poly.type   'polypeptide(L)'
_entity_poly.pdbx_seq_one_letter_code
;MTQQIGVIGLAVMGKNLAWNIESRGYSVSVFNRSSEKTDLMVEESKGKNIHPTYSLEEFVNSLEKPRKILLMVQAGKATD
ATIDSLLPLLDDGDILIDGGNTNYQDTIRRNKALAQSAINFIGMGVSGGEIGALTGPSLMPGGQEEAYNKVADILDAIAA
KAKDGASCVTYIGPNGAGHYVKMVHNGIEYADMQLIAESYAMMKELLGMSHEDIAQTFKDWNAGELESYLIEITGDIFMK
LDENKEALVEKILDTAGQKGTGKWTSINALELGIPLTIITESVFARFISSIKEERVNASKELNGPKASFDGDKKDFLEKI
RKALYMSKICSYAQGFAQMRKASEDNEWNLKLGDLAMIWREGCIIRAQFLQKIKDAYDNNPGLQNLLLDPYFKNIVTEYQ
DALRDVVATGVQNGVPTPGFSSSINYYDSYRAADLPANLIQAQRDYFGAHTYERKDKEGVFHTQWIEE
;
_entity_poly.pdbx_strand_id   A,B,C,D
#
loop_
_chem_comp.id
_chem_comp.type
_chem_comp.name
_chem_comp.formula
AG non-polymer 'SILVER ION' 'Ag 1'
#
# COMPACT_ATOMS: atom_id res chain seq x y z
N MET A 1 -48.31 1.00 -30.18
CA MET A 1 -47.49 0.06 -29.43
C MET A 1 -46.44 0.79 -28.59
N THR A 2 -46.89 1.77 -27.81
CA THR A 2 -46.00 2.55 -26.96
C THR A 2 -46.57 2.63 -25.55
N GLN A 3 -45.67 2.73 -24.57
CA GLN A 3 -46.04 2.98 -23.19
C GLN A 3 -45.64 4.40 -22.81
N GLN A 4 -46.22 4.88 -21.72
CA GLN A 4 -46.04 6.26 -21.32
C GLN A 4 -44.85 6.49 -20.39
N ILE A 5 -44.39 5.45 -19.70
CA ILE A 5 -43.27 5.59 -18.76
C ILE A 5 -42.69 4.20 -18.52
N GLY A 6 -41.38 4.14 -18.32
CA GLY A 6 -40.70 2.89 -18.06
C GLY A 6 -39.96 2.92 -16.73
N VAL A 7 -39.80 1.73 -16.15
CA VAL A 7 -39.08 1.56 -14.89
C VAL A 7 -37.96 0.55 -15.13
N ILE A 8 -36.76 0.87 -14.66
CA ILE A 8 -35.61 -0.03 -14.70
C ILE A 8 -35.19 -0.35 -13.27
N GLY A 9 -34.91 -1.62 -13.01
CA GLY A 9 -34.60 -2.05 -11.67
C GLY A 9 -35.84 -2.52 -10.96
N LEU A 10 -36.11 -3.82 -11.00
CA LEU A 10 -37.36 -4.41 -10.54
C LEU A 10 -37.20 -5.12 -9.21
N ALA A 11 -36.46 -4.52 -8.28
CA ALA A 11 -36.47 -4.96 -6.90
C ALA A 11 -37.78 -4.50 -6.26
N VAL A 12 -37.86 -4.60 -4.93
CA VAL A 12 -39.14 -4.33 -4.26
C VAL A 12 -39.57 -2.88 -4.47
N MET A 13 -38.62 -1.95 -4.44
CA MET A 13 -38.96 -0.53 -4.60
C MET A 13 -39.39 -0.23 -6.03
N GLY A 14 -38.58 -0.63 -7.01
CA GLY A 14 -38.91 -0.36 -8.39
C GLY A 14 -40.16 -1.08 -8.87
N LYS A 15 -40.40 -2.29 -8.37
CA LYS A 15 -41.60 -3.02 -8.73
C LYS A 15 -42.85 -2.34 -8.17
N ASN A 16 -42.77 -1.84 -6.94
CA ASN A 16 -43.93 -1.22 -6.31
C ASN A 16 -44.27 0.11 -6.99
N LEU A 17 -43.25 0.87 -7.40
CA LEU A 17 -43.50 2.14 -8.08
C LEU A 17 -44.19 1.89 -9.42
N ALA A 18 -43.68 0.94 -10.20
CA ALA A 18 -44.32 0.61 -11.47
C ALA A 18 -45.77 0.20 -11.27
N TRP A 19 -46.05 -0.55 -10.21
CA TRP A 19 -47.44 -0.89 -9.91
C TRP A 19 -48.22 0.36 -9.51
N ASN A 20 -47.61 1.26 -8.75
CA ASN A 20 -48.27 2.51 -8.39
C ASN A 20 -48.60 3.33 -9.62
N ILE A 21 -47.62 3.50 -10.52
CA ILE A 21 -47.86 4.27 -11.75
C ILE A 21 -48.95 3.60 -12.58
N GLU A 22 -48.96 2.26 -12.60
CA GLU A 22 -49.97 1.55 -13.38
C GLU A 22 -51.36 1.73 -12.80
N SER A 23 -51.49 1.73 -11.48
CA SER A 23 -52.79 1.83 -10.83
C SER A 23 -53.47 3.17 -11.06
N ARG A 24 -52.76 4.16 -11.60
CA ARG A 24 -53.35 5.46 -11.89
C ARG A 24 -53.84 5.58 -13.32
N GLY A 25 -53.71 4.53 -14.13
CA GLY A 25 -54.11 4.58 -15.51
C GLY A 25 -53.02 4.92 -16.49
N TYR A 26 -51.78 4.54 -16.19
CA TYR A 26 -50.64 4.77 -17.08
C TYR A 26 -50.11 3.44 -17.60
N SER A 27 -49.68 3.43 -18.86
CA SER A 27 -49.04 2.27 -19.45
C SER A 27 -47.55 2.29 -19.12
N VAL A 28 -47.06 1.19 -18.55
CA VAL A 28 -45.72 1.14 -17.99
C VAL A 28 -44.94 -0.01 -18.61
N SER A 29 -43.76 0.30 -19.14
CA SER A 29 -42.78 -0.72 -19.50
C SER A 29 -41.85 -0.96 -18.31
N VAL A 30 -41.28 -2.16 -18.26
CA VAL A 30 -40.37 -2.54 -17.18
C VAL A 30 -39.16 -3.24 -17.78
N PHE A 31 -38.05 -3.18 -17.05
CA PHE A 31 -36.82 -3.85 -17.47
C PHE A 31 -35.96 -4.12 -16.24
N ASN A 32 -35.26 -5.25 -16.28
CA ASN A 32 -34.27 -5.59 -15.27
C ASN A 32 -33.11 -6.30 -15.96
N ARG A 33 -31.88 -5.98 -15.52
CA ARG A 33 -30.70 -6.55 -16.16
C ARG A 33 -30.72 -8.07 -16.08
N SER A 34 -30.92 -8.62 -14.88
CA SER A 34 -31.12 -10.05 -14.72
C SER A 34 -32.58 -10.37 -15.04
N SER A 35 -32.80 -11.30 -15.98
CA SER A 35 -34.13 -11.51 -16.54
C SER A 35 -35.07 -12.22 -15.59
N GLU A 36 -34.55 -12.91 -14.57
CA GLU A 36 -35.43 -13.67 -13.69
C GLU A 36 -36.35 -12.75 -12.87
N LYS A 37 -35.93 -11.50 -12.65
CA LYS A 37 -36.74 -10.60 -11.84
C LYS A 37 -37.81 -9.89 -12.65
N THR A 38 -37.61 -9.72 -13.96
CA THR A 38 -38.62 -9.00 -14.75
C THR A 38 -39.79 -9.91 -15.12
N ASP A 39 -39.53 -11.16 -15.53
CA ASP A 39 -40.64 -12.06 -15.80
C ASP A 39 -41.30 -12.57 -14.53
N LEU A 40 -40.61 -12.48 -13.39
CA LEU A 40 -41.28 -12.72 -12.11
C LEU A 40 -42.39 -11.71 -11.90
N MET A 41 -42.12 -10.44 -12.19
CA MET A 41 -43.15 -9.40 -12.05
C MET A 41 -44.30 -9.62 -13.04
N VAL A 42 -44.02 -10.21 -14.19
CA VAL A 42 -45.06 -10.47 -15.18
C VAL A 42 -46.13 -11.38 -14.61
N GLU A 43 -45.71 -12.43 -13.90
CA GLU A 43 -46.68 -13.35 -13.31
C GLU A 43 -47.44 -12.73 -12.15
N GLU A 44 -46.87 -11.71 -11.51
CA GLU A 44 -47.58 -10.99 -10.44
C GLU A 44 -48.41 -9.83 -10.96
N SER A 45 -48.32 -9.51 -12.25
CA SER A 45 -49.04 -8.39 -12.86
C SER A 45 -49.98 -8.89 -13.95
N LYS A 46 -50.72 -9.97 -13.67
CA LYS A 46 -51.56 -10.58 -14.69
C LYS A 46 -52.65 -9.64 -15.17
N GLY A 47 -53.25 -8.89 -14.25
CA GLY A 47 -54.29 -7.94 -14.63
C GLY A 47 -53.83 -6.54 -14.92
N LYS A 48 -52.56 -6.23 -14.66
CA LYS A 48 -52.05 -4.87 -14.78
C LYS A 48 -51.51 -4.61 -16.18
N ASN A 49 -51.46 -3.32 -16.55
CA ASN A 49 -50.92 -2.90 -17.83
C ASN A 49 -49.41 -2.71 -17.67
N ILE A 50 -48.70 -3.84 -17.64
CA ILE A 50 -47.25 -3.87 -17.49
C ILE A 50 -46.67 -4.58 -18.70
N HIS A 51 -45.85 -3.87 -19.48
CA HIS A 51 -45.26 -4.44 -20.68
C HIS A 51 -43.81 -4.81 -20.42
N PRO A 52 -43.46 -6.08 -20.30
CA PRO A 52 -42.07 -6.45 -20.02
C PRO A 52 -41.19 -6.28 -21.24
N THR A 53 -39.92 -5.97 -20.99
CA THR A 53 -38.90 -5.91 -22.03
C THR A 53 -37.68 -6.70 -21.55
N TYR A 54 -36.88 -7.15 -22.51
CA TYR A 54 -35.72 -7.98 -22.19
C TYR A 54 -34.45 -7.49 -22.89
N SER A 55 -34.42 -6.22 -23.29
CA SER A 55 -33.23 -5.60 -23.85
C SER A 55 -33.36 -4.10 -23.64
N LEU A 56 -32.20 -3.43 -23.54
CA LEU A 56 -32.22 -1.98 -23.35
C LEU A 56 -32.78 -1.26 -24.57
N GLU A 57 -32.49 -1.79 -25.77
CA GLU A 57 -33.05 -1.21 -26.98
C GLU A 57 -34.56 -1.35 -27.02
N GLU A 58 -35.07 -2.53 -26.66
CA GLU A 58 -36.52 -2.75 -26.67
C GLU A 58 -37.21 -1.89 -25.63
N PHE A 59 -36.59 -1.71 -24.47
CA PHE A 59 -37.19 -0.91 -23.41
C PHE A 59 -37.30 0.56 -23.82
N VAL A 60 -36.24 1.12 -24.40
CA VAL A 60 -36.26 2.52 -24.82
C VAL A 60 -37.20 2.71 -26.00
N ASN A 61 -37.16 1.78 -26.96
CA ASN A 61 -38.04 1.89 -28.13
C ASN A 61 -39.51 1.69 -27.76
N SER A 62 -39.81 1.16 -26.58
CA SER A 62 -41.18 0.92 -26.16
C SER A 62 -41.86 2.15 -25.59
N LEU A 63 -41.11 3.23 -25.32
CA LEU A 63 -41.64 4.40 -24.64
C LEU A 63 -41.91 5.52 -25.63
N GLU A 64 -43.01 6.25 -25.42
CA GLU A 64 -43.30 7.41 -26.24
C GLU A 64 -42.36 8.55 -25.89
N LYS A 65 -42.22 9.49 -26.82
CA LYS A 65 -41.27 10.57 -26.65
C LYS A 65 -41.98 11.89 -26.36
N PRO A 66 -41.41 12.74 -25.48
CA PRO A 66 -40.15 12.54 -24.75
C PRO A 66 -40.25 11.41 -23.72
N ARG A 67 -39.30 10.48 -23.78
CA ARG A 67 -39.36 9.29 -22.94
C ARG A 67 -39.12 9.64 -21.48
N LYS A 68 -39.84 8.95 -20.60
CA LYS A 68 -39.73 9.12 -19.16
C LYS A 68 -39.31 7.79 -18.56
N ILE A 69 -38.06 7.72 -18.10
CA ILE A 69 -37.46 6.48 -17.60
C ILE A 69 -37.16 6.67 -16.12
N LEU A 70 -37.76 5.82 -15.29
CA LEU A 70 -37.55 5.86 -13.84
C LEU A 70 -36.49 4.84 -13.46
N LEU A 71 -35.39 5.32 -12.89
CA LEU A 71 -34.27 4.46 -12.53
C LEU A 71 -34.41 4.07 -11.06
N MET A 72 -34.59 2.78 -10.81
CA MET A 72 -34.70 2.24 -9.45
C MET A 72 -33.72 1.08 -9.27
N VAL A 73 -32.47 1.33 -9.61
CA VAL A 73 -31.42 0.32 -9.52
C VAL A 73 -30.57 0.60 -8.29
N GLN A 74 -29.48 -0.15 -8.13
CA GLN A 74 -28.61 0.04 -6.98
C GLN A 74 -27.91 1.38 -7.04
N ALA A 75 -27.81 2.04 -5.90
CA ALA A 75 -27.12 3.32 -5.82
C ALA A 75 -25.64 3.15 -6.10
N GLY A 76 -25.03 4.21 -6.63
CA GLY A 76 -23.61 4.19 -6.90
C GLY A 76 -23.25 3.87 -8.34
N LYS A 77 -22.45 2.82 -8.53
CA LYS A 77 -21.91 2.53 -9.86
C LYS A 77 -22.91 1.80 -10.74
N ALA A 78 -23.85 1.06 -10.15
CA ALA A 78 -24.88 0.40 -10.96
C ALA A 78 -25.77 1.42 -11.64
N THR A 79 -26.06 2.53 -10.96
CA THR A 79 -26.84 3.59 -11.59
C THR A 79 -26.07 4.24 -12.73
N ASP A 80 -24.79 4.53 -12.52
CA ASP A 80 -23.97 5.10 -13.58
C ASP A 80 -23.83 4.15 -14.76
N ALA A 81 -23.82 2.84 -14.50
CA ALA A 81 -23.74 1.87 -15.58
C ALA A 81 -25.02 1.86 -16.41
N THR A 82 -26.17 1.96 -15.76
CA THR A 82 -27.44 1.98 -16.48
C THR A 82 -27.56 3.23 -17.34
N ILE A 83 -27.18 4.39 -16.80
CA ILE A 83 -27.24 5.62 -17.57
C ILE A 83 -26.28 5.56 -18.76
N ASP A 84 -25.06 5.05 -18.53
CA ASP A 84 -24.07 5.01 -19.59
C ASP A 84 -24.52 4.13 -20.75
N SER A 85 -25.28 3.07 -20.47
CA SER A 85 -25.76 2.20 -21.54
C SER A 85 -27.03 2.76 -22.19
N LEU A 86 -27.83 3.51 -21.44
CA LEU A 86 -29.04 4.10 -21.99
C LEU A 86 -28.72 5.27 -22.92
N LEU A 87 -27.68 6.03 -22.59
CA LEU A 87 -27.39 7.29 -23.27
C LEU A 87 -27.31 7.19 -24.79
N PRO A 88 -26.57 6.24 -25.39
CA PRO A 88 -26.56 6.17 -26.86
C PRO A 88 -27.90 5.79 -27.47
N LEU A 89 -28.83 5.25 -26.68
CA LEU A 89 -30.14 4.87 -27.19
C LEU A 89 -31.17 5.98 -27.06
N LEU A 90 -30.89 7.01 -26.27
CA LEU A 90 -31.87 8.05 -25.99
C LEU A 90 -31.90 9.09 -27.12
N ASP A 91 -32.93 9.93 -27.07
CA ASP A 91 -33.10 11.04 -27.99
C ASP A 91 -33.13 12.35 -27.21
N ASP A 92 -32.89 13.44 -27.91
CA ASP A 92 -32.88 14.76 -27.30
C ASP A 92 -34.21 15.05 -26.63
N GLY A 93 -34.16 15.37 -25.34
CA GLY A 93 -35.35 15.71 -24.57
C GLY A 93 -35.85 14.62 -23.65
N ASP A 94 -35.31 13.40 -23.74
CA ASP A 94 -35.73 12.32 -22.87
C ASP A 94 -35.39 12.66 -21.42
N ILE A 95 -36.10 12.01 -20.50
CA ILE A 95 -36.04 12.33 -19.08
C ILE A 95 -35.68 11.08 -18.30
N LEU A 96 -34.50 11.08 -17.68
CA LEU A 96 -34.10 10.03 -16.76
C LEU A 96 -34.35 10.50 -15.34
N ILE A 97 -35.04 9.67 -14.56
CA ILE A 97 -35.42 9.99 -13.18
C ILE A 97 -34.81 8.93 -12.27
N ASP A 98 -33.80 9.32 -11.50
CA ASP A 98 -33.15 8.41 -10.55
C ASP A 98 -33.89 8.52 -9.22
N GLY A 99 -34.72 7.52 -8.92
CA GLY A 99 -35.47 7.47 -7.69
C GLY A 99 -34.77 6.79 -6.53
N GLY A 100 -33.49 6.46 -6.68
CA GLY A 100 -32.76 5.85 -5.60
C GLY A 100 -32.24 6.87 -4.59
N ASN A 101 -31.80 6.36 -3.45
CA ASN A 101 -31.27 7.20 -2.38
C ASN A 101 -29.82 7.55 -2.71
N THR A 102 -29.68 8.50 -3.63
CA THR A 102 -28.38 8.87 -4.17
C THR A 102 -27.77 10.01 -3.37
N ASN A 103 -26.44 10.00 -3.26
CA ASN A 103 -25.72 11.17 -2.80
C ASN A 103 -25.94 12.31 -3.80
N TYR A 104 -26.33 13.48 -3.29
CA TYR A 104 -26.71 14.58 -4.17
C TYR A 104 -25.57 15.01 -5.08
N GLN A 105 -24.31 14.77 -4.67
CA GLN A 105 -23.18 15.13 -5.52
C GLN A 105 -23.09 14.25 -6.76
N ASP A 106 -23.54 12.99 -6.65
CA ASP A 106 -23.62 12.15 -7.84
C ASP A 106 -24.74 12.60 -8.77
N THR A 107 -25.87 13.03 -8.19
CA THR A 107 -26.95 13.58 -9.00
C THR A 107 -26.49 14.83 -9.74
N ILE A 108 -25.69 15.67 -9.09
CA ILE A 108 -25.19 16.88 -9.75
C ILE A 108 -24.22 16.50 -10.87
N ARG A 109 -23.38 15.49 -10.65
CA ARG A 109 -22.44 15.08 -11.68
C ARG A 109 -23.14 14.49 -12.89
N ARG A 110 -24.19 13.69 -12.66
CA ARG A 110 -24.91 13.09 -13.78
C ARG A 110 -25.76 14.13 -14.53
N ASN A 111 -26.46 14.99 -13.78
CA ASN A 111 -27.29 16.00 -14.42
C ASN A 111 -26.46 16.97 -15.24
N LYS A 112 -25.21 17.23 -14.83
CA LYS A 112 -24.35 18.10 -15.61
C LYS A 112 -23.85 17.41 -16.87
N ALA A 113 -23.53 16.12 -16.78
CA ALA A 113 -22.99 15.40 -17.93
C ALA A 113 -24.05 15.16 -18.99
N LEU A 114 -25.21 14.65 -18.57
CA LEU A 114 -26.27 14.32 -19.53
C LEU A 114 -26.88 15.55 -20.15
N ALA A 115 -26.81 16.69 -19.46
CA ALA A 115 -27.27 17.94 -20.05
C ALA A 115 -26.45 18.31 -21.28
N GLN A 116 -25.16 17.96 -21.28
CA GLN A 116 -24.31 18.20 -22.44
C GLN A 116 -24.70 17.34 -23.62
N SER A 117 -25.47 16.26 -23.39
CA SER A 117 -25.98 15.41 -24.46
C SER A 117 -27.47 15.61 -24.70
N ALA A 118 -28.03 16.72 -24.18
CA ALA A 118 -29.45 17.05 -24.35
C ALA A 118 -30.35 16.01 -23.71
N ILE A 119 -29.96 15.52 -22.54
CA ILE A 119 -30.75 14.55 -21.78
C ILE A 119 -31.03 15.15 -20.41
N ASN A 120 -32.30 15.08 -19.99
CA ASN A 120 -32.70 15.58 -18.68
C ASN A 120 -32.50 14.51 -17.62
N PHE A 121 -32.05 14.94 -16.45
CA PHE A 121 -31.80 14.04 -15.32
C PHE A 121 -32.45 14.62 -14.08
N ILE A 122 -33.41 13.90 -13.52
CA ILE A 122 -34.13 14.33 -12.33
C ILE A 122 -33.75 13.39 -11.19
N GLY A 123 -33.05 13.92 -10.20
CA GLY A 123 -32.77 13.17 -8.99
C GLY A 123 -33.91 13.32 -8.00
N MET A 124 -34.62 12.23 -7.72
CA MET A 124 -35.86 12.26 -6.96
C MET A 124 -35.69 11.46 -5.68
N GLY A 125 -35.81 12.13 -4.53
CA GLY A 125 -35.86 11.42 -3.26
C GLY A 125 -37.22 10.76 -3.06
N VAL A 126 -37.18 9.53 -2.57
CA VAL A 126 -38.38 8.73 -2.37
C VAL A 126 -38.45 8.32 -0.91
N SER A 127 -39.54 8.71 -0.25
CA SER A 127 -39.76 8.40 1.17
C SER A 127 -41.03 7.57 1.30
N GLY A 128 -41.00 6.62 2.24
CA GLY A 128 -42.16 5.79 2.48
C GLY A 128 -41.86 4.31 2.51
N GLY A 129 -40.68 3.92 2.03
CA GLY A 129 -40.33 2.51 2.00
C GLY A 129 -41.10 1.77 0.93
N GLU A 130 -41.13 0.44 1.10
CA GLU A 130 -41.83 -0.41 0.13
C GLU A 130 -43.34 -0.23 0.21
N ILE A 131 -43.86 -0.05 1.44
CA ILE A 131 -45.29 0.18 1.60
C ILE A 131 -45.70 1.48 0.93
N GLY A 132 -44.97 2.56 1.23
CA GLY A 132 -45.31 3.85 0.65
C GLY A 132 -45.11 3.90 -0.85
N ALA A 133 -44.07 3.23 -1.34
CA ALA A 133 -43.83 3.18 -2.79
C ALA A 133 -45.01 2.59 -3.53
N LEU A 134 -45.73 1.64 -2.91
CA LEU A 134 -46.87 1.01 -3.54
C LEU A 134 -48.09 1.92 -3.52
N THR A 135 -48.42 2.47 -2.34
CA THR A 135 -49.67 3.21 -2.16
C THR A 135 -49.54 4.69 -2.47
N GLY A 136 -48.41 5.29 -2.13
CA GLY A 136 -48.22 6.71 -2.34
C GLY A 136 -47.06 7.25 -1.53
N PRO A 137 -45.90 7.36 -2.15
CA PRO A 137 -44.74 7.93 -1.46
C PRO A 137 -44.77 9.44 -1.50
N SER A 138 -43.84 10.04 -0.77
CA SER A 138 -43.58 11.48 -0.85
C SER A 138 -42.28 11.68 -1.61
N LEU A 139 -42.31 12.58 -2.59
CA LEU A 139 -41.25 12.70 -3.57
C LEU A 139 -40.60 14.08 -3.50
N MET A 140 -39.26 14.09 -3.62
CA MET A 140 -38.45 15.31 -3.64
C MET A 140 -37.66 15.32 -4.95
N PRO A 141 -38.29 15.66 -6.06
CA PRO A 141 -37.58 15.67 -7.34
C PRO A 141 -36.80 16.96 -7.55
N GLY A 142 -35.57 16.81 -8.01
CA GLY A 142 -34.74 17.94 -8.37
C GLY A 142 -34.11 17.73 -9.73
N GLY A 143 -33.93 18.82 -10.45
CA GLY A 143 -33.35 18.77 -11.77
C GLY A 143 -33.96 19.85 -12.65
N GLN A 144 -33.96 19.56 -13.96
CA GLN A 144 -34.49 20.50 -14.94
C GLN A 144 -35.96 20.79 -14.64
N GLU A 145 -36.28 22.07 -14.43
CA GLU A 145 -37.64 22.45 -14.08
C GLU A 145 -38.62 22.11 -15.20
N GLU A 146 -38.20 22.24 -16.45
CA GLU A 146 -39.06 21.88 -17.57
C GLU A 146 -39.30 20.38 -17.61
N ALA A 147 -38.28 19.58 -17.29
CA ALA A 147 -38.44 18.14 -17.28
C ALA A 147 -39.35 17.68 -16.15
N TYR A 148 -39.33 18.39 -15.01
CA TYR A 148 -40.25 18.07 -13.93
C TYR A 148 -41.70 18.30 -14.35
N ASN A 149 -41.97 19.45 -14.97
CA ASN A 149 -43.33 19.77 -15.39
C ASN A 149 -43.87 18.75 -16.38
N LYS A 150 -42.99 18.15 -17.19
CA LYS A 150 -43.43 17.14 -18.15
C LYS A 150 -43.90 15.87 -17.45
N VAL A 151 -43.39 15.60 -16.25
CA VAL A 151 -43.73 14.40 -15.51
C VAL A 151 -44.47 14.73 -14.21
N ALA A 152 -44.84 15.99 -14.01
CA ALA A 152 -45.43 16.40 -12.74
C ALA A 152 -46.75 15.67 -12.46
N ASP A 153 -47.55 15.44 -13.50
CA ASP A 153 -48.86 14.83 -13.30
C ASP A 153 -48.73 13.35 -12.93
N ILE A 154 -47.73 12.65 -13.48
CA ILE A 154 -47.50 11.27 -13.10
C ILE A 154 -47.06 11.20 -11.64
N LEU A 155 -46.06 12.02 -11.27
CA LEU A 155 -45.62 12.09 -9.88
C LEU A 155 -46.76 12.51 -8.97
N ASP A 156 -47.60 13.44 -9.43
CA ASP A 156 -48.73 13.90 -8.63
C ASP A 156 -49.72 12.77 -8.38
N ALA A 157 -50.01 11.96 -9.40
CA ALA A 157 -51.01 10.91 -9.25
C ALA A 157 -50.53 9.77 -8.36
N ILE A 158 -49.23 9.49 -8.37
CA ILE A 158 -48.70 8.38 -7.59
C ILE A 158 -48.28 8.78 -6.17
N ALA A 159 -48.10 10.07 -5.91
CA ALA A 159 -47.61 10.50 -4.62
C ALA A 159 -48.72 10.45 -3.57
N ALA A 160 -48.30 10.49 -2.30
CA ALA A 160 -49.25 10.48 -1.20
C ALA A 160 -50.11 11.74 -1.22
N LYS A 161 -51.32 11.61 -0.69
CA LYS A 161 -52.27 12.71 -0.60
C LYS A 161 -52.39 13.11 0.87
N ALA A 162 -51.96 14.32 1.19
CA ALA A 162 -52.05 14.81 2.55
C ALA A 162 -53.52 15.07 2.92
N LYS A 163 -53.72 15.51 4.17
CA LYS A 163 -55.08 15.77 4.64
C LYS A 163 -55.76 16.86 3.79
N ASP A 164 -54.99 17.87 3.38
CA ASP A 164 -55.49 18.94 2.54
C ASP A 164 -55.73 18.51 1.10
N GLY A 165 -55.69 17.22 0.79
CA GLY A 165 -55.80 16.76 -0.58
C GLY A 165 -54.59 17.06 -1.44
N ALA A 166 -53.52 17.59 -0.86
CA ALA A 166 -52.35 18.02 -1.60
C ALA A 166 -51.40 16.85 -1.81
N SER A 167 -50.79 16.81 -3.00
CA SER A 167 -49.84 15.76 -3.31
C SER A 167 -48.52 15.99 -2.59
N CYS A 168 -47.96 14.92 -2.04
CA CYS A 168 -46.67 14.99 -1.34
C CYS A 168 -45.54 14.95 -2.36
N VAL A 169 -45.49 16.01 -3.17
CA VAL A 169 -44.45 16.17 -4.18
C VAL A 169 -44.43 17.63 -4.61
N THR A 170 -43.22 18.18 -4.71
CA THR A 170 -43.04 19.53 -5.22
C THR A 170 -41.64 19.65 -5.80
N TYR A 171 -41.48 20.57 -6.75
CA TYR A 171 -40.19 20.79 -7.38
C TYR A 171 -39.26 21.46 -6.39
N ILE A 172 -38.20 20.74 -5.99
CA ILE A 172 -37.27 21.28 -5.00
C ILE A 172 -36.39 22.34 -5.64
N GLY A 173 -35.74 22.01 -6.75
CA GLY A 173 -34.84 22.92 -7.41
C GLY A 173 -33.95 22.25 -8.43
N PRO A 174 -32.90 22.94 -8.86
CA PRO A 174 -32.05 22.42 -9.93
C PRO A 174 -31.19 21.26 -9.46
N ASN A 175 -30.78 20.45 -10.44
CA ASN A 175 -29.92 19.27 -10.28
C ASN A 175 -30.14 18.53 -8.97
N GLY A 176 -29.12 18.47 -8.12
CA GLY A 176 -29.15 17.60 -6.96
C GLY A 176 -29.91 18.14 -5.77
N ALA A 177 -30.74 19.16 -5.98
CA ALA A 177 -31.47 19.79 -4.87
C ALA A 177 -32.44 18.81 -4.23
N GLY A 178 -33.07 17.94 -5.02
CA GLY A 178 -34.04 17.02 -4.47
C GLY A 178 -33.42 15.97 -3.58
N HIS A 179 -32.37 15.30 -4.09
CA HIS A 179 -31.66 14.32 -3.27
C HIS A 179 -31.02 14.96 -2.05
N TYR A 180 -30.64 16.24 -2.15
CA TYR A 180 -30.06 16.92 -1.00
C TYR A 180 -31.09 17.07 0.12
N VAL A 181 -32.27 17.60 -0.21
CA VAL A 181 -33.31 17.77 0.80
C VAL A 181 -33.70 16.43 1.41
N LYS A 182 -33.77 15.39 0.57
CA LYS A 182 -34.01 14.05 1.09
C LYS A 182 -32.96 13.65 2.12
N MET A 183 -31.70 13.98 1.86
CA MET A 183 -30.63 13.64 2.80
C MET A 183 -30.78 14.41 4.11
N VAL A 184 -31.05 15.72 4.01
CA VAL A 184 -31.15 16.54 5.21
C VAL A 184 -32.35 16.12 6.06
N HIS A 185 -33.47 15.80 5.41
CA HIS A 185 -34.63 15.31 6.14
C HIS A 185 -34.29 14.03 6.91
N ASN A 186 -33.57 13.11 6.27
CA ASN A 186 -33.19 11.87 6.94
C ASN A 186 -32.21 12.14 8.08
N GLY A 187 -31.31 13.10 7.90
CA GLY A 187 -30.41 13.46 8.97
C GLY A 187 -31.14 14.04 10.18
N ILE A 188 -32.20 14.80 9.93
CA ILE A 188 -33.02 15.31 11.03
C ILE A 188 -33.73 14.16 11.73
N GLU A 189 -34.12 13.12 10.98
CA GLU A 189 -34.70 11.94 11.60
C GLU A 189 -33.67 11.17 12.42
N TYR A 190 -32.40 11.18 11.99
CA TYR A 190 -31.34 10.60 12.80
C TYR A 190 -31.30 11.23 14.18
N ALA A 191 -31.40 12.56 14.24
CA ALA A 191 -31.35 13.25 15.53
C ALA A 191 -32.56 12.88 16.39
N ASP A 192 -33.76 12.87 15.78
CA ASP A 192 -34.96 12.56 16.54
C ASP A 192 -34.90 11.16 17.14
N MET A 193 -34.41 10.19 16.38
CA MET A 193 -34.32 8.82 16.88
C MET A 193 -33.33 8.70 18.04
N GLN A 194 -32.22 9.43 17.95
CA GLN A 194 -31.24 9.40 19.04
C GLN A 194 -31.78 10.07 20.30
N LEU A 195 -32.55 11.16 20.12
CA LEU A 195 -33.14 11.84 21.27
C LEU A 195 -34.25 11.01 21.89
N ILE A 196 -34.99 10.26 21.07
CA ILE A 196 -36.01 9.35 21.62
C ILE A 196 -35.34 8.17 22.31
N ALA A 197 -34.23 7.68 21.76
CA ALA A 197 -33.49 6.60 22.41
C ALA A 197 -32.94 7.05 23.76
N GLU A 198 -32.40 8.26 23.83
CA GLU A 198 -31.91 8.79 25.09
C GLU A 198 -33.04 8.94 26.10
N SER A 199 -34.22 9.35 25.65
CA SER A 199 -35.36 9.46 26.53
C SER A 199 -35.75 8.10 27.09
N TYR A 200 -35.66 7.05 26.26
CA TYR A 200 -35.96 5.71 26.73
C TYR A 200 -34.87 5.18 27.67
N ALA A 201 -33.61 5.58 27.45
CA ALA A 201 -32.54 5.14 28.33
C ALA A 201 -32.73 5.67 29.74
N MET A 202 -33.19 6.91 29.87
CA MET A 202 -33.40 7.49 31.20
C MET A 202 -34.69 6.99 31.84
N MET A 203 -35.72 6.77 31.03
CA MET A 203 -36.96 6.20 31.58
C MET A 203 -36.73 4.79 32.10
N LYS A 204 -35.79 4.05 31.51
CA LYS A 204 -35.53 2.67 31.90
C LYS A 204 -34.45 2.57 32.97
N GLU A 205 -33.27 3.13 32.70
CA GLU A 205 -32.11 2.93 33.57
C GLU A 205 -32.05 3.92 34.73
N LEU A 206 -32.86 4.97 34.73
CA LEU A 206 -32.89 5.92 35.84
C LEU A 206 -34.22 5.88 36.59
N LEU A 207 -35.33 6.09 35.89
CA LEU A 207 -36.64 6.04 36.52
C LEU A 207 -37.13 4.61 36.75
N GLY A 208 -36.41 3.61 36.22
CA GLY A 208 -36.78 2.23 36.43
C GLY A 208 -38.16 1.86 35.93
N MET A 209 -38.62 2.51 34.87
CA MET A 209 -39.98 2.30 34.39
C MET A 209 -40.08 1.00 33.62
N SER A 210 -41.27 0.40 33.67
CA SER A 210 -41.55 -0.79 32.90
C SER A 210 -41.70 -0.44 31.41
N HIS A 211 -41.76 -1.47 30.57
CA HIS A 211 -42.05 -1.25 29.16
C HIS A 211 -43.50 -0.87 28.94
N GLU A 212 -44.38 -1.14 29.91
CA GLU A 212 -45.76 -0.69 29.82
C GLU A 212 -45.86 0.81 30.10
N ASP A 213 -45.17 1.27 31.14
CA ASP A 213 -45.17 2.70 31.45
C ASP A 213 -44.40 3.49 30.41
N ILE A 214 -43.35 2.90 29.83
CA ILE A 214 -42.59 3.58 28.78
C ILE A 214 -43.47 3.80 27.55
N ALA A 215 -44.18 2.75 27.13
CA ALA A 215 -45.05 2.86 25.96
C ALA A 215 -46.18 3.85 26.20
N GLN A 216 -46.80 3.80 27.38
CA GLN A 216 -47.86 4.75 27.70
C GLN A 216 -47.33 6.18 27.76
N THR A 217 -46.06 6.34 28.14
CA THR A 217 -45.47 7.68 28.20
C THR A 217 -45.35 8.30 26.81
N PHE A 218 -44.88 7.51 25.84
CA PHE A 218 -44.74 8.04 24.48
C PHE A 218 -46.10 8.31 23.85
N LYS A 219 -47.08 7.43 24.10
CA LYS A 219 -48.43 7.67 23.59
C LYS A 219 -49.00 8.96 24.15
N ASP A 220 -48.75 9.23 25.44
CA ASP A 220 -49.15 10.50 26.02
C ASP A 220 -48.42 11.67 25.35
N TRP A 221 -47.13 11.49 25.08
CA TRP A 221 -46.35 12.56 24.44
C TRP A 221 -46.81 12.79 23.01
N ASN A 222 -47.23 11.74 22.31
CA ASN A 222 -47.72 11.89 20.94
C ASN A 222 -49.03 12.68 20.88
N ALA A 223 -49.75 12.79 21.99
CA ALA A 223 -51.00 13.53 22.00
C ALA A 223 -50.80 15.04 22.07
N GLY A 224 -49.61 15.50 22.48
CA GLY A 224 -49.36 16.91 22.64
C GLY A 224 -48.40 17.49 21.62
N GLU A 225 -47.47 18.34 22.09
CA GLU A 225 -46.55 19.00 21.18
C GLU A 225 -45.65 18.00 20.44
N LEU A 226 -45.32 16.89 21.07
CA LEU A 226 -44.40 15.91 20.51
C LEU A 226 -45.06 15.02 19.45
N GLU A 227 -46.25 15.38 18.97
CA GLU A 227 -46.97 14.59 17.99
C GLU A 227 -46.13 14.36 16.73
N SER A 228 -45.71 13.12 16.51
CA SER A 228 -44.94 12.77 15.33
C SER A 228 -45.11 11.28 15.07
N TYR A 229 -44.87 10.88 13.82
CA TYR A 229 -44.96 9.48 13.44
C TYR A 229 -43.96 8.63 14.21
N LEU A 230 -42.79 9.20 14.53
CA LEU A 230 -41.78 8.43 15.25
C LEU A 230 -42.21 8.17 16.69
N ILE A 231 -42.76 9.18 17.37
CA ILE A 231 -43.21 9.01 18.74
C ILE A 231 -44.34 7.99 18.80
N GLU A 232 -45.27 8.07 17.85
CA GLU A 232 -46.38 7.12 17.82
C GLU A 232 -45.90 5.69 17.61
N ILE A 233 -44.98 5.51 16.67
CA ILE A 233 -44.46 4.17 16.38
C ILE A 233 -43.66 3.65 17.57
N THR A 234 -42.94 4.54 18.26
CA THR A 234 -42.16 4.13 19.42
C THR A 234 -43.04 3.52 20.50
N GLY A 235 -44.22 4.10 20.73
CA GLY A 235 -45.12 3.55 21.73
C GLY A 235 -45.60 2.16 21.38
N ASP A 236 -45.97 1.94 20.11
CA ASP A 236 -46.42 0.62 19.68
C ASP A 236 -45.29 -0.41 19.79
N ILE A 237 -44.06 0.02 19.51
CA ILE A 237 -42.91 -0.90 19.55
C ILE A 237 -42.73 -1.45 20.95
N PHE A 238 -42.82 -0.60 21.97
CA PHE A 238 -42.66 -1.03 23.35
C PHE A 238 -43.82 -1.89 23.84
N MET A 239 -44.81 -2.18 23.00
CA MET A 239 -45.93 -3.01 23.38
C MET A 239 -45.97 -4.35 22.63
N LYS A 240 -45.08 -4.56 21.68
CA LYS A 240 -45.02 -5.81 20.92
C LYS A 240 -44.19 -6.82 21.71
N LEU A 241 -44.84 -7.84 22.26
CA LEU A 241 -44.18 -8.81 23.10
C LEU A 241 -43.69 -10.01 22.28
N ASP A 242 -42.91 -10.86 22.94
CA ASP A 242 -42.25 -11.97 22.26
C ASP A 242 -42.75 -13.34 22.73
N GLU A 243 -41.87 -14.34 22.72
CA GLU A 243 -42.25 -15.69 23.11
C GLU A 243 -42.77 -15.74 24.54
N ASN A 244 -42.00 -15.18 25.49
CA ASN A 244 -42.29 -15.31 26.91
C ASN A 244 -43.03 -14.09 27.46
N LYS A 245 -43.84 -13.43 26.63
CA LYS A 245 -44.60 -12.24 27.04
C LYS A 245 -43.66 -11.15 27.57
N GLU A 246 -42.48 -11.06 26.97
CA GLU A 246 -41.50 -10.04 27.29
C GLU A 246 -41.39 -9.05 26.15
N ALA A 247 -40.90 -7.85 26.47
CA ALA A 247 -40.71 -6.82 25.46
C ALA A 247 -39.66 -7.25 24.45
N LEU A 248 -40.07 -7.41 23.19
CA LEU A 248 -39.13 -7.82 22.14
C LEU A 248 -38.07 -6.74 21.89
N VAL A 249 -38.42 -5.48 22.14
CA VAL A 249 -37.48 -4.38 21.90
C VAL A 249 -36.21 -4.52 22.74
N GLU A 250 -36.28 -5.23 23.87
CA GLU A 250 -35.12 -5.37 24.74
C GLU A 250 -34.23 -6.54 24.34
N LYS A 251 -34.73 -7.48 23.54
CA LYS A 251 -33.91 -8.57 23.05
C LYS A 251 -33.19 -8.24 21.75
N ILE A 252 -33.54 -7.13 21.10
CA ILE A 252 -32.88 -6.72 19.87
C ILE A 252 -31.44 -6.30 20.17
N LEU A 253 -30.51 -6.76 19.34
CA LEU A 253 -29.12 -6.37 19.49
C LEU A 253 -28.96 -4.88 19.23
N ASP A 254 -28.27 -4.20 20.15
CA ASP A 254 -28.21 -2.74 20.18
C ASP A 254 -27.07 -2.19 19.32
N THR A 255 -27.00 -2.63 18.07
CA THR A 255 -26.00 -2.12 17.11
C THR A 255 -26.76 -1.47 15.96
N ALA A 256 -26.81 -0.14 15.96
CA ALA A 256 -27.56 0.58 14.95
C ALA A 256 -26.79 0.66 13.64
N GLY A 257 -27.50 0.47 12.53
CA GLY A 257 -26.90 0.55 11.21
C GLY A 257 -27.28 1.84 10.50
N GLN A 258 -26.67 2.02 9.32
CA GLN A 258 -26.94 3.19 8.49
C GLN A 258 -26.45 2.90 7.08
N LYS A 259 -27.27 3.24 6.10
CA LYS A 259 -26.93 3.05 4.68
C LYS A 259 -26.49 4.36 4.05
N GLY A 260 -25.56 5.04 4.70
CA GLY A 260 -25.14 6.35 4.24
C GLY A 260 -26.03 7.46 4.76
N THR A 261 -26.14 8.55 4.01
CA THR A 261 -26.99 9.68 4.34
C THR A 261 -26.64 10.31 5.69
N GLY A 262 -26.64 9.50 6.76
CA GLY A 262 -26.17 10.00 8.04
C GLY A 262 -24.75 10.54 7.96
N LYS A 263 -23.84 9.74 7.41
CA LYS A 263 -22.51 10.24 7.10
C LYS A 263 -22.57 11.42 6.14
N TRP A 264 -23.44 11.32 5.13
CA TRP A 264 -23.45 12.30 4.06
C TRP A 264 -23.87 13.69 4.55
N THR A 265 -24.92 13.76 5.37
CA THR A 265 -25.40 15.08 5.81
C THR A 265 -24.44 15.74 6.79
N SER A 266 -23.75 14.96 7.62
CA SER A 266 -22.78 15.53 8.54
C SER A 266 -21.54 16.02 7.79
N ILE A 267 -21.09 15.25 6.80
CA ILE A 267 -19.97 15.68 5.97
C ILE A 267 -20.34 16.97 5.23
N ASN A 268 -21.57 17.05 4.72
CA ASN A 268 -22.01 18.26 4.03
C ASN A 268 -22.02 19.45 4.97
N ALA A 269 -22.51 19.27 6.19
CA ALA A 269 -22.54 20.37 7.15
C ALA A 269 -21.14 20.87 7.49
N LEU A 270 -20.18 19.95 7.61
CA LEU A 270 -18.80 20.36 7.85
C LEU A 270 -18.24 21.13 6.67
N GLU A 271 -18.58 20.70 5.45
CA GLU A 271 -18.11 21.41 4.26
C GLU A 271 -18.71 22.82 4.17
N LEU A 272 -19.98 22.95 4.55
CA LEU A 272 -20.66 24.25 4.51
C LEU A 272 -20.34 25.13 5.71
N GLY A 273 -19.58 24.61 6.68
CA GLY A 273 -19.31 25.38 7.88
C GLY A 273 -20.51 25.54 8.78
N ILE A 274 -21.47 24.63 8.71
CA ILE A 274 -22.69 24.70 9.50
C ILE A 274 -22.51 23.82 10.73
N PRO A 275 -22.82 24.31 11.94
CA PRO A 275 -22.67 23.48 13.14
C PRO A 275 -23.82 22.51 13.33
N LEU A 276 -23.70 21.32 12.75
CA LEU A 276 -24.75 20.30 12.85
C LEU A 276 -24.44 19.32 13.97
N THR A 277 -24.34 19.85 15.19
CA THR A 277 -23.81 19.07 16.31
C THR A 277 -24.73 17.92 16.69
N ILE A 278 -26.05 18.16 16.72
CA ILE A 278 -26.96 17.14 17.24
C ILE A 278 -27.10 15.99 16.25
N ILE A 279 -27.25 16.29 14.96
CA ILE A 279 -27.34 15.23 13.96
C ILE A 279 -26.01 14.49 13.85
N THR A 280 -24.89 15.19 14.06
CA THR A 280 -23.58 14.54 13.97
C THR A 280 -23.32 13.65 15.18
N GLU A 281 -23.75 14.06 16.37
CA GLU A 281 -23.64 13.18 17.53
C GLU A 281 -24.54 11.97 17.38
N SER A 282 -25.65 12.11 16.65
CA SER A 282 -26.52 10.96 16.40
C SER A 282 -25.85 9.96 15.46
N VAL A 283 -25.20 10.46 14.40
CA VAL A 283 -24.47 9.57 13.50
C VAL A 283 -23.33 8.90 14.25
N PHE A 284 -22.61 9.67 15.09
CA PHE A 284 -21.53 9.10 15.88
C PHE A 284 -22.06 8.09 16.88
N ALA A 285 -23.25 8.34 17.44
CA ALA A 285 -23.83 7.40 18.40
C ALA A 285 -24.09 6.05 17.76
N ARG A 286 -24.57 6.04 16.51
CA ARG A 286 -24.75 4.77 15.80
C ARG A 286 -23.41 4.08 15.58
N PHE A 287 -22.36 4.84 15.30
CA PHE A 287 -21.02 4.27 15.15
C PHE A 287 -20.61 3.53 16.42
N ILE A 288 -20.76 4.17 17.58
CA ILE A 288 -20.27 3.60 18.84
C ILE A 288 -21.02 2.32 19.17
N SER A 289 -22.32 2.27 18.91
CA SER A 289 -23.10 1.10 19.29
C SER A 289 -22.82 -0.11 18.41
N SER A 290 -22.21 0.09 17.24
CA SER A 290 -21.84 -1.03 16.39
C SER A 290 -20.63 -1.80 16.90
N ILE A 291 -19.77 -1.17 17.69
CA ILE A 291 -18.63 -1.84 18.30
C ILE A 291 -19.11 -2.57 19.55
N LYS A 292 -20.09 -3.46 19.38
CA LYS A 292 -20.77 -4.07 20.52
C LYS A 292 -19.81 -4.91 21.35
N GLU A 293 -19.07 -5.82 20.70
CA GLU A 293 -18.13 -6.66 21.43
C GLU A 293 -17.07 -5.82 22.13
N GLU A 294 -16.62 -4.75 21.48
CA GLU A 294 -15.69 -3.83 22.13
C GLU A 294 -16.32 -3.11 23.31
N ARG A 295 -17.63 -2.82 23.22
CA ARG A 295 -18.30 -2.15 24.32
C ARG A 295 -18.49 -3.08 25.51
N VAL A 296 -18.81 -4.35 25.25
CA VAL A 296 -19.02 -5.31 26.35
C VAL A 296 -17.73 -5.51 27.12
N ASN A 297 -16.59 -5.55 26.42
CA ASN A 297 -15.30 -5.68 27.12
C ASN A 297 -14.97 -4.41 27.90
N ALA A 298 -15.29 -3.25 27.33
CA ALA A 298 -15.04 -1.99 28.04
C ALA A 298 -15.90 -1.89 29.30
N SER A 299 -17.12 -2.44 29.27
CA SER A 299 -17.98 -2.39 30.45
C SER A 299 -17.38 -3.15 31.61
N LYS A 300 -16.60 -4.20 31.34
CA LYS A 300 -15.96 -4.97 32.38
C LYS A 300 -14.68 -4.33 32.89
N GLU A 301 -14.20 -3.28 32.23
CA GLU A 301 -12.96 -2.61 32.60
C GLU A 301 -13.14 -1.18 33.08
N LEU A 302 -14.21 -0.50 32.65
CA LEU A 302 -14.43 0.91 32.97
C LEU A 302 -15.66 1.02 33.86
N ASN A 303 -15.45 1.44 35.10
CA ASN A 303 -16.54 1.59 36.04
C ASN A 303 -17.22 2.94 35.88
N GLY A 304 -18.40 3.07 36.48
CA GLY A 304 -19.15 4.30 36.47
C GLY A 304 -20.14 4.35 37.62
N PRO A 305 -20.84 5.47 37.77
CA PRO A 305 -21.80 5.59 38.87
C PRO A 305 -22.98 4.65 38.68
N LYS A 306 -23.59 4.27 39.79
CA LYS A 306 -24.80 3.45 39.76
C LYS A 306 -26.00 4.39 39.71
N ALA A 307 -26.83 4.24 38.68
CA ALA A 307 -27.94 5.15 38.47
C ALA A 307 -28.92 5.10 39.63
N SER A 308 -29.14 6.25 40.26
CA SER A 308 -30.05 6.36 41.39
C SER A 308 -30.90 7.61 41.24
N PHE A 309 -32.20 7.46 41.46
CA PHE A 309 -33.13 8.60 41.44
C PHE A 309 -34.08 8.44 42.62
N ASP A 310 -33.96 9.32 43.61
CA ASP A 310 -34.78 9.27 44.82
C ASP A 310 -35.92 10.26 44.81
N GLY A 311 -36.01 11.14 43.81
CA GLY A 311 -36.99 12.20 43.81
C GLY A 311 -38.28 11.82 43.11
N ASP A 312 -39.09 12.85 42.83
CA ASP A 312 -40.35 12.69 42.13
C ASP A 312 -40.08 12.23 40.70
N LYS A 313 -40.46 10.98 40.39
CA LYS A 313 -40.13 10.43 39.08
C LYS A 313 -41.04 11.00 37.99
N LYS A 314 -42.31 11.23 38.29
CA LYS A 314 -43.25 11.65 37.26
C LYS A 314 -43.04 13.09 36.84
N ASP A 315 -42.53 13.94 37.74
CA ASP A 315 -42.15 15.27 37.33
C ASP A 315 -40.82 15.27 36.58
N PHE A 316 -39.91 14.36 36.91
CA PHE A 316 -38.73 14.17 36.09
C PHE A 316 -39.08 13.62 34.72
N LEU A 317 -40.15 12.82 34.64
CA LEU A 317 -40.63 12.35 33.34
C LEU A 317 -41.09 13.52 32.48
N GLU A 318 -41.72 14.52 33.09
CA GLU A 318 -42.13 15.71 32.35
C GLU A 318 -40.93 16.53 31.92
N LYS A 319 -39.90 16.59 32.76
CA LYS A 319 -38.66 17.27 32.37
C LYS A 319 -38.02 16.61 31.16
N ILE A 320 -38.05 15.28 31.11
CA ILE A 320 -37.57 14.56 29.93
C ILE A 320 -38.39 14.94 28.70
N ARG A 321 -39.70 15.12 28.89
CA ARG A 321 -40.56 15.51 27.78
C ARG A 321 -40.18 16.88 27.23
N LYS A 322 -39.96 17.84 28.13
CA LYS A 322 -39.52 19.17 27.68
C LYS A 322 -38.13 19.11 27.08
N ALA A 323 -37.25 18.28 27.66
CA ALA A 323 -35.90 18.14 27.11
C ALA A 323 -35.94 17.55 25.71
N LEU A 324 -36.84 16.59 25.47
CA LEU A 324 -36.94 15.99 24.14
C LEU A 324 -37.49 16.98 23.12
N TYR A 325 -38.51 17.77 23.51
CA TYR A 325 -39.10 18.71 22.57
C TYR A 325 -38.14 19.83 22.22
N MET A 326 -37.38 20.32 23.21
CA MET A 326 -36.44 21.42 22.93
C MET A 326 -35.27 20.93 22.08
N SER A 327 -34.73 19.76 22.39
CA SER A 327 -33.63 19.21 21.61
C SER A 327 -34.06 18.92 20.18
N LYS A 328 -35.32 18.52 19.99
CA LYS A 328 -35.87 18.38 18.64
C LYS A 328 -35.90 19.72 17.93
N ILE A 329 -36.21 20.80 18.65
CA ILE A 329 -36.29 22.11 18.02
C ILE A 329 -34.92 22.58 17.58
N CYS A 330 -33.91 22.38 18.42
CA CYS A 330 -32.54 22.71 18.02
C CYS A 330 -32.09 21.81 16.87
N SER A 331 -32.57 20.56 16.84
CA SER A 331 -32.27 19.69 15.71
C SER A 331 -32.70 20.33 14.40
N TYR A 332 -33.95 20.81 14.34
CA TYR A 332 -34.45 21.41 13.11
C TYR A 332 -33.75 22.73 12.82
N ALA A 333 -33.47 23.53 13.86
CA ALA A 333 -32.78 24.79 13.67
C ALA A 333 -31.43 24.60 13.00
N GLN A 334 -30.70 23.56 13.40
CA GLN A 334 -29.44 23.24 12.74
C GLN A 334 -29.69 22.71 11.33
N GLY A 335 -30.69 21.83 11.17
CA GLY A 335 -30.93 21.21 9.88
C GLY A 335 -31.42 22.20 8.84
N PHE A 336 -32.25 23.17 9.26
CA PHE A 336 -32.76 24.14 8.30
C PHE A 336 -31.77 25.27 8.06
N ALA A 337 -30.89 25.55 9.03
CA ALA A 337 -29.76 26.43 8.74
C ALA A 337 -28.82 25.78 7.73
N GLN A 338 -28.68 24.45 7.82
CA GLN A 338 -27.87 23.73 6.83
C GLN A 338 -28.47 23.83 5.44
N MET A 339 -29.80 23.74 5.34
CA MET A 339 -30.45 23.80 4.03
C MET A 339 -30.36 25.19 3.42
N ARG A 340 -30.48 26.23 4.25
CA ARG A 340 -30.36 27.60 3.74
C ARG A 340 -28.96 27.84 3.18
N LYS A 341 -27.93 27.43 3.92
CA LYS A 341 -26.57 27.60 3.44
C LYS A 341 -26.31 26.81 2.17
N ALA A 342 -26.91 25.61 2.06
CA ALA A 342 -26.67 24.77 0.89
C ALA A 342 -27.31 25.36 -0.35
N SER A 343 -28.50 25.95 -0.21
CA SER A 343 -29.13 26.61 -1.35
C SER A 343 -28.34 27.83 -1.78
N GLU A 344 -27.69 28.51 -0.83
CA GLU A 344 -26.85 29.66 -1.18
C GLU A 344 -25.62 29.21 -1.95
N ASP A 345 -24.91 28.19 -1.45
CA ASP A 345 -23.68 27.75 -2.09
C ASP A 345 -23.96 27.10 -3.44
N ASN A 346 -25.05 26.36 -3.55
CA ASN A 346 -25.38 25.66 -4.79
C ASN A 346 -26.28 26.48 -5.71
N GLU A 347 -26.66 27.70 -5.29
CA GLU A 347 -27.52 28.58 -6.09
C GLU A 347 -28.82 27.86 -6.48
N TRP A 348 -29.45 27.23 -5.50
CA TRP A 348 -30.68 26.48 -5.73
C TRP A 348 -31.93 27.31 -5.53
N ASN A 349 -31.85 28.44 -4.83
CA ASN A 349 -32.99 29.31 -4.57
C ASN A 349 -34.12 28.54 -3.88
N LEU A 350 -33.77 27.82 -2.81
CA LEU A 350 -34.72 26.96 -2.12
C LEU A 350 -35.69 27.77 -1.26
N LYS A 351 -36.88 27.20 -1.01
CA LYS A 351 -37.92 27.79 -0.16
C LYS A 351 -38.05 26.90 1.05
N LEU A 352 -37.44 27.29 2.16
CA LEU A 352 -37.42 26.42 3.33
C LEU A 352 -38.83 26.14 3.85
N GLY A 353 -39.75 27.09 3.68
CA GLY A 353 -41.14 26.85 4.07
C GLY A 353 -41.79 25.73 3.30
N ASP A 354 -41.30 25.43 2.09
CA ASP A 354 -41.84 24.34 1.29
C ASP A 354 -41.13 23.02 1.53
N LEU A 355 -40.11 23.00 2.39
CA LEU A 355 -39.29 21.81 2.61
C LEU A 355 -39.43 21.30 4.05
N ALA A 356 -40.65 21.32 4.57
CA ALA A 356 -40.91 20.89 5.94
C ALA A 356 -41.75 19.61 5.99
N MET A 357 -41.81 18.86 4.90
CA MET A 357 -42.59 17.62 4.86
C MET A 357 -41.66 16.42 5.03
N ILE A 358 -41.22 16.22 6.27
CA ILE A 358 -40.40 15.07 6.64
C ILE A 358 -41.32 13.89 6.93
N TRP A 359 -40.97 12.72 6.41
CA TRP A 359 -41.89 11.58 6.43
C TRP A 359 -42.07 11.04 7.84
N ARG A 360 -40.97 10.66 8.49
CA ARG A 360 -41.05 10.03 9.81
C ARG A 360 -41.53 10.97 10.90
N GLU A 361 -41.74 12.25 10.60
CA GLU A 361 -42.13 13.23 11.59
C GLU A 361 -43.59 13.64 11.48
N GLY A 362 -44.39 12.93 10.69
CA GLY A 362 -45.79 13.26 10.53
C GLY A 362 -46.08 13.99 9.25
N CYS A 363 -45.74 13.37 8.11
CA CYS A 363 -45.87 14.01 6.81
C CYS A 363 -47.32 14.10 6.36
N ILE A 364 -47.97 12.95 6.14
CA ILE A 364 -49.33 12.97 5.62
C ILE A 364 -50.32 13.43 6.68
N ILE A 365 -49.99 13.21 7.95
CA ILE A 365 -50.88 13.60 9.04
C ILE A 365 -50.93 15.10 9.25
N ARG A 366 -50.10 15.86 8.54
CA ARG A 366 -49.99 17.30 8.70
C ARG A 366 -49.72 17.65 10.16
N ALA A 367 -48.60 17.12 10.66
CA ALA A 367 -48.22 17.34 12.05
C ALA A 367 -48.02 18.82 12.32
N GLN A 368 -48.50 19.27 13.48
CA GLN A 368 -48.44 20.69 13.81
C GLN A 368 -47.00 21.20 13.86
N PHE A 369 -46.06 20.35 14.26
CA PHE A 369 -44.67 20.77 14.34
C PHE A 369 -44.13 21.14 12.97
N LEU A 370 -44.53 20.41 11.92
CA LEU A 370 -44.05 20.70 10.58
C LEU A 370 -44.63 22.02 10.07
N GLN A 371 -45.92 22.26 10.31
CA GLN A 371 -46.54 23.50 9.87
C GLN A 371 -45.96 24.72 10.59
N LYS A 372 -45.43 24.52 11.80
CA LYS A 372 -44.80 25.63 12.51
C LYS A 372 -43.45 25.97 11.89
N ILE A 373 -42.72 24.97 11.41
CA ILE A 373 -41.49 25.23 10.66
C ILE A 373 -41.81 25.96 9.37
N LYS A 374 -42.81 25.47 8.63
CA LYS A 374 -43.20 26.10 7.37
C LYS A 374 -43.63 27.55 7.60
N ASP A 375 -44.46 27.78 8.61
CA ASP A 375 -44.97 29.13 8.86
C ASP A 375 -43.87 30.07 9.32
N ALA A 376 -42.94 29.57 10.14
CA ALA A 376 -41.83 30.40 10.61
C ALA A 376 -41.06 30.99 9.44
N TYR A 377 -40.67 30.14 8.48
CA TYR A 377 -39.93 30.62 7.32
C TYR A 377 -40.85 31.34 6.34
N ASP A 378 -42.12 30.95 6.25
CA ASP A 378 -43.05 31.66 5.37
C ASP A 378 -43.24 33.09 5.83
N ASN A 379 -43.36 33.31 7.14
CA ASN A 379 -43.58 34.65 7.66
C ASN A 379 -42.30 35.48 7.67
N ASN A 380 -41.13 34.84 7.75
CA ASN A 380 -39.84 35.51 7.71
C ASN A 380 -38.88 34.68 6.89
N PRO A 381 -38.90 34.82 5.57
CA PRO A 381 -37.98 34.02 4.73
C PRO A 381 -36.51 34.24 5.04
N GLY A 382 -36.13 35.44 5.49
CA GLY A 382 -34.76 35.71 5.82
C GLY A 382 -34.38 35.31 7.23
N LEU A 383 -35.19 34.45 7.85
CA LEU A 383 -34.94 34.03 9.21
C LEU A 383 -33.62 33.25 9.29
N GLN A 384 -32.73 33.71 10.18
CA GLN A 384 -31.41 33.13 10.29
C GLN A 384 -31.38 31.83 11.08
N ASN A 385 -32.33 31.62 11.98
CA ASN A 385 -32.31 30.45 12.86
C ASN A 385 -33.70 30.27 13.45
N LEU A 386 -34.17 29.03 13.49
CA LEU A 386 -35.49 28.75 14.02
C LEU A 386 -35.59 29.08 15.50
N LEU A 387 -34.47 29.06 16.21
CA LEU A 387 -34.47 29.45 17.62
C LEU A 387 -34.92 30.89 17.82
N LEU A 388 -34.80 31.73 16.79
CA LEU A 388 -35.22 33.12 16.88
C LEU A 388 -36.64 33.36 16.40
N ASP A 389 -37.32 32.33 15.88
CA ASP A 389 -38.72 32.46 15.53
C ASP A 389 -39.55 32.57 16.81
N PRO A 390 -40.53 33.48 16.85
CA PRO A 390 -41.27 33.73 18.11
C PRO A 390 -41.80 32.48 18.80
N TYR A 391 -42.35 31.52 18.05
CA TYR A 391 -42.91 30.33 18.69
C TYR A 391 -41.81 29.49 19.34
N PHE A 392 -40.84 29.04 18.54
CA PHE A 392 -39.76 28.21 19.08
C PHE A 392 -38.94 28.98 20.10
N LYS A 393 -38.71 30.28 19.87
CA LYS A 393 -38.04 31.12 20.86
C LYS A 393 -38.74 31.03 22.21
N ASN A 394 -40.06 31.13 22.21
CA ASN A 394 -40.79 31.08 23.48
C ASN A 394 -40.63 29.74 24.18
N ILE A 395 -40.42 28.66 23.43
CA ILE A 395 -40.41 27.34 24.04
C ILE A 395 -39.03 26.99 24.59
N VAL A 396 -37.98 27.21 23.81
CA VAL A 396 -36.64 26.82 24.25
C VAL A 396 -36.19 27.65 25.43
N THR A 397 -36.67 28.89 25.56
CA THR A 397 -36.32 29.70 26.71
C THR A 397 -37.04 29.28 27.99
N GLU A 398 -38.20 28.64 27.87
CA GLU A 398 -38.90 28.11 29.03
C GLU A 398 -38.54 26.64 29.30
N TYR A 399 -38.22 25.88 28.26
CA TYR A 399 -37.89 24.47 28.42
C TYR A 399 -36.42 24.23 28.76
N GLN A 400 -35.60 25.28 28.76
CA GLN A 400 -34.17 25.08 29.01
C GLN A 400 -33.90 24.59 30.42
N ASP A 401 -34.73 24.99 31.38
CA ASP A 401 -34.54 24.51 32.76
C ASP A 401 -34.70 23.00 32.83
N ALA A 402 -35.65 22.44 32.07
CA ALA A 402 -35.84 21.00 32.08
C ALA A 402 -34.70 20.28 31.38
N LEU A 403 -34.23 20.83 30.25
CA LEU A 403 -33.12 20.20 29.55
C LEU A 403 -31.85 20.21 30.38
N ARG A 404 -31.59 21.32 31.08
CA ARG A 404 -30.39 21.41 31.92
C ARG A 404 -30.45 20.40 33.05
N ASP A 405 -31.62 20.25 33.68
CA ASP A 405 -31.76 19.25 34.74
C ASP A 405 -31.56 17.85 34.19
N VAL A 406 -32.21 17.53 33.07
CA VAL A 406 -32.11 16.17 32.52
C VAL A 406 -30.68 15.84 32.12
N VAL A 407 -29.97 16.81 31.53
CA VAL A 407 -28.58 16.58 31.16
C VAL A 407 -27.71 16.38 32.39
N ALA A 408 -27.98 17.18 33.45
CA ALA A 408 -27.15 17.12 34.65
C ALA A 408 -27.28 15.77 35.35
N THR A 409 -28.52 15.32 35.60
CA THR A 409 -28.69 14.01 36.23
C THR A 409 -28.15 12.90 35.36
N GLY A 410 -28.31 13.01 34.04
CA GLY A 410 -27.81 11.98 33.15
C GLY A 410 -26.31 11.80 33.26
N VAL A 411 -25.57 12.91 33.28
CA VAL A 411 -24.12 12.83 33.40
C VAL A 411 -23.72 12.31 34.78
N GLN A 412 -24.39 12.79 35.83
CA GLN A 412 -24.06 12.37 37.18
C GLN A 412 -24.44 10.92 37.45
N ASN A 413 -25.33 10.33 36.65
CA ASN A 413 -25.75 8.96 36.83
C ASN A 413 -25.14 8.01 35.80
N GLY A 414 -24.34 8.52 34.87
CA GLY A 414 -23.62 7.68 33.94
C GLY A 414 -24.38 7.26 32.70
N VAL A 415 -25.59 7.77 32.49
CA VAL A 415 -26.37 7.46 31.31
C VAL A 415 -25.99 8.48 30.22
N PRO A 416 -25.34 8.05 29.14
CA PRO A 416 -24.85 9.03 28.16
C PRO A 416 -26.00 9.71 27.42
N THR A 417 -25.84 11.01 27.21
CA THR A 417 -26.83 11.83 26.50
C THR A 417 -26.12 12.69 25.46
N PRO A 418 -25.57 12.07 24.40
CA PRO A 418 -24.88 12.87 23.38
C PRO A 418 -25.78 13.87 22.68
N GLY A 419 -27.05 13.53 22.47
CA GLY A 419 -27.97 14.43 21.80
C GLY A 419 -28.54 15.49 22.72
N PHE A 420 -28.87 15.10 23.96
CA PHE A 420 -29.34 16.08 24.93
C PHE A 420 -28.25 17.09 25.27
N SER A 421 -27.01 16.61 25.47
CA SER A 421 -25.91 17.52 25.77
C SER A 421 -25.62 18.44 24.59
N SER A 422 -25.67 17.92 23.36
CA SER A 422 -25.41 18.74 22.18
C SER A 422 -26.38 19.90 22.09
N SER A 423 -27.65 19.66 22.44
CA SER A 423 -28.69 20.68 22.33
C SER A 423 -28.48 21.81 23.33
N ILE A 424 -28.29 21.48 24.61
CA ILE A 424 -28.07 22.53 25.60
C ILE A 424 -26.72 23.20 25.36
N ASN A 425 -25.76 22.47 24.80
CA ASN A 425 -24.50 23.11 24.44
C ASN A 425 -24.67 24.04 23.24
N TYR A 426 -25.51 23.64 22.28
CA TYR A 426 -25.77 24.49 21.12
C TYR A 426 -26.49 25.76 21.52
N TYR A 427 -27.56 25.62 22.32
CA TYR A 427 -28.31 26.79 22.78
C TYR A 427 -27.43 27.73 23.57
N ASP A 428 -26.53 27.18 24.39
CA ASP A 428 -25.65 28.03 25.20
C ASP A 428 -24.55 28.65 24.34
N SER A 429 -24.11 27.96 23.28
CA SER A 429 -23.11 28.53 22.39
C SER A 429 -23.72 29.56 21.45
N TYR A 430 -24.92 29.29 20.94
CA TYR A 430 -25.54 30.19 19.98
C TYR A 430 -25.99 31.49 20.62
N ARG A 431 -26.44 31.43 21.87
CA ARG A 431 -26.90 32.61 22.59
C ARG A 431 -25.77 33.37 23.27
N ALA A 432 -24.55 32.83 23.27
CA ALA A 432 -23.43 33.46 23.96
C ALA A 432 -22.93 34.64 23.14
N ALA A 433 -23.02 35.84 23.71
CA ALA A 433 -22.47 37.02 23.04
C ALA A 433 -20.94 36.97 23.00
N ASP A 434 -20.32 36.30 23.96
CA ASP A 434 -18.87 36.16 24.02
C ASP A 434 -18.53 34.71 24.30
N LEU A 435 -17.59 34.17 23.54
CA LEU A 435 -17.13 32.80 23.65
C LEU A 435 -15.62 32.77 23.90
N PRO A 436 -15.09 31.69 24.48
CA PRO A 436 -13.65 31.63 24.74
C PRO A 436 -12.82 31.47 23.47
N ALA A 437 -13.43 31.70 22.31
CA ALA A 437 -12.70 31.64 21.05
C ALA A 437 -11.62 32.72 20.95
N ASN A 438 -11.72 33.78 21.76
CA ASN A 438 -10.66 34.77 21.81
C ASN A 438 -9.34 34.15 22.25
N LEU A 439 -9.40 33.20 23.19
CA LEU A 439 -8.20 32.47 23.57
C LEU A 439 -7.68 31.62 22.43
N ILE A 440 -8.59 30.97 21.69
CA ILE A 440 -8.19 30.19 20.52
C ILE A 440 -7.51 31.08 19.49
N GLN A 441 -8.08 32.26 19.25
CA GLN A 441 -7.47 33.20 18.33
C GLN A 441 -6.07 33.64 18.79
N ALA A 442 -5.87 33.75 20.10
CA ALA A 442 -4.56 34.11 20.61
C ALA A 442 -3.55 32.98 20.38
N GLN A 443 -3.96 31.74 20.65
CA GLN A 443 -3.09 30.60 20.39
C GLN A 443 -2.78 30.48 18.91
N ARG A 444 -3.78 30.67 18.06
CA ARG A 444 -3.56 30.60 16.61
C ARG A 444 -2.66 31.71 16.13
N ASP A 445 -2.72 32.88 16.77
CA ASP A 445 -1.82 33.97 16.39
C ASP A 445 -0.38 33.68 16.79
N TYR A 446 -0.17 32.94 17.88
CA TYR A 446 1.18 32.62 18.29
C TYR A 446 1.77 31.49 17.46
N PHE A 447 1.03 30.39 17.31
CA PHE A 447 1.58 29.20 16.67
C PHE A 447 1.76 29.41 15.17
N GLY A 448 0.77 30.00 14.50
CA GLY A 448 0.82 30.10 13.07
C GLY A 448 0.79 31.51 12.52
N ALA A 449 0.85 32.52 13.40
CA ALA A 449 0.82 33.92 13.01
C ALA A 449 -0.41 34.22 12.15
N HIS A 450 -1.56 33.70 12.58
CA HIS A 450 -2.80 33.81 11.83
C HIS A 450 -3.50 35.16 12.01
N THR A 451 -2.92 36.07 12.78
CA THR A 451 -3.49 37.39 13.07
C THR A 451 -4.83 37.29 13.77
N TYR A 452 -5.38 38.43 14.20
CA TYR A 452 -6.63 38.45 14.93
C TYR A 452 -7.26 39.84 14.84
N GLU A 453 -8.57 39.88 15.07
CA GLU A 453 -9.30 41.13 15.18
C GLU A 453 -9.59 41.42 16.66
N ARG A 454 -9.96 42.66 16.93
CA ARG A 454 -10.23 43.10 18.29
C ARG A 454 -11.69 43.52 18.43
N LYS A 455 -12.16 43.58 19.68
CA LYS A 455 -13.52 44.00 19.98
C LYS A 455 -13.67 45.51 20.05
N ASP A 456 -12.60 46.23 20.40
CA ASP A 456 -12.65 47.67 20.56
C ASP A 456 -12.09 48.44 19.37
N LYS A 457 -10.95 48.00 18.82
CA LYS A 457 -10.31 48.66 17.70
C LYS A 457 -10.55 47.89 16.41
N GLU A 458 -10.54 48.62 15.30
CA GLU A 458 -10.68 48.02 13.99
C GLU A 458 -9.33 47.48 13.50
N GLY A 459 -9.38 46.70 12.43
CA GLY A 459 -8.18 46.18 11.81
C GLY A 459 -7.80 44.81 12.31
N VAL A 460 -6.70 44.30 11.75
CA VAL A 460 -6.15 43.01 12.12
C VAL A 460 -4.80 43.23 12.78
N PHE A 461 -4.44 42.33 13.69
CA PHE A 461 -3.28 42.52 14.54
C PHE A 461 -2.50 41.21 14.67
N HIS A 462 -1.19 41.34 14.90
CA HIS A 462 -0.33 40.23 15.27
C HIS A 462 0.49 40.64 16.48
N THR A 463 0.72 39.71 17.39
CA THR A 463 1.32 40.01 18.69
C THR A 463 2.40 38.99 19.01
N GLN A 464 3.53 39.49 19.53
CA GLN A 464 4.58 38.64 20.08
C GLN A 464 4.19 38.30 21.51
N TRP A 465 3.54 37.15 21.67
CA TRP A 465 2.94 36.80 22.95
C TRP A 465 3.97 36.41 24.01
N ILE A 466 5.16 36.00 23.61
CA ILE A 466 6.19 35.62 24.57
C ILE A 466 7.22 36.73 24.71
N MET B 1 27.73 23.22 -11.78
CA MET B 1 26.79 24.33 -11.74
C MET B 1 25.39 23.84 -11.37
N THR B 2 25.32 22.66 -10.75
CA THR B 2 24.07 22.07 -10.32
C THR B 2 23.96 22.10 -8.80
N GLN B 3 22.77 22.42 -8.30
CA GLN B 3 22.50 22.40 -6.88
C GLN B 3 21.99 21.03 -6.47
N GLN B 4 21.89 20.82 -5.16
CA GLN B 4 21.50 19.52 -4.63
C GLN B 4 20.00 19.38 -4.41
N ILE B 5 19.28 20.49 -4.29
CA ILE B 5 17.85 20.46 -4.00
C ILE B 5 17.26 21.80 -4.39
N GLY B 6 16.00 21.79 -4.83
CA GLY B 6 15.32 22.99 -5.27
C GLY B 6 14.07 23.26 -4.46
N VAL B 7 13.71 24.54 -4.36
CA VAL B 7 12.52 24.98 -3.62
C VAL B 7 11.69 25.86 -4.54
N ILE B 8 10.41 25.54 -4.67
CA ILE B 8 9.46 26.31 -5.47
C ILE B 8 8.41 26.89 -4.54
N GLY B 9 8.13 28.18 -4.68
CA GLY B 9 7.22 28.87 -3.79
C GLY B 9 7.98 29.62 -2.72
N LEU B 10 8.26 30.89 -2.97
CA LEU B 10 9.16 31.68 -2.12
C LEU B 10 8.41 32.64 -1.20
N ALA B 11 7.28 32.19 -0.63
CA ALA B 11 6.68 32.89 0.49
C ALA B 11 7.55 32.60 1.73
N VAL B 12 7.05 32.97 2.91
CA VAL B 12 7.89 32.89 4.10
C VAL B 12 8.17 31.43 4.47
N MET B 13 7.19 30.55 4.28
CA MET B 13 7.38 29.14 4.65
C MET B 13 8.42 28.48 3.76
N GLY B 14 8.31 28.66 2.44
CA GLY B 14 9.26 28.07 1.53
C GLY B 14 10.63 28.72 1.59
N LYS B 15 10.66 30.03 1.80
CA LYS B 15 11.93 30.75 1.91
C LYS B 15 12.68 30.35 3.18
N ASN B 16 11.95 30.14 4.27
CA ASN B 16 12.58 29.70 5.51
C ASN B 16 13.13 28.28 5.37
N LEU B 17 12.39 27.40 4.70
CA LEU B 17 12.85 26.03 4.50
C LEU B 17 14.11 26.00 3.65
N ALA B 18 14.12 26.76 2.55
CA ALA B 18 15.31 26.85 1.71
C ALA B 18 16.51 27.34 2.52
N TRP B 19 16.30 28.34 3.37
CA TRP B 19 17.37 28.82 4.24
C TRP B 19 17.79 27.75 5.23
N ASN B 20 16.82 27.02 5.79
CA ASN B 20 17.12 25.89 6.66
C ASN B 20 18.01 24.88 5.94
N ILE B 21 17.58 24.44 4.76
CA ILE B 21 18.36 23.47 3.99
C ILE B 21 19.75 24.02 3.69
N GLU B 22 19.83 25.31 3.36
CA GLU B 22 21.12 25.92 3.04
C GLU B 22 22.04 25.92 4.25
N SER B 23 21.49 26.25 5.43
CA SER B 23 22.32 26.38 6.63
C SER B 23 22.98 25.07 7.02
N ARG B 24 22.49 23.93 6.50
CA ARG B 24 23.09 22.63 6.78
C ARG B 24 24.22 22.28 5.82
N GLY B 25 24.49 23.14 4.83
CA GLY B 25 25.57 22.90 3.89
C GLY B 25 25.15 22.40 2.52
N TYR B 26 23.87 22.55 2.15
CA TYR B 26 23.37 22.09 0.87
C TYR B 26 23.23 23.25 -0.10
N SER B 27 23.56 23.01 -1.37
CA SER B 27 23.32 23.98 -2.42
C SER B 27 21.86 23.93 -2.83
N VAL B 28 21.21 25.08 -2.86
CA VAL B 28 19.76 25.17 -3.02
C VAL B 28 19.45 26.07 -4.21
N SER B 29 18.61 25.58 -5.12
CA SER B 29 17.98 26.42 -6.13
C SER B 29 16.62 26.87 -5.65
N VAL B 30 16.22 28.07 -6.04
CA VAL B 30 14.92 28.62 -5.67
C VAL B 30 14.23 29.14 -6.93
N PHE B 31 12.90 29.19 -6.86
CA PHE B 31 12.09 29.67 -7.97
C PHE B 31 10.71 30.04 -7.46
N ASN B 32 10.16 31.13 -8.00
CA ASN B 32 8.79 31.54 -7.74
C ASN B 32 8.18 31.99 -9.05
N ARG B 33 6.89 31.66 -9.24
CA ARG B 33 6.20 31.97 -10.49
C ARG B 33 6.34 33.45 -10.84
N SER B 34 6.00 34.32 -9.90
CA SER B 34 6.24 35.75 -10.04
C SER B 34 7.63 36.07 -9.52
N SER B 35 8.49 36.57 -10.40
CA SER B 35 9.91 36.70 -10.10
C SER B 35 10.22 37.73 -9.02
N GLU B 36 9.25 38.56 -8.64
CA GLU B 36 9.54 39.67 -7.72
C GLU B 36 9.99 39.16 -6.36
N LYS B 37 9.37 38.10 -5.86
CA LYS B 37 9.78 37.53 -4.59
C LYS B 37 11.08 36.73 -4.69
N THR B 38 11.41 36.25 -5.89
CA THR B 38 12.67 35.51 -6.06
C THR B 38 13.87 36.42 -5.83
N ASP B 39 14.01 37.48 -6.65
CA ASP B 39 15.14 38.36 -6.45
C ASP B 39 14.93 39.36 -5.30
N LEU B 40 13.90 39.17 -4.49
CA LEU B 40 13.93 39.70 -3.14
C LEU B 40 14.67 38.75 -2.21
N MET B 41 14.65 37.45 -2.51
CA MET B 41 15.37 36.48 -1.70
C MET B 41 16.87 36.53 -1.96
N VAL B 42 17.29 36.91 -3.16
CA VAL B 42 18.73 37.08 -3.38
C VAL B 42 19.23 38.25 -2.57
N GLU B 43 18.40 39.29 -2.37
CA GLU B 43 18.79 40.43 -1.56
C GLU B 43 18.90 40.07 -0.09
N GLU B 44 18.29 38.97 0.35
CA GLU B 44 18.32 38.56 1.75
C GLU B 44 19.25 37.38 1.99
N SER B 45 19.83 36.79 0.94
CA SER B 45 20.68 35.62 1.03
C SER B 45 22.07 35.91 0.46
N LYS B 46 22.62 37.07 0.82
CA LYS B 46 23.86 37.55 0.21
C LYS B 46 25.02 36.57 0.43
N GLY B 47 25.16 36.07 1.65
CA GLY B 47 26.26 35.20 2.02
C GLY B 47 25.98 33.72 1.92
N LYS B 48 24.78 33.31 1.56
CA LYS B 48 24.39 31.92 1.55
C LYS B 48 24.35 31.36 0.13
N ASN B 49 24.40 30.02 0.04
CA ASN B 49 24.45 29.32 -1.24
C ASN B 49 23.03 29.12 -1.75
N ILE B 50 22.48 30.18 -2.34
CA ILE B 50 21.12 30.18 -2.87
C ILE B 50 21.20 30.62 -4.32
N HIS B 51 21.00 29.67 -5.24
CA HIS B 51 21.05 29.97 -6.67
C HIS B 51 19.66 30.26 -7.18
N PRO B 52 19.36 31.49 -7.59
CA PRO B 52 18.02 31.81 -8.08
C PRO B 52 17.82 31.38 -9.53
N THR B 53 16.58 31.05 -9.85
CA THR B 53 16.17 30.73 -11.21
C THR B 53 14.91 31.52 -11.53
N TYR B 54 14.62 31.65 -12.83
CA TYR B 54 13.50 32.45 -13.28
C TYR B 54 12.67 31.75 -14.35
N SER B 55 12.97 30.48 -14.63
CA SER B 55 12.12 29.64 -15.45
C SER B 55 12.09 28.25 -14.84
N LEU B 56 11.01 27.52 -15.13
CA LEU B 56 10.94 26.14 -14.67
C LEU B 56 11.95 25.26 -15.42
N GLU B 57 12.25 25.59 -16.68
CA GLU B 57 13.29 24.89 -17.41
C GLU B 57 14.64 25.08 -16.75
N GLU B 58 14.99 26.33 -16.40
CA GLU B 58 16.24 26.59 -15.72
C GLU B 58 16.27 25.95 -14.35
N PHE B 59 15.14 25.96 -13.64
CA PHE B 59 15.08 25.37 -12.31
C PHE B 59 15.34 23.86 -12.35
N VAL B 60 14.74 23.17 -13.33
CA VAL B 60 14.91 21.73 -13.43
C VAL B 60 16.35 21.39 -13.83
N ASN B 61 16.91 22.15 -14.77
CA ASN B 61 18.27 21.89 -15.22
C ASN B 61 19.33 22.32 -14.20
N SER B 62 18.94 23.05 -13.16
CA SER B 62 19.87 23.49 -12.14
C SER B 62 20.08 22.48 -11.03
N LEU B 63 19.34 21.37 -11.04
CA LEU B 63 19.38 20.39 -9.96
C LEU B 63 20.03 19.10 -10.45
N GLU B 64 20.85 18.51 -9.59
CA GLU B 64 21.45 17.21 -9.90
C GLU B 64 20.39 16.12 -9.82
N LYS B 65 20.69 14.99 -10.48
CA LYS B 65 19.68 13.95 -10.54
C LYS B 65 20.10 12.72 -9.71
N PRO B 66 19.15 12.04 -9.06
CA PRO B 66 17.70 12.30 -9.10
C PRO B 66 17.30 13.61 -8.44
N ARG B 67 16.52 14.41 -9.16
CA ARG B 67 16.21 15.76 -8.72
C ARG B 67 15.28 15.73 -7.51
N LYS B 68 15.51 16.65 -6.57
CA LYS B 68 14.75 16.76 -5.33
C LYS B 68 14.12 18.15 -5.31
N ILE B 69 12.82 18.21 -5.56
CA ILE B 69 12.10 19.49 -5.70
C ILE B 69 11.09 19.58 -4.57
N LEU B 70 11.27 20.57 -3.69
CA LEU B 70 10.38 20.80 -2.57
C LEU B 70 9.33 21.83 -2.97
N LEU B 71 8.07 21.39 -3.06
CA LEU B 71 6.97 22.26 -3.43
C LEU B 71 6.46 22.99 -2.19
N MET B 72 6.46 24.32 -2.24
CA MET B 72 5.95 25.14 -1.14
C MET B 72 5.10 26.28 -1.71
N VAL B 73 4.10 25.91 -2.51
CA VAL B 73 3.19 26.89 -3.12
C VAL B 73 1.82 26.77 -2.47
N GLN B 74 0.87 27.55 -2.96
CA GLN B 74 -0.47 27.57 -2.38
C GLN B 74 -1.11 26.19 -2.48
N ALA B 75 -1.78 25.78 -1.39
CA ALA B 75 -2.35 24.45 -1.32
C ALA B 75 -3.44 24.27 -2.36
N GLY B 76 -3.56 23.05 -2.84
CA GLY B 76 -4.63 22.67 -3.77
C GLY B 76 -4.20 22.81 -5.24
N LYS B 77 -4.73 23.82 -5.91
CA LYS B 77 -4.70 23.94 -7.36
C LYS B 77 -3.46 24.64 -7.87
N ALA B 78 -2.90 25.57 -7.09
CA ALA B 78 -1.59 26.10 -7.40
C ALA B 78 -0.53 25.00 -7.36
N THR B 79 -0.69 24.05 -6.44
CA THR B 79 0.21 22.90 -6.39
C THR B 79 0.03 22.00 -7.61
N ASP B 80 -1.23 21.71 -7.97
CA ASP B 80 -1.49 20.91 -9.16
C ASP B 80 -0.99 21.62 -10.41
N ALA B 81 -1.06 22.95 -10.44
CA ALA B 81 -0.58 23.68 -11.61
C ALA B 81 0.94 23.60 -11.72
N THR B 82 1.64 23.71 -10.59
CA THR B 82 3.10 23.59 -10.61
C THR B 82 3.53 22.18 -11.03
N ILE B 83 2.82 21.16 -10.54
CA ILE B 83 3.15 19.79 -10.90
C ILE B 83 2.91 19.55 -12.39
N ASP B 84 1.76 20.04 -12.90
CA ASP B 84 1.44 19.82 -14.31
C ASP B 84 2.47 20.46 -15.22
N SER B 85 3.02 21.61 -14.83
CA SER B 85 4.05 22.26 -15.62
C SER B 85 5.41 21.61 -15.43
N LEU B 86 5.68 21.07 -14.24
CA LEU B 86 6.99 20.46 -13.98
C LEU B 86 7.14 19.14 -14.71
N LEU B 87 6.04 18.38 -14.82
CA LEU B 87 6.10 17.00 -15.32
C LEU B 87 6.83 16.84 -16.65
N PRO B 88 6.54 17.61 -17.70
CA PRO B 88 7.24 17.40 -18.98
C PRO B 88 8.73 17.72 -18.93
N LEU B 89 9.20 18.34 -17.85
CA LEU B 89 10.61 18.69 -17.73
C LEU B 89 11.42 17.72 -16.89
N LEU B 90 10.76 16.87 -16.11
CA LEU B 90 11.46 15.97 -15.19
C LEU B 90 11.99 14.75 -15.94
N ASP B 91 12.77 13.95 -15.21
CA ASP B 91 13.29 12.68 -15.69
C ASP B 91 12.83 11.57 -14.76
N ASP B 92 12.94 10.33 -15.24
CA ASP B 92 12.54 9.18 -14.45
C ASP B 92 13.36 9.11 -13.17
N GLY B 93 12.68 8.97 -12.03
CA GLY B 93 13.32 8.90 -10.74
C GLY B 93 13.36 10.21 -9.98
N ASP B 94 12.89 11.31 -10.58
CA ASP B 94 12.88 12.58 -9.89
C ASP B 94 11.86 12.58 -8.77
N ILE B 95 12.13 13.36 -7.73
CA ILE B 95 11.38 13.33 -6.48
C ILE B 95 10.78 14.71 -6.24
N LEU B 96 9.46 14.80 -6.31
CA LEU B 96 8.71 16.00 -5.93
C LEU B 96 8.24 15.86 -4.49
N ILE B 97 8.44 16.89 -3.70
CA ILE B 97 8.02 16.91 -2.30
C ILE B 97 7.10 18.09 -2.09
N ASP B 98 5.84 17.82 -1.78
CA ASP B 98 4.87 18.86 -1.44
C ASP B 98 4.85 19.03 0.08
N GLY B 99 5.23 20.22 0.54
CA GLY B 99 5.28 20.49 1.97
C GLY B 99 4.19 21.41 2.46
N GLY B 100 3.10 21.54 1.69
CA GLY B 100 1.99 22.36 2.09
C GLY B 100 0.99 21.59 2.94
N ASN B 101 0.07 22.35 3.55
CA ASN B 101 -1.01 21.76 4.35
C ASN B 101 -2.06 21.21 3.38
N THR B 102 -1.74 20.06 2.79
CA THR B 102 -2.51 19.47 1.71
C THR B 102 -3.45 18.40 2.25
N ASN B 103 -4.67 18.37 1.71
CA ASN B 103 -5.57 17.26 1.98
C ASN B 103 -4.96 15.97 1.47
N TYR B 104 -4.93 14.95 2.35
CA TYR B 104 -4.26 13.70 2.00
C TYR B 104 -4.85 13.03 0.77
N GLN B 105 -6.13 13.29 0.48
CA GLN B 105 -6.73 12.74 -0.73
C GLN B 105 -6.10 13.32 -1.99
N ASP B 106 -5.67 14.58 -1.94
CA ASP B 106 -4.96 15.17 -3.07
C ASP B 106 -3.59 14.53 -3.23
N THR B 107 -2.94 14.18 -2.11
CA THR B 107 -1.64 13.52 -2.18
C THR B 107 -1.77 12.13 -2.81
N ILE B 108 -2.79 11.38 -2.42
CA ILE B 108 -3.01 10.05 -2.98
C ILE B 108 -3.24 10.15 -4.49
N ARG B 109 -4.02 11.15 -4.92
CA ARG B 109 -4.26 11.33 -6.35
C ARG B 109 -2.97 11.69 -7.08
N ARG B 110 -2.20 12.63 -6.53
CA ARG B 110 -0.98 13.07 -7.19
C ARG B 110 0.06 11.97 -7.22
N ASN B 111 0.20 11.22 -6.12
CA ASN B 111 1.20 10.15 -6.07
C ASN B 111 0.88 9.06 -7.06
N LYS B 112 -0.40 8.70 -7.21
CA LYS B 112 -0.77 7.65 -8.15
C LYS B 112 -0.56 8.10 -9.59
N ALA B 113 -0.91 9.35 -9.90
CA ALA B 113 -0.77 9.84 -11.27
C ALA B 113 0.71 10.01 -11.63
N LEU B 114 1.51 10.59 -10.74
CA LEU B 114 2.92 10.81 -11.04
C LEU B 114 3.69 9.50 -11.11
N ALA B 115 3.24 8.47 -10.40
CA ALA B 115 3.94 7.18 -10.41
C ALA B 115 3.87 6.54 -11.79
N GLN B 116 2.76 6.71 -12.50
CA GLN B 116 2.63 6.17 -13.84
C GLN B 116 3.58 6.84 -14.82
N SER B 117 4.11 8.02 -14.49
CA SER B 117 5.13 8.69 -15.27
C SER B 117 6.52 8.51 -14.67
N ALA B 118 6.69 7.54 -13.78
CA ALA B 118 7.98 7.24 -13.15
C ALA B 118 8.51 8.45 -12.38
N ILE B 119 7.63 9.14 -11.66
CA ILE B 119 7.99 10.29 -10.85
C ILE B 119 7.55 10.01 -9.41
N ASN B 120 8.49 10.15 -8.48
CA ASN B 120 8.17 10.01 -7.07
C ASN B 120 7.49 11.27 -6.55
N PHE B 121 6.59 11.09 -5.59
CA PHE B 121 5.89 12.19 -4.96
C PHE B 121 5.81 11.93 -3.46
N ILE B 122 6.24 12.90 -2.67
CA ILE B 122 6.26 12.79 -1.22
C ILE B 122 5.39 13.89 -0.64
N GLY B 123 4.23 13.51 -0.12
CA GLY B 123 3.41 14.44 0.65
C GLY B 123 3.94 14.56 2.06
N MET B 124 4.44 15.73 2.43
CA MET B 124 5.13 15.93 3.70
C MET B 124 4.42 17.02 4.49
N GLY B 125 3.82 16.64 5.61
CA GLY B 125 3.29 17.63 6.54
C GLY B 125 4.41 18.34 7.27
N VAL B 126 4.25 19.64 7.46
CA VAL B 126 5.24 20.48 8.11
C VAL B 126 4.57 21.22 9.26
N SER B 127 5.08 21.04 10.47
CA SER B 127 4.56 21.69 11.65
C SER B 127 5.65 22.52 12.32
N GLY B 128 5.25 23.58 13.01
CA GLY B 128 6.17 24.46 13.69
C GLY B 128 6.06 25.92 13.30
N GLY B 129 5.16 26.29 12.41
CA GLY B 129 5.03 27.68 12.01
C GLY B 129 6.18 28.14 11.13
N GLU B 130 6.31 29.46 11.02
CA GLU B 130 7.34 30.03 10.16
C GLU B 130 8.72 29.95 10.79
N ILE B 131 8.82 30.22 12.10
CA ILE B 131 10.10 30.11 12.78
C ILE B 131 10.56 28.65 12.81
N GLY B 132 9.61 27.70 12.84
CA GLY B 132 9.99 26.30 12.82
C GLY B 132 10.65 25.89 11.52
N ALA B 133 10.04 26.26 10.38
CA ALA B 133 10.62 25.97 9.08
C ALA B 133 12.01 26.59 8.93
N LEU B 134 12.31 27.66 9.67
CA LEU B 134 13.60 28.30 9.58
C LEU B 134 14.66 27.57 10.41
N THR B 135 14.28 27.09 11.59
CA THR B 135 15.24 26.50 12.53
C THR B 135 15.10 25.00 12.70
N GLY B 136 13.90 24.45 12.56
CA GLY B 136 13.70 23.03 12.72
C GLY B 136 12.23 22.66 12.84
N PRO B 137 11.62 22.26 11.73
CA PRO B 137 10.21 21.86 11.75
C PRO B 137 10.04 20.39 12.07
N SER B 138 8.79 20.02 12.34
CA SER B 138 8.40 18.62 12.50
C SER B 138 7.87 18.13 11.16
N LEU B 139 8.44 17.05 10.65
CA LEU B 139 8.16 16.57 9.30
C LEU B 139 7.48 15.21 9.36
N MET B 140 6.40 15.07 8.59
CA MET B 140 5.68 13.81 8.43
C MET B 140 5.62 13.50 6.93
N PRO B 141 6.69 12.95 6.37
CA PRO B 141 6.70 12.65 4.93
C PRO B 141 6.04 11.31 4.63
N GLY B 142 5.27 11.28 3.57
CA GLY B 142 4.63 10.06 3.11
C GLY B 142 4.74 9.94 1.60
N GLY B 143 4.98 8.73 1.14
CA GLY B 143 5.10 8.45 -0.27
C GLY B 143 5.98 7.23 -0.49
N GLN B 144 6.71 7.26 -1.61
CA GLN B 144 7.61 6.17 -1.96
C GLN B 144 8.72 6.06 -0.92
N GLU B 145 8.83 4.90 -0.28
CA GLU B 145 9.81 4.71 0.78
C GLU B 145 11.24 4.84 0.25
N GLU B 146 11.49 4.30 -0.95
CA GLU B 146 12.82 4.46 -1.55
C GLU B 146 13.12 5.92 -1.86
N ALA B 147 12.10 6.70 -2.24
CA ALA B 147 12.31 8.12 -2.47
C ALA B 147 12.52 8.87 -1.18
N TYR B 148 11.90 8.43 -0.08
CA TYR B 148 12.14 9.05 1.22
C TYR B 148 13.59 8.84 1.65
N ASN B 149 14.12 7.63 1.45
CA ASN B 149 15.49 7.35 1.85
C ASN B 149 16.50 8.15 1.04
N LYS B 150 16.13 8.56 -0.18
CA LYS B 150 17.03 9.38 -0.98
C LYS B 150 17.09 10.83 -0.49
N VAL B 151 16.07 11.29 0.23
CA VAL B 151 16.04 12.63 0.79
C VAL B 151 16.09 12.61 2.32
N ALA B 152 16.33 11.44 2.92
CA ALA B 152 16.23 11.32 4.37
C ALA B 152 17.31 12.13 5.08
N ASP B 153 18.52 12.17 4.51
CA ASP B 153 19.60 12.91 5.15
C ASP B 153 19.32 14.41 5.17
N ILE B 154 18.76 14.94 4.08
CA ILE B 154 18.41 16.35 4.04
C ILE B 154 17.29 16.65 5.04
N LEU B 155 16.26 15.80 5.08
CA LEU B 155 15.16 16.02 6.01
C LEU B 155 15.62 15.88 7.46
N ASP B 156 16.51 14.92 7.73
CA ASP B 156 17.02 14.75 9.08
C ASP B 156 17.88 15.94 9.52
N ALA B 157 18.60 16.55 8.59
CA ALA B 157 19.47 17.67 8.95
C ALA B 157 18.67 18.92 9.29
N ILE B 158 17.55 19.13 8.60
CA ILE B 158 16.77 20.35 8.80
C ILE B 158 15.68 20.22 9.85
N ALA B 159 15.25 18.99 10.16
CA ALA B 159 14.15 18.81 11.09
C ALA B 159 14.55 19.19 12.51
N ALA B 160 13.54 19.47 13.32
CA ALA B 160 13.76 19.74 14.74
C ALA B 160 14.38 18.52 15.42
N LYS B 161 15.16 18.79 16.46
CA LYS B 161 15.75 17.74 17.29
C LYS B 161 15.00 17.71 18.61
N ALA B 162 14.34 16.60 18.89
CA ALA B 162 13.70 16.43 20.19
C ALA B 162 14.76 16.42 21.29
N LYS B 163 14.31 16.51 22.53
CA LYS B 163 15.23 16.62 23.65
C LYS B 163 15.84 15.28 24.06
N ASP B 164 15.60 14.22 23.29
CA ASP B 164 16.41 13.01 23.36
C ASP B 164 17.43 12.96 22.22
N GLY B 165 17.59 14.06 21.49
CA GLY B 165 18.52 14.15 20.39
C GLY B 165 17.97 13.71 19.05
N ALA B 166 16.90 12.91 19.04
CA ALA B 166 16.39 12.36 17.79
C ALA B 166 15.77 13.43 16.93
N SER B 167 15.98 13.34 15.62
CA SER B 167 15.34 14.24 14.67
C SER B 167 13.88 13.85 14.50
N CYS B 168 12.98 14.81 14.69
CA CYS B 168 11.55 14.56 14.56
C CYS B 168 11.14 14.48 13.09
N VAL B 169 11.69 13.48 12.41
CA VAL B 169 11.29 13.12 11.06
C VAL B 169 11.29 11.59 10.98
N THR B 170 10.26 11.05 10.34
CA THR B 170 10.18 9.60 10.17
C THR B 170 9.24 9.30 9.02
N TYR B 171 9.56 8.22 8.29
CA TYR B 171 8.74 7.78 7.17
C TYR B 171 7.41 7.28 7.70
N ILE B 172 6.33 8.01 7.42
CA ILE B 172 5.02 7.65 7.94
C ILE B 172 4.47 6.44 7.20
N GLY B 173 4.45 6.49 5.87
CA GLY B 173 3.91 5.42 5.07
C GLY B 173 3.72 5.82 3.62
N PRO B 174 3.08 4.95 2.85
CA PRO B 174 2.90 5.22 1.42
C PRO B 174 1.96 6.39 1.16
N ASN B 175 2.04 6.90 -0.08
CA ASN B 175 1.26 8.02 -0.61
C ASN B 175 0.86 9.06 0.43
N GLY B 176 -0.43 9.15 0.75
CA GLY B 176 -0.96 10.21 1.57
C GLY B 176 -0.85 10.03 3.06
N ALA B 177 -0.10 9.04 3.54
CA ALA B 177 -0.03 8.79 4.97
C ALA B 177 0.58 9.95 5.74
N GLY B 178 1.56 10.63 5.15
CA GLY B 178 2.20 11.75 5.81
C GLY B 178 1.26 12.90 6.10
N HIS B 179 0.61 13.40 5.05
CA HIS B 179 -0.36 14.48 5.24
C HIS B 179 -1.55 14.04 6.07
N TYR B 180 -1.90 12.75 6.01
CA TYR B 180 -3.02 12.26 6.82
C TYR B 180 -2.70 12.39 8.30
N VAL B 181 -1.50 11.97 8.71
CA VAL B 181 -1.13 12.03 10.12
C VAL B 181 -1.06 13.47 10.60
N LYS B 182 -0.56 14.37 9.75
CA LYS B 182 -0.58 15.79 10.08
C LYS B 182 -2.01 16.28 10.31
N MET B 183 -2.96 15.79 9.52
CA MET B 183 -4.35 16.19 9.69
C MET B 183 -4.93 15.67 10.99
N VAL B 184 -4.64 14.42 11.34
CA VAL B 184 -5.16 13.85 12.59
C VAL B 184 -4.51 14.54 13.79
N HIS B 185 -3.21 14.83 13.71
CA HIS B 185 -2.53 15.52 14.80
C HIS B 185 -3.12 16.91 15.02
N ASN B 186 -3.35 17.66 13.94
CA ASN B 186 -3.98 18.96 14.07
C ASN B 186 -5.38 18.84 14.65
N GLY B 187 -6.10 17.78 14.29
CA GLY B 187 -7.43 17.58 14.85
C GLY B 187 -7.39 17.35 16.35
N ILE B 188 -6.41 16.58 16.82
CA ILE B 188 -6.24 16.39 18.26
C ILE B 188 -5.91 17.72 18.93
N GLU B 189 -5.15 18.58 18.25
CA GLU B 189 -4.85 19.89 18.79
C GLU B 189 -6.11 20.76 18.85
N TYR B 190 -6.98 20.66 17.85
CA TYR B 190 -8.27 21.35 17.88
C TYR B 190 -9.02 21.05 19.17
N ALA B 191 -9.14 19.76 19.51
CA ALA B 191 -9.88 19.38 20.70
C ALA B 191 -9.25 19.94 21.96
N ASP B 192 -7.91 19.84 22.07
CA ASP B 192 -7.24 20.36 23.27
C ASP B 192 -7.39 21.87 23.39
N MET B 193 -7.41 22.59 22.26
CA MET B 193 -7.60 24.03 22.31
C MET B 193 -9.02 24.39 22.75
N GLN B 194 -10.01 23.60 22.34
CA GLN B 194 -11.38 23.86 22.76
C GLN B 194 -11.60 23.49 24.22
N LEU B 195 -10.96 22.40 24.67
CA LEU B 195 -11.08 22.01 26.06
C LEU B 195 -10.38 23.01 26.98
N ILE B 196 -9.22 23.52 26.56
CA ILE B 196 -8.55 24.58 27.31
C ILE B 196 -9.43 25.83 27.31
N ALA B 197 -10.12 26.10 26.19
CA ALA B 197 -11.03 27.24 26.13
C ALA B 197 -12.18 27.08 27.11
N GLU B 198 -12.81 25.90 27.12
CA GLU B 198 -13.88 25.64 28.08
C GLU B 198 -13.37 25.76 29.51
N SER B 199 -12.14 25.29 29.76
CA SER B 199 -11.54 25.42 31.08
C SER B 199 -11.41 26.89 31.47
N TYR B 200 -10.92 27.73 30.56
CA TYR B 200 -10.80 29.15 30.84
C TYR B 200 -12.17 29.80 30.99
N ALA B 201 -13.17 29.32 30.26
CA ALA B 201 -14.50 29.93 30.32
C ALA B 201 -15.09 29.83 31.72
N MET B 202 -14.92 28.68 32.38
CA MET B 202 -15.48 28.50 33.72
C MET B 202 -14.62 29.14 34.79
N MET B 203 -13.31 29.22 34.56
CA MET B 203 -12.45 29.96 35.48
C MET B 203 -12.88 31.42 35.56
N LYS B 204 -13.24 32.02 34.43
CA LYS B 204 -13.64 33.43 34.39
C LYS B 204 -15.13 33.60 34.70
N GLU B 205 -16.00 32.94 33.93
CA GLU B 205 -17.42 33.20 34.04
C GLU B 205 -18.00 32.63 35.33
N LEU B 206 -17.53 31.46 35.74
CA LEU B 206 -18.11 30.75 36.89
C LEU B 206 -17.33 30.97 38.18
N LEU B 207 -16.01 30.90 38.14
CA LEU B 207 -15.19 31.10 39.33
C LEU B 207 -14.79 32.55 39.54
N GLY B 208 -15.15 33.45 38.62
CA GLY B 208 -14.82 34.85 38.74
C GLY B 208 -13.33 35.11 38.93
N MET B 209 -12.51 34.21 38.40
CA MET B 209 -11.07 34.30 38.64
C MET B 209 -10.46 35.47 37.89
N SER B 210 -9.31 35.91 38.38
CA SER B 210 -8.60 37.04 37.80
C SER B 210 -8.04 36.66 36.43
N HIS B 211 -7.24 37.54 35.85
CA HIS B 211 -6.44 37.19 34.68
C HIS B 211 -5.03 36.75 35.06
N GLU B 212 -4.53 37.12 36.23
CA GLU B 212 -3.30 36.56 36.75
C GLU B 212 -3.54 35.29 37.55
N ASP B 213 -4.72 35.14 38.16
CA ASP B 213 -5.12 33.86 38.71
C ASP B 213 -5.25 32.82 37.61
N ILE B 214 -5.87 33.21 36.49
CA ILE B 214 -6.02 32.30 35.36
C ILE B 214 -4.66 31.92 34.80
N ALA B 215 -3.76 32.89 34.69
CA ALA B 215 -2.43 32.62 34.14
C ALA B 215 -1.66 31.65 35.03
N GLN B 216 -1.57 31.94 36.32
CA GLN B 216 -0.84 31.07 37.23
C GLN B 216 -1.49 29.69 37.34
N THR B 217 -2.80 29.60 37.09
CA THR B 217 -3.46 28.30 37.11
C THR B 217 -2.93 27.40 35.99
N PHE B 218 -2.85 27.93 34.77
CA PHE B 218 -2.35 27.13 33.66
C PHE B 218 -0.88 26.78 33.83
N LYS B 219 -0.08 27.69 34.41
CA LYS B 219 1.32 27.37 34.67
C LYS B 219 1.44 26.32 35.78
N ASP B 220 0.55 26.37 36.77
CA ASP B 220 0.51 25.31 37.77
C ASP B 220 0.18 23.96 37.13
N TRP B 221 -0.82 23.95 36.23
CA TRP B 221 -1.18 22.71 35.54
C TRP B 221 -0.06 22.22 34.65
N ASN B 222 0.66 23.15 34.01
CA ASN B 222 1.75 22.76 33.12
C ASN B 222 2.89 22.06 33.86
N ALA B 223 2.98 22.25 35.18
CA ALA B 223 4.00 21.57 35.97
C ALA B 223 3.64 20.12 36.29
N GLY B 224 2.39 19.72 36.07
CA GLY B 224 1.96 18.37 36.39
C GLY B 224 1.75 17.49 35.17
N GLU B 225 0.74 16.62 35.23
CA GLU B 225 0.50 15.69 34.14
C GLU B 225 0.01 16.37 32.87
N LEU B 226 -0.62 17.55 32.99
CA LEU B 226 -1.14 18.26 31.84
C LEU B 226 -0.08 19.07 31.11
N GLU B 227 1.20 18.71 31.26
CA GLU B 227 2.27 19.46 30.62
C GLU B 227 2.18 19.34 29.10
N SER B 228 2.07 20.48 28.44
CA SER B 228 2.07 20.53 26.98
C SER B 228 2.47 21.92 26.55
N TYR B 229 2.91 22.03 25.29
CA TYR B 229 3.26 23.33 24.74
C TYR B 229 2.06 24.27 24.74
N LEU B 230 0.85 23.72 24.50
CA LEU B 230 -0.35 24.54 24.46
C LEU B 230 -0.64 25.17 25.81
N ILE B 231 -0.59 24.37 26.88
CA ILE B 231 -0.92 24.87 28.21
C ILE B 231 0.11 25.91 28.65
N GLU B 232 1.40 25.67 28.36
CA GLU B 232 2.43 26.63 28.76
C GLU B 232 2.25 27.97 28.07
N ILE B 233 1.86 27.95 26.79
CA ILE B 233 1.65 29.21 26.08
C ILE B 233 0.37 29.88 26.54
N THR B 234 -0.66 29.09 26.88
CA THR B 234 -1.90 29.68 27.39
C THR B 234 -1.64 30.49 28.66
N GLY B 235 -0.70 30.04 29.49
CA GLY B 235 -0.34 30.82 30.66
C GLY B 235 0.36 32.12 30.29
N ASP B 236 1.19 32.09 29.26
CA ASP B 236 1.88 33.30 28.82
C ASP B 236 0.92 34.28 28.16
N ILE B 237 -0.11 33.78 27.49
CA ILE B 237 -1.06 34.65 26.79
C ILE B 237 -1.81 35.52 27.79
N PHE B 238 -2.20 34.95 28.92
CA PHE B 238 -2.94 35.70 29.93
C PHE B 238 -2.05 36.66 30.72
N MET B 239 -0.76 36.69 30.46
CA MET B 239 0.15 37.65 31.08
C MET B 239 0.51 38.80 30.14
N LYS B 240 0.02 38.77 28.90
CA LYS B 240 0.33 39.81 27.92
C LYS B 240 -0.60 41.00 28.14
N LEU B 241 -0.04 42.11 28.61
CA LEU B 241 -0.82 43.31 28.88
C LEU B 241 -0.81 44.23 27.67
N ASP B 242 -1.73 45.18 27.67
CA ASP B 242 -1.80 46.18 26.62
C ASP B 242 -1.15 47.48 27.10
N GLU B 243 -1.53 48.61 26.50
CA GLU B 243 -0.98 49.89 26.94
C GLU B 243 -1.46 50.25 28.34
N ASN B 244 -2.75 50.06 28.62
CA ASN B 244 -3.33 50.40 29.92
C ASN B 244 -3.32 49.21 30.88
N LYS B 245 -2.36 48.29 30.73
CA LYS B 245 -2.16 47.17 31.64
C LYS B 245 -3.35 46.21 31.70
N GLU B 246 -4.19 46.21 30.66
CA GLU B 246 -5.32 45.28 30.60
C GLU B 246 -4.89 43.99 29.90
N ALA B 247 -5.60 42.91 30.21
CA ALA B 247 -5.31 41.61 29.60
C ALA B 247 -5.68 41.67 28.12
N LEU B 248 -4.68 41.54 27.26
CA LEU B 248 -4.90 41.71 25.82
C LEU B 248 -5.80 40.61 25.25
N VAL B 249 -5.77 39.41 25.83
CA VAL B 249 -6.59 38.33 25.33
C VAL B 249 -8.08 38.61 25.51
N GLU B 250 -8.43 39.51 26.43
CA GLU B 250 -9.84 39.87 26.62
C GLU B 250 -10.34 40.86 25.59
N LYS B 251 -9.46 41.40 24.74
CA LYS B 251 -9.85 42.34 23.70
C LYS B 251 -9.99 41.70 22.34
N ILE B 252 -9.54 40.46 22.16
CA ILE B 252 -9.54 39.81 20.85
C ILE B 252 -10.96 39.37 20.52
N LEU B 253 -11.41 39.69 19.30
CA LEU B 253 -12.73 39.28 18.86
C LEU B 253 -12.83 37.77 18.82
N ASP B 254 -13.86 37.23 19.46
CA ASP B 254 -13.99 35.80 19.70
C ASP B 254 -14.56 35.07 18.47
N THR B 255 -13.85 35.22 17.35
CA THR B 255 -14.20 34.56 16.10
C THR B 255 -13.03 33.67 15.69
N ALA B 256 -13.13 32.38 15.98
CA ALA B 256 -12.05 31.45 15.69
C ALA B 256 -12.09 31.01 14.23
N GLY B 257 -10.97 31.16 13.54
CA GLY B 257 -10.87 30.73 12.15
C GLY B 257 -10.28 29.34 12.03
N GLN B 258 -10.18 28.89 10.77
CA GLN B 258 -9.60 27.58 10.47
C GLN B 258 -9.29 27.54 8.98
N LYS B 259 -8.18 26.88 8.64
CA LYS B 259 -7.77 26.74 7.25
C LYS B 259 -7.92 25.31 6.79
N GLY B 260 -9.10 24.72 7.02
CA GLY B 260 -9.32 23.33 6.68
C GLY B 260 -8.85 22.39 7.77
N THR B 261 -8.37 21.21 7.38
CA THR B 261 -7.80 20.22 8.31
C THR B 261 -8.79 19.80 9.39
N GLY B 262 -9.29 20.76 10.17
CA GLY B 262 -10.34 20.44 11.12
C GLY B 262 -11.57 19.87 10.44
N LYS B 263 -12.02 20.51 9.37
CA LYS B 263 -13.07 19.94 8.54
C LYS B 263 -12.66 18.57 8.01
N TRP B 264 -11.43 18.48 7.49
CA TRP B 264 -11.00 17.26 6.82
C TRP B 264 -10.93 16.08 7.79
N THR B 265 -10.42 16.30 9.00
CA THR B 265 -10.27 15.19 9.93
C THR B 265 -11.62 14.70 10.45
N SER B 266 -12.62 15.58 10.51
CA SER B 266 -13.95 15.16 10.96
C SER B 266 -14.72 14.51 9.81
N ILE B 267 -14.56 15.02 8.60
CA ILE B 267 -15.12 14.35 7.43
C ILE B 267 -14.53 12.95 7.30
N ASN B 268 -13.22 12.82 7.52
CA ASN B 268 -12.56 11.53 7.38
C ASN B 268 -13.08 10.53 8.41
N ALA B 269 -13.21 10.95 9.67
CA ALA B 269 -13.71 10.05 10.70
C ALA B 269 -15.13 9.61 10.41
N LEU B 270 -15.93 10.49 9.81
CA LEU B 270 -17.27 10.11 9.40
C LEU B 270 -17.23 9.07 8.29
N GLU B 271 -16.27 9.22 7.37
CA GLU B 271 -16.14 8.23 6.29
C GLU B 271 -15.64 6.89 6.83
N LEU B 272 -14.77 6.92 7.84
CA LEU B 272 -14.22 5.70 8.41
C LEU B 272 -15.15 5.03 9.40
N GLY B 273 -16.23 5.69 9.80
CA GLY B 273 -17.09 5.14 10.83
C GLY B 273 -16.48 5.19 12.22
N ILE B 274 -15.66 6.19 12.49
CA ILE B 274 -14.97 6.36 13.76
C ILE B 274 -15.67 7.45 14.55
N PRO B 275 -16.15 7.18 15.74
CA PRO B 275 -16.81 8.22 16.55
C PRO B 275 -15.85 9.27 17.07
N LEU B 276 -15.70 10.36 16.32
CA LEU B 276 -14.76 11.43 16.67
C LEU B 276 -15.54 12.62 17.22
N THR B 277 -16.21 12.39 18.35
CA THR B 277 -17.16 13.36 18.87
C THR B 277 -16.46 14.62 19.37
N ILE B 278 -15.39 14.47 20.15
CA ILE B 278 -14.78 15.62 20.81
C ILE B 278 -14.12 16.53 19.78
N ILE B 279 -13.37 15.95 18.84
CA ILE B 279 -12.70 16.77 17.83
C ILE B 279 -13.73 17.47 16.94
N THR B 280 -14.80 16.77 16.58
CA THR B 280 -15.81 17.35 15.71
C THR B 280 -16.57 18.48 16.40
N GLU B 281 -16.88 18.30 17.70
CA GLU B 281 -17.56 19.36 18.43
C GLU B 281 -16.72 20.61 18.51
N SER B 282 -15.39 20.45 18.61
CA SER B 282 -14.50 21.60 18.60
C SER B 282 -14.47 22.28 17.24
N VAL B 283 -14.52 21.49 16.17
CA VAL B 283 -14.63 22.07 14.83
C VAL B 283 -15.93 22.84 14.69
N PHE B 284 -17.03 22.25 15.15
CA PHE B 284 -18.31 22.94 15.14
C PHE B 284 -18.29 24.16 16.05
N ALA B 285 -17.54 24.10 17.15
CA ALA B 285 -17.47 25.22 18.08
C ALA B 285 -16.82 26.43 17.41
N ARG B 286 -15.84 26.19 16.53
CA ARG B 286 -15.24 27.28 15.77
C ARG B 286 -16.25 27.87 14.78
N PHE B 287 -17.08 27.02 14.18
CA PHE B 287 -18.14 27.50 13.30
C PHE B 287 -19.07 28.46 14.04
N ILE B 288 -19.52 28.07 15.23
CA ILE B 288 -20.42 28.90 16.02
C ILE B 288 -19.73 30.21 16.41
N SER B 289 -18.43 30.15 16.69
CA SER B 289 -17.71 31.37 17.03
C SER B 289 -17.65 32.37 15.88
N SER B 290 -17.89 31.91 14.65
CA SER B 290 -17.79 32.80 13.49
C SER B 290 -19.00 33.71 13.36
N ILE B 291 -20.19 33.21 13.67
CA ILE B 291 -21.40 34.01 13.54
C ILE B 291 -21.52 34.95 14.74
N LYS B 292 -20.51 35.82 14.90
CA LYS B 292 -20.46 36.70 16.07
C LYS B 292 -21.64 37.65 16.11
N GLU B 293 -21.90 38.35 14.99
CA GLU B 293 -23.03 39.27 14.95
C GLU B 293 -24.35 38.56 15.21
N GLU B 294 -24.51 37.35 14.67
CA GLU B 294 -25.71 36.57 14.92
C GLU B 294 -25.80 36.16 16.39
N ARG B 295 -24.67 35.83 17.01
CA ARG B 295 -24.67 35.46 18.42
C ARG B 295 -25.04 36.65 19.30
N VAL B 296 -24.62 37.86 18.90
CA VAL B 296 -24.88 39.04 19.72
C VAL B 296 -26.37 39.35 19.74
N ASN B 297 -27.05 39.21 18.59
CA ASN B 297 -28.49 39.41 18.59
C ASN B 297 -29.21 38.25 19.27
N ALA B 298 -28.68 37.03 19.16
CA ALA B 298 -29.26 35.91 19.87
C ALA B 298 -29.15 36.11 21.39
N SER B 299 -28.11 36.79 21.85
CA SER B 299 -27.97 37.08 23.26
C SER B 299 -29.06 38.01 23.77
N LYS B 300 -29.63 38.83 22.88
CA LYS B 300 -30.69 39.76 23.23
C LYS B 300 -32.07 39.16 23.12
N GLU B 301 -32.17 37.89 22.70
CA GLU B 301 -33.45 37.21 22.55
C GLU B 301 -33.58 35.92 23.35
N LEU B 302 -32.46 35.25 23.65
CA LEU B 302 -32.48 33.95 24.31
C LEU B 302 -31.81 34.08 25.68
N ASN B 303 -32.61 33.95 26.73
CA ASN B 303 -32.11 34.09 28.09
C ASN B 303 -31.58 32.76 28.61
N GLY B 304 -30.74 32.84 29.64
CA GLY B 304 -30.22 31.68 30.32
C GLY B 304 -29.93 31.98 31.77
N PRO B 305 -29.48 30.97 32.51
CA PRO B 305 -29.20 31.17 33.94
C PRO B 305 -28.02 32.11 34.15
N LYS B 306 -28.02 32.77 35.31
CA LYS B 306 -26.91 33.62 35.72
C LYS B 306 -25.89 32.76 36.46
N ALA B 307 -24.68 32.68 35.92
CA ALA B 307 -23.64 31.84 36.49
C ALA B 307 -23.28 32.31 37.90
N SER B 308 -23.27 31.37 38.83
CA SER B 308 -22.93 31.66 40.22
C SER B 308 -22.41 30.39 40.87
N PHE B 309 -21.32 30.54 41.64
CA PHE B 309 -20.72 29.41 42.35
C PHE B 309 -20.60 29.79 43.83
N ASP B 310 -21.22 28.99 44.69
CA ASP B 310 -21.21 29.25 46.13
C ASP B 310 -20.13 28.48 46.88
N GLY B 311 -19.70 27.34 46.35
CA GLY B 311 -18.84 26.43 47.08
C GLY B 311 -17.36 26.80 47.03
N ASP B 312 -16.53 25.82 47.37
CA ASP B 312 -15.08 25.99 47.40
C ASP B 312 -14.57 26.17 45.97
N LYS B 313 -14.06 27.36 45.66
CA LYS B 313 -13.58 27.64 44.32
C LYS B 313 -12.32 26.86 44.00
N LYS B 314 -11.45 26.67 45.00
CA LYS B 314 -10.23 25.92 44.77
C LYS B 314 -10.52 24.43 44.53
N ASP B 315 -11.48 23.87 45.26
CA ASP B 315 -11.85 22.47 45.05
C ASP B 315 -12.45 22.26 43.67
N PHE B 316 -13.20 23.24 43.16
CA PHE B 316 -13.76 23.12 41.82
C PHE B 316 -12.72 23.34 40.74
N LEU B 317 -11.73 24.19 41.00
CA LEU B 317 -10.67 24.42 40.03
C LEU B 317 -9.86 23.16 39.78
N GLU B 318 -9.61 22.37 40.83
CA GLU B 318 -8.92 21.10 40.65
C GLU B 318 -9.78 20.10 39.88
N LYS B 319 -11.10 20.16 40.04
CA LYS B 319 -11.97 19.33 39.23
C LYS B 319 -11.88 19.71 37.76
N ILE B 320 -11.74 21.01 37.47
CA ILE B 320 -11.57 21.45 36.08
C ILE B 320 -10.25 20.91 35.53
N ARG B 321 -9.22 20.84 36.36
CA ARG B 321 -7.95 20.27 35.92
C ARG B 321 -8.11 18.79 35.59
N LYS B 322 -8.85 18.06 36.41
CA LYS B 322 -9.10 16.64 36.14
C LYS B 322 -10.02 16.47 34.94
N ALA B 323 -11.02 17.35 34.81
CA ALA B 323 -11.90 17.29 33.65
C ALA B 323 -11.13 17.54 32.36
N LEU B 324 -10.16 18.46 32.41
CA LEU B 324 -9.36 18.76 31.22
C LEU B 324 -8.46 17.58 30.85
N TYR B 325 -7.84 16.95 31.84
CA TYR B 325 -6.91 15.85 31.56
C TYR B 325 -7.66 14.63 31.01
N MET B 326 -8.79 14.28 31.62
CA MET B 326 -9.56 13.13 31.13
C MET B 326 -10.13 13.41 29.75
N SER B 327 -10.63 14.63 29.51
CA SER B 327 -11.15 14.97 28.19
C SER B 327 -10.04 14.93 27.14
N LYS B 328 -8.83 15.34 27.50
CA LYS B 328 -7.70 15.23 26.59
C LYS B 328 -7.40 13.77 26.28
N ILE B 329 -7.45 12.91 27.30
CA ILE B 329 -7.25 11.48 27.10
C ILE B 329 -8.31 10.93 26.15
N CYS B 330 -9.56 11.35 26.34
CA CYS B 330 -10.65 10.84 25.52
C CYS B 330 -10.55 11.29 24.07
N SER B 331 -9.94 12.45 23.83
CA SER B 331 -9.75 12.91 22.46
C SER B 331 -8.60 12.18 21.78
N TYR B 332 -7.51 11.93 22.50
CA TYR B 332 -6.43 11.11 21.97
C TYR B 332 -6.92 9.71 21.64
N ALA B 333 -7.79 9.16 22.48
CA ALA B 333 -8.35 7.83 22.22
C ALA B 333 -9.13 7.82 20.90
N GLN B 334 -9.96 8.85 20.68
CA GLN B 334 -10.66 8.94 19.40
C GLN B 334 -9.70 9.19 18.25
N GLY B 335 -8.73 10.09 18.44
CA GLY B 335 -7.80 10.41 17.37
C GLY B 335 -6.96 9.22 16.94
N PHE B 336 -6.52 8.40 17.90
CA PHE B 336 -5.67 7.27 17.58
C PHE B 336 -6.47 6.04 17.16
N ALA B 337 -7.73 5.93 17.58
CA ALA B 337 -8.60 4.93 16.98
C ALA B 337 -8.86 5.27 15.51
N GLN B 338 -8.97 6.57 15.21
CA GLN B 338 -9.17 7.00 13.83
C GLN B 338 -7.96 6.68 12.97
N MET B 339 -6.75 6.83 13.52
CA MET B 339 -5.55 6.55 12.74
C MET B 339 -5.36 5.05 12.50
N ARG B 340 -5.74 4.22 13.48
CA ARG B 340 -5.67 2.78 13.29
C ARG B 340 -6.62 2.33 12.18
N LYS B 341 -7.84 2.88 12.16
CA LYS B 341 -8.80 2.51 11.13
C LYS B 341 -8.36 2.99 9.76
N ALA B 342 -7.69 4.15 9.68
CA ALA B 342 -7.26 4.66 8.39
C ALA B 342 -6.08 3.87 7.84
N SER B 343 -5.17 3.42 8.71
CA SER B 343 -4.09 2.57 8.27
C SER B 343 -4.61 1.26 7.68
N GLU B 344 -5.75 0.79 8.18
CA GLU B 344 -6.35 -0.43 7.67
C GLU B 344 -6.99 -0.18 6.30
N ASP B 345 -7.83 0.85 6.19
CA ASP B 345 -8.53 1.09 4.94
C ASP B 345 -7.59 1.54 3.82
N ASN B 346 -6.50 2.21 4.17
CA ASN B 346 -5.54 2.70 3.18
C ASN B 346 -4.35 1.76 2.99
N GLU B 347 -4.23 0.72 3.81
CA GLU B 347 -3.13 -0.24 3.73
C GLU B 347 -1.77 0.45 3.92
N TRP B 348 -1.70 1.29 4.96
CA TRP B 348 -0.49 2.06 5.23
C TRP B 348 0.46 1.36 6.20
N ASN B 349 -0.01 0.37 6.95
CA ASN B 349 0.80 -0.34 7.93
C ASN B 349 1.44 0.62 8.93
N LEU B 350 0.61 1.50 9.47
CA LEU B 350 1.11 2.51 10.40
C LEU B 350 1.41 1.91 11.77
N LYS B 351 2.55 2.28 12.33
CA LYS B 351 2.92 1.93 13.70
C LYS B 351 2.53 3.12 14.57
N LEU B 352 1.41 2.98 15.29
CA LEU B 352 0.85 4.12 16.02
C LEU B 352 1.79 4.63 17.10
N GLY B 353 2.67 3.77 17.63
CA GLY B 353 3.61 4.20 18.64
C GLY B 353 4.58 5.25 18.13
N ASP B 354 4.84 5.26 16.83
CA ASP B 354 5.76 6.22 16.21
C ASP B 354 5.06 7.48 15.72
N LEU B 355 3.74 7.59 15.92
CA LEU B 355 2.96 8.71 15.42
C LEU B 355 2.35 9.52 16.56
N ALA B 356 3.12 9.70 17.64
CA ALA B 356 2.64 10.44 18.81
C ALA B 356 3.36 11.77 19.00
N MET B 357 4.14 12.21 18.02
CA MET B 357 4.86 13.49 18.12
C MET B 357 3.99 14.59 17.53
N ILE B 358 3.05 15.08 18.34
CA ILE B 358 2.20 16.20 17.98
C ILE B 358 2.87 17.48 18.45
N TRP B 359 2.93 18.47 17.56
CA TRP B 359 3.75 19.66 17.81
C TRP B 359 3.23 20.47 18.98
N ARG B 360 2.01 21.02 18.86
CA ARG B 360 1.49 21.91 19.89
C ARG B 360 1.27 21.21 21.23
N GLU B 361 1.49 19.90 21.31
CA GLU B 361 1.28 19.14 22.53
C GLU B 361 2.57 18.81 23.27
N GLY B 362 3.72 19.21 22.73
CA GLY B 362 4.98 19.02 23.43
C GLY B 362 5.89 18.00 22.78
N CYS B 363 5.89 17.95 21.45
CA CYS B 363 6.72 16.96 20.78
C CYS B 363 8.21 17.28 20.96
N ILE B 364 8.60 18.54 20.79
CA ILE B 364 10.02 18.88 20.92
C ILE B 364 10.48 18.79 22.37
N ILE B 365 9.57 18.97 23.32
CA ILE B 365 9.90 18.87 24.74
C ILE B 365 9.74 17.45 25.27
N ARG B 366 9.35 16.50 24.42
CA ARG B 366 9.15 15.11 24.81
C ARG B 366 8.23 15.01 26.03
N ALA B 367 7.05 15.59 25.88
CA ALA B 367 6.09 15.65 26.99
C ALA B 367 5.76 14.25 27.49
N GLN B 368 5.61 14.14 28.81
CA GLN B 368 5.32 12.83 29.41
C GLN B 368 4.03 12.24 28.88
N PHE B 369 3.06 13.09 28.51
CA PHE B 369 1.79 12.58 27.99
C PHE B 369 1.99 11.84 26.68
N LEU B 370 2.78 12.42 25.76
CA LEU B 370 2.98 11.79 24.46
C LEU B 370 3.75 10.48 24.58
N GLN B 371 4.65 10.37 25.56
CA GLN B 371 5.37 9.13 25.77
C GLN B 371 4.46 8.04 26.32
N LYS B 372 3.47 8.42 27.14
CA LYS B 372 2.49 7.44 27.60
C LYS B 372 1.61 6.95 26.46
N ILE B 373 1.38 7.80 25.46
CA ILE B 373 0.68 7.35 24.25
C ILE B 373 1.55 6.38 23.48
N LYS B 374 2.84 6.69 23.33
CA LYS B 374 3.75 5.81 22.62
C LYS B 374 3.92 4.48 23.36
N ASP B 375 4.08 4.54 24.68
CA ASP B 375 4.25 3.31 25.46
C ASP B 375 3.02 2.44 25.41
N ALA B 376 1.84 3.05 25.39
CA ALA B 376 0.59 2.30 25.35
C ALA B 376 0.52 1.42 24.11
N TYR B 377 0.87 1.98 22.95
CA TYR B 377 0.80 1.21 21.71
C TYR B 377 2.06 0.35 21.51
N ASP B 378 3.18 0.74 22.10
CA ASP B 378 4.36 -0.11 22.06
C ASP B 378 4.15 -1.36 22.92
N ASN B 379 3.63 -1.17 24.13
CA ASN B 379 3.37 -2.30 25.01
C ASN B 379 2.29 -3.21 24.45
N ASN B 380 1.34 -2.65 23.70
CA ASN B 380 0.25 -3.44 23.12
C ASN B 380 -0.13 -2.82 21.77
N PRO B 381 0.49 -3.28 20.69
CA PRO B 381 0.15 -2.72 19.36
C PRO B 381 -1.29 -2.96 18.96
N GLY B 382 -1.88 -4.09 19.37
CA GLY B 382 -3.26 -4.37 19.07
C GLY B 382 -4.28 -3.65 19.91
N LEU B 383 -3.84 -2.74 20.78
CA LEU B 383 -4.75 -1.99 21.62
C LEU B 383 -5.80 -1.26 20.79
N GLN B 384 -7.07 -1.51 21.09
CA GLN B 384 -8.16 -0.95 20.32
C GLN B 384 -8.56 0.45 20.76
N ASN B 385 -8.31 0.81 22.02
CA ASN B 385 -8.71 2.11 22.53
C ASN B 385 -7.79 2.48 23.68
N LEU B 386 -7.28 3.71 23.67
CA LEU B 386 -6.38 4.16 24.72
C LEU B 386 -7.05 4.18 26.09
N LEU B 387 -8.38 4.23 26.13
CA LEU B 387 -9.10 4.11 27.40
C LEU B 387 -8.83 2.78 28.09
N LEU B 388 -8.40 1.76 27.34
CA LEU B 388 -8.11 0.46 27.90
C LEU B 388 -6.66 0.30 28.35
N ASP B 389 -5.78 1.23 27.98
CA ASP B 389 -4.40 1.16 28.43
C ASP B 389 -4.36 1.32 29.95
N PRO B 390 -3.61 0.47 30.67
CA PRO B 390 -3.65 0.51 32.14
C PRO B 390 -3.42 1.88 32.75
N TYR B 391 -2.46 2.65 32.24
CA TYR B 391 -2.23 3.99 32.78
C TYR B 391 -3.45 4.88 32.57
N PHE B 392 -3.87 5.05 31.31
CA PHE B 392 -5.00 5.91 31.02
C PHE B 392 -6.29 5.37 31.64
N LYS B 393 -6.44 4.05 31.70
CA LYS B 393 -7.65 3.47 32.26
C LYS B 393 -7.82 3.82 33.73
N ASN B 394 -6.75 3.76 34.51
CA ASN B 394 -6.84 4.10 35.91
C ASN B 394 -7.04 5.59 36.15
N ILE B 395 -6.73 6.44 35.15
CA ILE B 395 -6.92 7.87 35.31
C ILE B 395 -8.36 8.27 34.99
N VAL B 396 -8.91 7.71 33.90
CA VAL B 396 -10.27 8.08 33.51
C VAL B 396 -11.28 7.60 34.54
N THR B 397 -11.04 6.42 35.12
CA THR B 397 -11.99 5.88 36.10
C THR B 397 -11.94 6.63 37.42
N GLU B 398 -10.86 7.34 37.70
CA GLU B 398 -10.79 8.19 38.89
C GLU B 398 -11.26 9.61 38.59
N TYR B 399 -10.85 10.16 37.45
CA TYR B 399 -11.16 11.55 37.10
C TYR B 399 -12.58 11.74 36.61
N GLN B 400 -13.34 10.65 36.38
CA GLN B 400 -14.70 10.80 35.87
C GLN B 400 -15.59 11.56 36.85
N ASP B 401 -15.33 11.42 38.15
CA ASP B 401 -16.14 12.12 39.15
C ASP B 401 -15.99 13.63 39.00
N ALA B 402 -14.77 14.11 38.72
CA ALA B 402 -14.56 15.54 38.56
C ALA B 402 -15.16 16.04 37.25
N LEU B 403 -15.01 15.26 36.17
CA LEU B 403 -15.55 15.68 34.88
C LEU B 403 -17.07 15.77 34.91
N ARG B 404 -17.72 14.84 35.62
CA ARG B 404 -19.18 14.87 35.73
C ARG B 404 -19.63 16.11 36.51
N ASP B 405 -18.91 16.48 37.57
CA ASP B 405 -19.27 17.67 38.32
C ASP B 405 -19.03 18.93 37.50
N VAL B 406 -17.94 18.96 36.73
CA VAL B 406 -17.64 20.11 35.90
C VAL B 406 -18.68 20.26 34.79
N VAL B 407 -19.07 19.15 34.17
CA VAL B 407 -20.06 19.21 33.10
C VAL B 407 -21.42 19.63 33.65
N ALA B 408 -21.85 19.00 34.75
CA ALA B 408 -23.17 19.30 35.30
C ALA B 408 -23.26 20.74 35.80
N THR B 409 -22.18 21.23 36.42
CA THR B 409 -22.16 22.62 36.86
C THR B 409 -22.22 23.58 35.67
N GLY B 410 -21.56 23.21 34.57
CA GLY B 410 -21.59 24.06 33.39
C GLY B 410 -22.97 24.13 32.76
N VAL B 411 -23.65 22.99 32.66
CA VAL B 411 -24.98 22.95 32.04
C VAL B 411 -25.96 23.78 32.86
N GLN B 412 -25.93 23.63 34.20
CA GLN B 412 -26.85 24.36 35.05
C GLN B 412 -26.53 25.85 35.13
N ASN B 413 -25.33 26.25 34.73
CA ASN B 413 -24.94 27.65 34.76
C ASN B 413 -24.92 28.31 33.40
N GLY B 414 -25.28 27.58 32.34
CA GLY B 414 -25.34 28.15 31.01
C GLY B 414 -24.02 28.35 30.32
N VAL B 415 -22.92 27.87 30.90
CA VAL B 415 -21.61 27.94 30.25
C VAL B 415 -21.47 26.76 29.32
N PRO B 416 -21.41 26.97 28.01
CA PRO B 416 -21.38 25.85 27.07
C PRO B 416 -20.09 25.05 27.20
N THR B 417 -20.23 23.73 27.31
CA THR B 417 -19.10 22.81 27.41
C THR B 417 -19.28 21.69 26.37
N PRO B 418 -19.16 22.00 25.09
CA PRO B 418 -19.35 20.95 24.07
C PRO B 418 -18.28 19.87 24.12
N GLY B 419 -17.04 20.21 24.45
CA GLY B 419 -15.98 19.24 24.52
C GLY B 419 -16.00 18.41 25.78
N PHE B 420 -16.27 19.07 26.92
CA PHE B 420 -16.37 18.36 28.18
C PHE B 420 -17.53 17.36 28.16
N SER B 421 -18.69 17.80 27.66
CA SER B 421 -19.86 16.91 27.59
C SER B 421 -19.62 15.79 26.60
N SER B 422 -18.91 16.06 25.50
CA SER B 422 -18.60 15.01 24.55
C SER B 422 -17.72 13.93 25.18
N SER B 423 -16.74 14.34 25.98
CA SER B 423 -15.82 13.38 26.59
C SER B 423 -16.54 12.45 27.55
N ILE B 424 -17.35 13.01 28.45
CA ILE B 424 -18.05 12.17 29.42
C ILE B 424 -19.12 11.35 28.74
N ASN B 425 -19.72 11.86 27.65
CA ASN B 425 -20.67 11.05 26.89
C ASN B 425 -19.94 9.93 26.15
N TYR B 426 -18.76 10.23 25.62
CA TYR B 426 -17.97 9.20 24.95
C TYR B 426 -17.53 8.11 25.94
N TYR B 427 -17.14 8.52 27.15
CA TYR B 427 -16.76 7.54 28.16
C TYR B 427 -17.94 6.67 28.56
N ASP B 428 -19.12 7.28 28.74
CA ASP B 428 -20.28 6.52 29.20
C ASP B 428 -20.79 5.58 28.11
N SER B 429 -20.74 6.00 26.85
CA SER B 429 -21.23 5.16 25.76
C SER B 429 -20.26 4.03 25.44
N TYR B 430 -18.95 4.31 25.45
CA TYR B 430 -17.98 3.29 25.13
C TYR B 430 -17.93 2.19 26.18
N ARG B 431 -18.20 2.54 27.44
CA ARG B 431 -18.24 1.57 28.53
C ARG B 431 -19.61 0.96 28.73
N ALA B 432 -20.60 1.34 27.92
CA ALA B 432 -21.96 0.82 28.06
C ALA B 432 -22.07 -0.49 27.30
N ALA B 433 -22.28 -1.59 28.02
CA ALA B 433 -22.52 -2.88 27.38
C ALA B 433 -23.85 -2.93 26.65
N ASP B 434 -24.80 -2.06 27.03
CA ASP B 434 -26.11 -2.01 26.40
C ASP B 434 -26.48 -0.55 26.18
N LEU B 435 -26.81 -0.21 24.94
CA LEU B 435 -27.20 1.13 24.54
C LEU B 435 -28.63 1.12 24.01
N PRO B 436 -29.31 2.28 24.01
CA PRO B 436 -30.68 2.32 23.50
C PRO B 436 -30.77 2.24 21.97
N ALA B 437 -29.73 1.70 21.34
CA ALA B 437 -29.77 1.47 19.90
C ALA B 437 -30.69 0.33 19.53
N ASN B 438 -31.09 -0.50 20.49
CA ASN B 438 -32.07 -1.54 20.22
C ASN B 438 -33.41 -0.93 19.80
N LEU B 439 -33.76 0.23 20.39
CA LEU B 439 -34.96 0.93 19.96
C LEU B 439 -34.78 1.52 18.56
N ILE B 440 -33.58 2.02 18.26
CA ILE B 440 -33.30 2.55 16.93
C ILE B 440 -33.38 1.44 15.89
N GLN B 441 -32.92 0.24 16.25
CA GLN B 441 -33.03 -0.90 15.34
C GLN B 441 -34.49 -1.29 15.12
N ALA B 442 -35.30 -1.24 16.16
CA ALA B 442 -36.72 -1.55 16.01
C ALA B 442 -37.41 -0.53 15.12
N GLN B 443 -37.07 0.76 15.29
CA GLN B 443 -37.65 1.78 14.44
C GLN B 443 -37.23 1.61 12.98
N ARG B 444 -35.94 1.29 12.76
CA ARG B 444 -35.47 1.04 11.40
C ARG B 444 -36.13 -0.20 10.80
N ASP B 445 -36.36 -1.22 11.63
CA ASP B 445 -37.01 -2.43 11.14
C ASP B 445 -38.46 -2.18 10.72
N TYR B 446 -39.09 -1.12 11.25
CA TYR B 446 -40.46 -0.81 10.86
C TYR B 446 -40.51 0.10 9.64
N PHE B 447 -39.71 1.18 9.65
CA PHE B 447 -39.80 2.16 8.58
C PHE B 447 -39.18 1.65 7.28
N GLY B 448 -38.00 1.03 7.37
CA GLY B 448 -37.31 0.58 6.19
C GLY B 448 -37.14 -0.92 6.08
N ALA B 449 -37.71 -1.66 7.03
CA ALA B 449 -37.61 -3.13 7.07
C ALA B 449 -36.16 -3.58 6.96
N HIS B 450 -35.28 -2.88 7.67
CA HIS B 450 -33.84 -3.15 7.61
C HIS B 450 -33.44 -4.37 8.42
N THR B 451 -34.39 -5.06 9.06
CA THR B 451 -34.16 -6.25 9.86
C THR B 451 -33.23 -5.98 11.04
N TYR B 452 -33.08 -6.95 11.94
CA TYR B 452 -32.29 -6.77 13.14
C TYR B 452 -31.78 -8.12 13.61
N GLU B 453 -30.87 -8.07 14.58
CA GLU B 453 -30.38 -9.25 15.27
C GLU B 453 -30.88 -9.23 16.72
N ARG B 454 -30.69 -10.34 17.41
CA ARG B 454 -31.14 -10.48 18.78
C ARG B 454 -29.95 -10.71 19.71
N LYS B 455 -30.20 -10.51 21.00
CA LYS B 455 -29.18 -10.75 22.03
C LYS B 455 -29.15 -12.19 22.48
N ASP B 456 -30.29 -12.89 22.44
CA ASP B 456 -30.38 -14.24 22.97
C ASP B 456 -30.20 -15.30 21.88
N LYS B 457 -30.86 -15.12 20.74
CA LYS B 457 -30.79 -16.07 19.64
C LYS B 457 -30.09 -15.46 18.45
N GLU B 458 -29.34 -16.29 17.72
CA GLU B 458 -28.64 -15.84 16.54
C GLU B 458 -29.58 -15.80 15.34
N GLY B 459 -29.16 -15.09 14.30
CA GLY B 459 -29.92 -14.95 13.08
C GLY B 459 -30.43 -13.53 12.89
N VAL B 460 -31.10 -13.34 11.76
CA VAL B 460 -31.67 -12.05 11.38
C VAL B 460 -33.20 -12.18 11.38
N PHE B 461 -33.88 -11.10 11.78
CA PHE B 461 -35.31 -11.15 11.99
C PHE B 461 -35.97 -9.86 11.50
N HIS B 462 -37.22 -9.98 11.09
CA HIS B 462 -38.05 -8.84 10.69
C HIS B 462 -39.40 -8.98 11.35
N THR B 463 -39.90 -7.88 11.94
CA THR B 463 -41.11 -7.92 12.75
C THR B 463 -42.14 -6.93 12.21
N GLN B 464 -43.40 -7.34 12.22
CA GLN B 464 -44.53 -6.44 11.99
C GLN B 464 -44.91 -5.85 13.34
N TRP B 465 -44.54 -4.59 13.56
CA TRP B 465 -44.56 -4.01 14.90
C TRP B 465 -45.93 -3.45 15.31
N ILE B 466 -46.91 -3.45 14.41
CA ILE B 466 -48.25 -3.01 14.78
C ILE B 466 -49.25 -4.13 14.56
N THR C 2 -23.18 -22.89 15.04
CA THR C 2 -22.11 -22.22 14.32
C THR C 2 -20.76 -22.45 14.98
N GLN C 3 -19.71 -22.47 14.17
CA GLN C 3 -18.35 -22.60 14.65
C GLN C 3 -17.60 -21.28 14.44
N GLN C 4 -16.59 -21.05 15.29
CA GLN C 4 -15.87 -19.78 15.23
C GLN C 4 -14.94 -19.71 14.02
N ILE C 5 -14.40 -20.85 13.59
CA ILE C 5 -13.40 -20.87 12.53
C ILE C 5 -13.48 -22.20 11.79
N GLY C 6 -13.12 -22.18 10.51
CA GLY C 6 -13.15 -23.38 9.70
C GLY C 6 -11.81 -23.62 9.02
N VAL C 7 -11.59 -24.89 8.64
CA VAL C 7 -10.36 -25.31 7.99
C VAL C 7 -10.73 -26.15 6.78
N ILE C 8 -10.12 -25.84 5.63
CA ILE C 8 -10.28 -26.60 4.40
C ILE C 8 -8.93 -27.19 4.02
N GLY C 9 -8.94 -28.44 3.59
CA GLY C 9 -7.71 -29.13 3.26
C GLY C 9 -7.15 -29.85 4.47
N LEU C 10 -7.66 -31.05 4.74
CA LEU C 10 -7.34 -31.79 5.94
C LEU C 10 -6.21 -32.80 5.74
N ALA C 11 -5.18 -32.40 5.00
CA ALA C 11 -3.93 -33.16 5.01
C ALA C 11 -3.28 -32.96 6.38
N VAL C 12 -2.06 -33.47 6.54
CA VAL C 12 -1.41 -33.47 7.86
C VAL C 12 -1.25 -32.05 8.38
N MET C 13 -0.86 -31.11 7.51
CA MET C 13 -0.68 -29.73 7.96
C MET C 13 -2.01 -29.09 8.33
N GLY C 14 -3.04 -29.29 7.51
CA GLY C 14 -4.34 -28.73 7.85
C GLY C 14 -4.99 -29.44 9.03
N LYS C 15 -4.80 -30.75 9.13
CA LYS C 15 -5.33 -31.50 10.26
C LYS C 15 -4.69 -31.06 11.57
N ASN C 16 -3.37 -30.84 11.56
CA ASN C 16 -2.68 -30.43 12.78
C ASN C 16 -3.08 -29.01 13.18
N LEU C 17 -3.25 -28.12 12.20
CA LEU C 17 -3.66 -26.76 12.52
C LEU C 17 -5.08 -26.73 13.09
N ALA C 18 -5.95 -27.61 12.62
CA ALA C 18 -7.31 -27.67 13.16
C ALA C 18 -7.30 -28.20 14.59
N TRP C 19 -6.42 -29.16 14.89
CA TRP C 19 -6.30 -29.64 16.27
C TRP C 19 -5.68 -28.58 17.17
N ASN C 20 -4.71 -27.83 16.65
CA ASN C 20 -4.10 -26.75 17.42
C ASN C 20 -5.14 -25.69 17.80
N ILE C 21 -5.97 -25.29 16.83
CA ILE C 21 -6.98 -24.27 17.09
C ILE C 21 -7.98 -24.79 18.12
N GLU C 22 -8.41 -26.04 17.99
CA GLU C 22 -9.36 -26.60 18.94
C GLU C 22 -8.75 -26.74 20.33
N SER C 23 -7.47 -27.11 20.40
CA SER C 23 -6.83 -27.34 21.69
C SER C 23 -6.79 -26.09 22.56
N ARG C 24 -6.99 -24.91 21.97
CA ARG C 24 -7.07 -23.67 22.73
C ARG C 24 -8.50 -23.34 23.15
N GLY C 25 -9.47 -24.18 22.80
CA GLY C 25 -10.85 -23.94 23.15
C GLY C 25 -11.68 -23.25 22.09
N TYR C 26 -11.40 -23.47 20.81
CA TYR C 26 -12.14 -22.86 19.72
C TYR C 26 -12.95 -23.90 18.97
N SER C 27 -14.17 -23.54 18.59
CA SER C 27 -14.97 -24.39 17.74
C SER C 27 -14.42 -24.36 16.31
N VAL C 28 -14.24 -25.53 15.72
CA VAL C 28 -13.65 -25.67 14.40
C VAL C 28 -14.54 -26.55 13.54
N SER C 29 -14.75 -26.15 12.29
CA SER C 29 -15.35 -26.99 11.27
C SER C 29 -14.31 -27.34 10.22
N VAL C 30 -14.39 -28.57 9.71
CA VAL C 30 -13.39 -29.07 8.78
C VAL C 30 -14.07 -29.50 7.49
N PHE C 31 -13.33 -29.44 6.39
CA PHE C 31 -13.84 -29.84 5.09
C PHE C 31 -12.68 -30.30 4.22
N ASN C 32 -12.97 -31.30 3.37
CA ASN C 32 -12.03 -31.76 2.37
C ASN C 32 -12.82 -32.25 1.17
N ARG C 33 -12.49 -31.75 -0.02
CA ARG C 33 -13.22 -32.12 -1.23
C ARG C 33 -13.27 -33.63 -1.39
N SER C 34 -12.11 -34.28 -1.39
CA SER C 34 -12.05 -35.74 -1.29
C SER C 34 -12.49 -36.12 0.12
N SER C 35 -13.77 -36.48 0.28
CA SER C 35 -14.35 -36.73 1.58
C SER C 35 -13.77 -37.95 2.29
N GLU C 36 -12.75 -38.59 1.73
CA GLU C 36 -12.05 -39.64 2.46
C GLU C 36 -11.28 -39.03 3.64
N LYS C 37 -10.50 -37.99 3.36
CA LYS C 37 -9.71 -37.33 4.39
C LYS C 37 -10.57 -36.88 5.57
N THR C 38 -11.76 -36.37 5.29
CA THR C 38 -12.56 -35.75 6.35
C THR C 38 -13.09 -36.79 7.34
N ASP C 39 -13.44 -37.99 6.87
CA ASP C 39 -13.89 -39.02 7.79
C ASP C 39 -12.73 -39.68 8.51
N LEU C 40 -11.55 -39.71 7.90
CA LEU C 40 -10.35 -40.18 8.61
C LEU C 40 -10.04 -39.29 9.80
N MET C 41 -10.26 -37.98 9.67
CA MET C 41 -9.91 -37.07 10.75
C MET C 41 -10.88 -37.16 11.93
N VAL C 42 -12.18 -37.27 11.66
CA VAL C 42 -13.14 -37.24 12.77
C VAL C 42 -13.10 -38.53 13.58
N GLU C 43 -12.51 -39.61 13.05
CA GLU C 43 -12.29 -40.80 13.87
C GLU C 43 -11.23 -40.52 14.93
N GLU C 44 -10.15 -39.84 14.55
CA GLU C 44 -9.14 -39.41 15.50
C GLU C 44 -9.50 -38.10 16.19
N SER C 45 -10.72 -37.62 16.00
CA SER C 45 -11.21 -36.40 16.64
C SER C 45 -12.36 -36.69 17.59
N LYS C 46 -12.34 -37.89 18.19
CA LYS C 46 -13.41 -38.31 19.09
C LYS C 46 -13.64 -37.31 20.21
N GLY C 47 -12.59 -36.97 20.97
CA GLY C 47 -12.79 -36.10 22.14
C GLY C 47 -12.81 -34.63 21.80
N LYS C 48 -12.23 -34.24 20.67
CA LYS C 48 -12.09 -32.83 20.35
C LYS C 48 -13.39 -32.28 19.75
N ASN C 49 -13.49 -30.95 19.76
CA ASN C 49 -14.66 -30.24 19.29
C ASN C 49 -14.38 -29.73 17.87
N ILE C 50 -14.46 -30.64 16.91
CA ILE C 50 -14.42 -30.30 15.49
C ILE C 50 -15.68 -30.84 14.85
N HIS C 51 -16.24 -30.09 13.92
CA HIS C 51 -17.50 -30.46 13.27
C HIS C 51 -17.25 -30.72 11.80
N PRO C 52 -17.39 -31.96 11.32
CA PRO C 52 -17.14 -32.23 9.91
C PRO C 52 -18.29 -31.76 9.03
N THR C 53 -17.92 -31.30 7.84
CA THR C 53 -18.87 -30.91 6.81
C THR C 53 -18.49 -31.60 5.51
N TYR C 54 -19.51 -31.90 4.69
CA TYR C 54 -19.32 -32.65 3.46
C TYR C 54 -19.83 -31.89 2.25
N SER C 55 -19.89 -30.57 2.35
CA SER C 55 -20.17 -29.70 1.21
C SER C 55 -19.46 -28.38 1.44
N LEU C 56 -19.36 -27.59 0.38
CA LEU C 56 -18.87 -26.23 0.55
C LEU C 56 -19.94 -25.31 1.09
N GLU C 57 -21.21 -25.62 0.83
CA GLU C 57 -22.30 -24.80 1.36
C GLU C 57 -22.49 -25.02 2.85
N GLU C 58 -22.49 -26.28 3.29
CA GLU C 58 -22.64 -26.56 4.71
C GLU C 58 -21.46 -26.02 5.52
N PHE C 59 -20.25 -26.07 4.94
CA PHE C 59 -19.08 -25.55 5.63
C PHE C 59 -19.20 -24.03 5.83
N VAL C 60 -19.53 -23.31 4.76
CA VAL C 60 -19.68 -21.86 4.87
C VAL C 60 -20.85 -21.52 5.78
N ASN C 61 -21.92 -22.30 5.73
CA ASN C 61 -23.03 -22.10 6.66
C ASN C 61 -22.70 -22.56 8.08
N SER C 62 -21.62 -23.33 8.27
CA SER C 62 -21.25 -23.82 9.59
C SER C 62 -20.45 -22.82 10.41
N LEU C 63 -20.14 -21.65 9.87
CA LEU C 63 -19.19 -20.75 10.48
C LEU C 63 -19.85 -19.44 10.92
N GLU C 64 -19.36 -18.91 12.02
CA GLU C 64 -19.81 -17.62 12.55
C GLU C 64 -19.39 -16.49 11.61
N LYS C 65 -20.15 -15.40 11.63
CA LYS C 65 -19.84 -14.27 10.76
C LYS C 65 -19.21 -13.13 11.55
N PRO C 66 -18.19 -12.44 11.02
CA PRO C 66 -17.56 -12.69 9.71
C PRO C 66 -16.75 -13.98 9.69
N ARG C 67 -16.89 -14.75 8.62
CA ARG C 67 -16.36 -16.11 8.60
C ARG C 67 -14.86 -16.11 8.46
N LYS C 68 -14.20 -16.98 9.25
CA LYS C 68 -12.76 -17.15 9.23
C LYS C 68 -12.46 -18.54 8.68
N ILE C 69 -11.96 -18.59 7.46
CA ILE C 69 -11.70 -19.84 6.75
C ILE C 69 -10.20 -19.97 6.53
N LEU C 70 -9.60 -20.98 7.15
CA LEU C 70 -8.18 -21.27 6.94
C LEU C 70 -8.04 -22.27 5.81
N LEU C 71 -7.31 -21.88 4.76
CA LEU C 71 -7.09 -22.71 3.59
C LEU C 71 -5.77 -23.44 3.75
N MET C 72 -5.81 -24.78 3.73
CA MET C 72 -4.62 -25.61 3.79
C MET C 72 -4.68 -26.67 2.68
N VAL C 73 -4.83 -26.19 1.45
CA VAL C 73 -4.88 -27.06 0.28
C VAL C 73 -3.52 -27.01 -0.42
N GLN C 74 -3.40 -27.69 -1.56
CA GLN C 74 -2.15 -27.68 -2.30
C GLN C 74 -1.95 -26.33 -2.97
N ALA C 75 -0.69 -25.88 -3.00
CA ALA C 75 -0.37 -24.58 -3.57
C ALA C 75 -0.64 -24.57 -5.07
N GLY C 76 -0.99 -23.39 -5.58
CA GLY C 76 -1.24 -23.22 -7.00
C GLY C 76 -2.69 -23.36 -7.42
N LYS C 77 -2.96 -24.25 -8.37
CA LYS C 77 -4.29 -24.36 -8.94
C LYS C 77 -5.32 -24.84 -7.91
N ALA C 78 -4.91 -25.67 -6.96
CA ALA C 78 -5.85 -26.19 -5.97
C ALA C 78 -6.37 -25.08 -5.05
N THR C 79 -5.50 -24.14 -4.69
CA THR C 79 -5.93 -23.00 -3.89
C THR C 79 -6.95 -22.16 -4.64
N ASP C 80 -6.63 -21.78 -5.88
CA ASP C 80 -7.52 -20.93 -6.67
C ASP C 80 -8.86 -21.61 -6.92
N ALA C 81 -8.86 -22.93 -7.09
CA ALA C 81 -10.12 -23.65 -7.25
C ALA C 81 -10.97 -23.55 -6.00
N THR C 82 -10.35 -23.72 -4.82
CA THR C 82 -11.09 -23.60 -3.57
C THR C 82 -11.59 -22.17 -3.37
N ILE C 83 -10.79 -21.18 -3.73
CA ILE C 83 -11.21 -19.79 -3.62
C ILE C 83 -12.38 -19.51 -4.57
N ASP C 84 -12.22 -19.90 -5.83
CA ASP C 84 -13.25 -19.63 -6.83
C ASP C 84 -14.58 -20.28 -6.46
N SER C 85 -14.54 -21.44 -5.82
CA SER C 85 -15.78 -22.11 -5.43
C SER C 85 -16.37 -21.55 -4.14
N LEU C 86 -15.53 -20.94 -3.29
CA LEU C 86 -16.02 -20.37 -2.04
C LEU C 86 -16.66 -19.01 -2.25
N LEU C 87 -16.20 -18.25 -3.24
CA LEU C 87 -16.59 -16.84 -3.38
C LEU C 87 -18.10 -16.64 -3.50
N PRO C 88 -18.85 -17.36 -4.36
CA PRO C 88 -20.29 -17.09 -4.45
C PRO C 88 -21.07 -17.42 -3.18
N LEU C 89 -20.46 -18.08 -2.19
CA LEU C 89 -21.14 -18.44 -0.96
C LEU C 89 -20.79 -17.54 0.21
N LEU C 90 -19.78 -16.68 0.08
CA LEU C 90 -19.34 -15.85 1.18
C LEU C 90 -20.18 -14.58 1.29
N ASP C 91 -19.94 -13.83 2.36
CA ASP C 91 -20.59 -12.56 2.60
C ASP C 91 -19.56 -11.46 2.78
N ASP C 92 -20.01 -10.22 2.66
CA ASP C 92 -19.11 -9.07 2.76
C ASP C 92 -18.43 -9.04 4.12
N GLY C 93 -17.11 -9.14 4.13
CA GLY C 93 -16.32 -9.10 5.34
C GLY C 93 -15.68 -10.42 5.72
N ASP C 94 -16.05 -11.53 5.07
CA ASP C 94 -15.48 -12.82 5.40
C ASP C 94 -14.00 -12.86 5.07
N ILE C 95 -13.24 -13.56 5.91
CA ILE C 95 -11.78 -13.59 5.83
C ILE C 95 -11.34 -14.99 5.39
N LEU C 96 -10.58 -15.05 4.31
CA LEU C 96 -9.92 -16.28 3.87
C LEU C 96 -8.44 -16.19 4.24
N ILE C 97 -7.91 -17.25 4.83
CA ILE C 97 -6.53 -17.29 5.28
C ILE C 97 -5.84 -18.45 4.58
N ASP C 98 -5.01 -18.15 3.59
CA ASP C 98 -4.21 -19.16 2.90
C ASP C 98 -2.94 -19.39 3.70
N GLY C 99 -2.79 -20.60 4.25
CA GLY C 99 -1.63 -20.92 5.07
C GLY C 99 -0.65 -21.86 4.38
N GLY C 100 -0.63 -21.84 3.05
CA GLY C 100 0.27 -22.67 2.29
C GLY C 100 1.55 -21.96 1.90
N ASN C 101 2.53 -22.75 1.47
CA ASN C 101 3.80 -22.21 0.95
C ASN C 101 3.51 -21.60 -0.43
N THR C 102 2.88 -20.44 -0.41
CA THR C 102 2.43 -19.77 -1.62
C THR C 102 3.45 -18.75 -2.08
N ASN C 103 3.66 -18.70 -3.40
CA ASN C 103 4.40 -17.59 -3.98
C ASN C 103 3.65 -16.29 -3.72
N TYR C 104 4.37 -15.29 -3.23
CA TYR C 104 3.70 -14.08 -2.74
C TYR C 104 2.92 -13.37 -3.83
N GLN C 105 3.35 -13.48 -5.10
CA GLN C 105 2.63 -12.81 -6.18
C GLN C 105 1.24 -13.41 -6.39
N ASP C 106 1.08 -14.71 -6.12
CA ASP C 106 -0.26 -15.29 -6.13
C ASP C 106 -1.12 -14.68 -5.03
N THR C 107 -0.52 -14.44 -3.86
CA THR C 107 -1.25 -13.77 -2.78
C THR C 107 -1.60 -12.33 -3.15
N ILE C 108 -0.71 -11.66 -3.89
CA ILE C 108 -1.03 -10.33 -4.40
C ILE C 108 -2.27 -10.40 -5.28
N ARG C 109 -2.29 -11.34 -6.23
CA ARG C 109 -3.38 -11.42 -7.19
C ARG C 109 -4.69 -11.78 -6.50
N ARG C 110 -4.67 -12.73 -5.56
CA ARG C 110 -5.91 -13.15 -4.91
C ARG C 110 -6.44 -12.09 -3.97
N ASN C 111 -5.54 -11.40 -3.25
CA ASN C 111 -6.00 -10.33 -2.35
C ASN C 111 -6.62 -9.19 -3.13
N LYS C 112 -6.10 -8.88 -4.32
CA LYS C 112 -6.66 -7.82 -5.13
C LYS C 112 -8.00 -8.24 -5.73
N ALA C 113 -8.08 -9.47 -6.25
CA ALA C 113 -9.33 -9.95 -6.83
C ALA C 113 -10.42 -10.06 -5.77
N LEU C 114 -10.08 -10.63 -4.61
CA LEU C 114 -11.08 -10.84 -3.57
C LEU C 114 -11.52 -9.53 -2.94
N ALA C 115 -10.64 -8.52 -2.91
CA ALA C 115 -11.02 -7.22 -2.36
C ALA C 115 -12.11 -6.56 -3.20
N GLN C 116 -12.13 -6.83 -4.51
CA GLN C 116 -13.18 -6.31 -5.38
C GLN C 116 -14.54 -6.93 -5.07
N SER C 117 -14.58 -8.04 -4.33
CA SER C 117 -15.83 -8.65 -3.90
C SER C 117 -16.05 -8.49 -2.40
N ALA C 118 -15.37 -7.52 -1.77
CA ALA C 118 -15.51 -7.24 -0.35
C ALA C 118 -15.14 -8.46 0.49
N ILE C 119 -14.16 -9.23 0.02
CA ILE C 119 -13.68 -10.43 0.71
C ILE C 119 -12.23 -10.19 1.11
N ASN C 120 -11.96 -10.29 2.41
CA ASN C 120 -10.59 -10.20 2.90
C ASN C 120 -9.82 -11.48 2.59
N PHE C 121 -8.53 -11.32 2.33
CA PHE C 121 -7.65 -12.46 2.04
C PHE C 121 -6.33 -12.24 2.75
N ILE C 122 -5.94 -13.21 3.59
CA ILE C 122 -4.70 -13.15 4.34
C ILE C 122 -3.82 -14.29 3.86
N GLY C 123 -2.67 -13.94 3.27
CA GLY C 123 -1.65 -14.92 2.98
C GLY C 123 -0.72 -15.08 4.16
N MET C 124 -0.73 -16.26 4.78
CA MET C 124 -0.01 -16.49 6.03
C MET C 124 1.08 -17.52 5.82
N GLY C 125 2.32 -17.11 5.98
CA GLY C 125 3.42 -18.06 5.96
C GLY C 125 3.46 -18.87 7.25
N VAL C 126 3.67 -20.17 7.10
CA VAL C 126 3.70 -21.11 8.22
C VAL C 126 5.04 -21.82 8.21
N SER C 127 5.77 -21.71 9.33
CA SER C 127 7.04 -22.38 9.50
C SER C 127 7.00 -23.19 10.79
N GLY C 128 7.60 -24.39 10.74
CA GLY C 128 7.61 -25.26 11.90
C GLY C 128 7.32 -26.70 11.55
N GLY C 129 6.95 -26.95 10.30
CA GLY C 129 6.67 -28.31 9.87
C GLY C 129 5.34 -28.82 10.41
N GLU C 130 5.22 -30.16 10.40
CA GLU C 130 3.99 -30.80 10.87
C GLU C 130 3.94 -30.88 12.38
N ILE C 131 5.08 -31.13 13.03
CA ILE C 131 5.14 -31.16 14.49
C ILE C 131 4.80 -29.77 15.04
N GLY C 132 5.31 -28.72 14.39
CA GLY C 132 5.02 -27.38 14.84
C GLY C 132 3.60 -26.93 14.59
N ALA C 133 2.98 -27.46 13.53
CA ALA C 133 1.63 -27.04 13.18
C ALA C 133 0.63 -27.38 14.30
N LEU C 134 0.83 -28.50 14.98
CA LEU C 134 -0.03 -28.86 16.09
C LEU C 134 0.40 -28.17 17.38
N THR C 135 1.71 -28.15 17.66
CA THR C 135 2.20 -27.59 18.91
C THR C 135 2.17 -26.07 18.91
N GLY C 136 2.81 -25.46 17.91
CA GLY C 136 2.87 -24.02 17.82
C GLY C 136 3.81 -23.56 16.73
N PRO C 137 3.25 -23.18 15.59
CA PRO C 137 4.09 -22.69 14.49
C PRO C 137 4.40 -21.20 14.64
N SER C 138 5.33 -20.74 13.82
CA SER C 138 5.64 -19.32 13.69
C SER C 138 4.90 -18.80 12.47
N LEU C 139 4.00 -17.84 12.68
CA LEU C 139 3.10 -17.38 11.64
C LEU C 139 3.54 -16.02 11.10
N MET C 140 3.43 -15.85 9.78
CA MET C 140 3.74 -14.60 9.10
C MET C 140 2.55 -14.20 8.26
N PRO C 141 1.48 -13.69 8.88
CA PRO C 141 0.29 -13.32 8.11
C PRO C 141 0.45 -11.98 7.43
N GLY C 142 -0.09 -11.89 6.22
CA GLY C 142 -0.08 -10.64 5.47
C GLY C 142 -1.40 -10.45 4.75
N GLY C 143 -1.82 -9.19 4.68
CA GLY C 143 -3.08 -8.85 4.04
C GLY C 143 -3.76 -7.67 4.71
N GLN C 144 -5.09 -7.68 4.73
CA GLN C 144 -5.83 -6.59 5.35
C GLN C 144 -5.54 -6.53 6.85
N GLU C 145 -5.11 -5.35 7.31
CA GLU C 145 -4.76 -5.19 8.73
C GLU C 145 -5.98 -5.39 9.61
N GLU C 146 -7.14 -4.84 9.22
CA GLU C 146 -8.35 -5.02 10.01
C GLU C 146 -8.75 -6.48 10.08
N ALA C 147 -8.60 -7.21 8.98
CA ALA C 147 -8.92 -8.63 8.99
C ALA C 147 -7.95 -9.42 9.85
N TYR C 148 -6.68 -9.01 9.89
CA TYR C 148 -5.72 -9.65 10.78
C TYR C 148 -6.13 -9.48 12.24
N ASN C 149 -6.52 -8.25 12.61
CA ASN C 149 -6.92 -7.99 13.99
C ASN C 149 -8.14 -8.81 14.39
N LYS C 150 -9.01 -9.12 13.43
CA LYS C 150 -10.18 -9.93 13.74
C LYS C 150 -9.79 -11.38 14.06
N VAL C 151 -8.70 -11.86 13.49
CA VAL C 151 -8.21 -13.22 13.74
C VAL C 151 -6.94 -13.22 14.56
N ALA C 152 -6.52 -12.05 15.07
CA ALA C 152 -5.26 -11.97 15.79
C ALA C 152 -5.25 -12.84 17.06
N ASP C 153 -6.40 -12.98 17.71
CA ASP C 153 -6.45 -13.74 18.96
C ASP C 153 -6.27 -15.23 18.70
N ILE C 154 -6.86 -15.74 17.63
CA ILE C 154 -6.70 -17.16 17.31
C ILE C 154 -5.27 -17.46 16.89
N LEU C 155 -4.67 -16.57 16.09
CA LEU C 155 -3.28 -16.76 15.69
C LEU C 155 -2.35 -16.67 16.88
N ASP C 156 -2.62 -15.73 17.79
CA ASP C 156 -1.79 -15.59 18.98
C ASP C 156 -1.91 -16.82 19.88
N ALA C 157 -3.06 -17.50 19.85
CA ALA C 157 -3.25 -18.66 20.71
C ALA C 157 -2.51 -19.88 20.19
N ILE C 158 -2.56 -20.12 18.87
CA ILE C 158 -1.98 -21.33 18.29
C ILE C 158 -0.49 -21.20 17.98
N ALA C 159 0.05 -20.00 17.97
CA ALA C 159 1.44 -19.81 17.58
C ALA C 159 2.39 -20.20 18.70
N ALA C 160 3.66 -20.37 18.34
CA ALA C 160 4.69 -20.68 19.32
C ALA C 160 4.91 -19.49 20.26
N LYS C 161 5.26 -19.80 21.49
CA LYS C 161 5.58 -18.80 22.51
C LYS C 161 7.05 -18.90 22.86
N ALA C 162 7.77 -17.77 22.74
CA ALA C 162 9.20 -17.75 22.98
C ALA C 162 9.48 -17.65 24.48
N LYS C 163 10.76 -17.57 24.83
CA LYS C 163 11.14 -17.43 26.23
C LYS C 163 10.61 -16.13 26.84
N ASP C 164 10.54 -15.07 26.03
CA ASP C 164 9.98 -13.80 26.50
C ASP C 164 8.48 -13.85 26.65
N GLY C 165 7.83 -14.98 26.35
CA GLY C 165 6.39 -15.08 26.41
C GLY C 165 5.66 -14.54 25.20
N ALA C 166 6.37 -13.93 24.26
CA ALA C 166 5.74 -13.34 23.08
C ALA C 166 5.37 -14.43 22.09
N SER C 167 4.21 -14.25 21.45
CA SER C 167 3.79 -15.17 20.41
C SER C 167 4.61 -14.95 19.14
N CYS C 168 4.96 -16.04 18.48
CA CYS C 168 5.71 -15.98 17.21
C CYS C 168 4.75 -15.72 16.05
N VAL C 169 4.03 -14.61 16.16
CA VAL C 169 3.12 -14.16 15.12
C VAL C 169 3.06 -12.64 15.17
N THR C 170 3.07 -12.00 14.01
CA THR C 170 2.96 -10.56 13.92
C THR C 170 2.49 -10.19 12.52
N TYR C 171 1.73 -9.09 12.46
CA TYR C 171 1.23 -8.61 11.18
C TYR C 171 2.39 -8.06 10.35
N ILE C 172 2.67 -8.71 9.22
CA ILE C 172 3.81 -8.31 8.40
C ILE C 172 3.47 -7.07 7.58
N GLY C 173 2.38 -7.12 6.83
CA GLY C 173 2.00 -6.00 6.00
C GLY C 173 0.88 -6.36 5.03
N PRO C 174 0.58 -5.46 4.11
CA PRO C 174 -0.54 -5.68 3.18
C PRO C 174 -0.26 -6.82 2.21
N ASN C 175 -1.36 -7.31 1.62
CA ASN C 175 -1.41 -8.42 0.66
C ASN C 175 -0.33 -9.47 0.86
N GLY C 176 0.61 -9.57 -0.07
CA GLY C 176 1.57 -10.65 -0.10
C GLY C 176 2.78 -10.52 0.78
N ALA C 177 2.84 -9.51 1.66
CA ALA C 177 4.02 -9.30 2.49
C ALA C 177 4.29 -10.51 3.39
N GLY C 178 3.24 -11.14 3.90
CA GLY C 178 3.43 -12.27 4.81
C GLY C 178 4.09 -13.45 4.12
N HIS C 179 3.59 -13.83 2.94
CA HIS C 179 4.22 -14.90 2.18
C HIS C 179 5.59 -14.48 1.66
N TYR C 180 5.79 -13.18 1.44
CA TYR C 180 7.10 -12.72 0.97
C TYR C 180 8.17 -12.89 2.03
N VAL C 181 7.88 -12.45 3.26
CA VAL C 181 8.87 -12.56 4.34
C VAL C 181 9.19 -14.02 4.60
N LYS C 182 8.19 -14.90 4.49
CA LYS C 182 8.44 -16.33 4.61
C LYS C 182 9.42 -16.82 3.56
N MET C 183 9.26 -16.35 2.31
CA MET C 183 10.14 -16.80 1.24
C MET C 183 11.56 -16.31 1.45
N VAL C 184 11.73 -15.06 1.90
CA VAL C 184 13.07 -14.51 2.11
C VAL C 184 13.75 -15.23 3.28
N HIS C 185 13.01 -15.52 4.35
CA HIS C 185 13.59 -16.20 5.49
C HIS C 185 14.13 -17.57 5.10
N ASN C 186 13.35 -18.34 4.31
CA ASN C 186 13.82 -19.65 3.88
C ASN C 186 14.98 -19.55 2.91
N GLY C 187 15.00 -18.51 2.07
CA GLY C 187 16.14 -18.29 1.21
C GLY C 187 17.41 -18.00 1.98
N ILE C 188 17.29 -17.33 3.13
CA ILE C 188 18.45 -17.15 4.00
C ILE C 188 18.90 -18.49 4.58
N GLU C 189 17.94 -19.35 4.94
CA GLU C 189 18.29 -20.68 5.44
C GLU C 189 18.95 -21.51 4.35
N TYR C 190 18.55 -21.32 3.09
CA TYR C 190 19.24 -21.98 1.99
C TYR C 190 20.72 -21.71 2.03
N ALA C 191 21.10 -20.43 2.16
CA ALA C 191 22.51 -20.07 2.14
C ALA C 191 23.25 -20.61 3.36
N ASP C 192 22.62 -20.59 4.54
CA ASP C 192 23.29 -21.12 5.72
C ASP C 192 23.44 -22.63 5.64
N MET C 193 22.46 -23.32 5.06
CA MET C 193 22.61 -24.75 4.85
C MET C 193 23.74 -25.06 3.88
N GLN C 194 23.92 -24.20 2.86
CA GLN C 194 24.98 -24.42 1.89
C GLN C 194 26.34 -24.11 2.49
N LEU C 195 26.44 -23.06 3.31
CA LEU C 195 27.71 -22.73 3.94
C LEU C 195 28.11 -23.77 4.97
N ILE C 196 27.14 -24.33 5.70
CA ILE C 196 27.43 -25.42 6.62
C ILE C 196 27.97 -26.63 5.88
N ALA C 197 27.35 -26.95 4.74
CA ALA C 197 27.80 -28.09 3.95
C ALA C 197 29.20 -27.88 3.40
N GLU C 198 29.54 -26.65 3.05
CA GLU C 198 30.90 -26.37 2.56
C GLU C 198 31.91 -26.52 3.68
N SER C 199 31.58 -26.06 4.89
CA SER C 199 32.44 -26.31 6.04
C SER C 199 32.55 -27.81 6.32
N TYR C 200 31.45 -28.55 6.16
CA TYR C 200 31.51 -29.99 6.29
C TYR C 200 32.38 -30.61 5.22
N ALA C 201 32.26 -30.11 3.98
CA ALA C 201 33.07 -30.64 2.89
C ALA C 201 34.56 -30.47 3.17
N MET C 202 34.94 -29.33 3.73
CA MET C 202 36.35 -29.08 4.02
C MET C 202 36.82 -29.86 5.24
N MET C 203 35.96 -30.03 6.24
CA MET C 203 36.35 -30.80 7.42
C MET C 203 36.64 -32.25 7.07
N LYS C 204 35.92 -32.81 6.10
CA LYS C 204 36.06 -34.22 5.77
C LYS C 204 37.15 -34.46 4.73
N GLU C 205 36.99 -33.87 3.53
CA GLU C 205 37.88 -34.15 2.42
C GLU C 205 39.07 -33.19 2.34
N LEU C 206 39.39 -32.50 3.44
CA LEU C 206 40.62 -31.70 3.48
C LEU C 206 41.34 -31.90 4.81
N LEU C 207 40.60 -31.82 5.92
CA LEU C 207 41.17 -32.08 7.24
C LEU C 207 41.10 -33.56 7.61
N GLY C 208 40.42 -34.39 6.82
CA GLY C 208 40.35 -35.81 7.10
C GLY C 208 39.68 -36.15 8.41
N MET C 209 38.68 -35.35 8.82
CA MET C 209 38.09 -35.51 10.14
C MET C 209 37.07 -36.64 10.16
N SER C 210 37.04 -37.38 11.27
CA SER C 210 36.03 -38.40 11.48
C SER C 210 34.64 -37.77 11.56
N HIS C 211 33.63 -38.62 11.55
CA HIS C 211 32.27 -38.12 11.69
C HIS C 211 31.90 -37.80 13.13
N GLU C 212 32.72 -38.22 14.09
CA GLU C 212 32.54 -37.77 15.47
C GLU C 212 33.22 -36.42 15.69
N ASP C 213 34.42 -36.24 15.14
CA ASP C 213 35.09 -34.94 15.24
C ASP C 213 34.32 -33.87 14.49
N ILE C 214 33.69 -34.24 13.36
CA ILE C 214 32.82 -33.32 12.65
C ILE C 214 31.63 -32.93 13.52
N ALA C 215 31.02 -33.91 14.17
CA ALA C 215 29.86 -33.63 15.02
C ALA C 215 30.25 -32.80 16.23
N GLN C 216 31.38 -33.14 16.88
CA GLN C 216 31.81 -32.39 18.06
C GLN C 216 32.17 -30.96 17.70
N THR C 217 32.74 -30.73 16.51
CA THR C 217 33.06 -29.38 16.09
C THR C 217 31.81 -28.51 15.98
N PHE C 218 30.73 -29.07 15.44
CA PHE C 218 29.50 -28.29 15.26
C PHE C 218 28.86 -27.95 16.60
N LYS C 219 28.85 -28.90 17.54
CA LYS C 219 28.31 -28.61 18.86
C LYS C 219 29.17 -27.60 19.61
N ASP C 220 30.49 -27.66 19.42
CA ASP C 220 31.36 -26.63 19.99
C ASP C 220 31.09 -25.27 19.35
N TRP C 221 30.85 -25.24 18.04
CA TRP C 221 30.50 -23.99 17.38
C TRP C 221 29.15 -23.47 17.88
N ASN C 222 28.21 -24.39 18.15
CA ASN C 222 26.89 -24.00 18.62
C ASN C 222 26.96 -23.32 19.99
N ALA C 223 27.96 -23.66 20.79
CA ALA C 223 28.11 -23.04 22.11
C ALA C 223 28.63 -21.60 22.03
N GLY C 224 29.03 -21.15 20.84
CA GLY C 224 29.51 -19.79 20.68
C GLY C 224 28.57 -18.91 19.88
N GLU C 225 29.13 -17.94 19.16
CA GLU C 225 28.32 -17.02 18.37
C GLU C 225 27.55 -17.73 17.26
N LEU C 226 28.02 -18.89 16.81
CA LEU C 226 27.36 -19.64 15.75
C LEU C 226 26.12 -20.39 16.24
N GLU C 227 25.62 -20.06 17.44
CA GLU C 227 24.44 -20.74 17.96
C GLU C 227 23.27 -20.57 17.00
N SER C 228 22.71 -21.70 16.57
CA SER C 228 21.57 -21.70 15.66
C SER C 228 20.99 -23.10 15.62
N TYR C 229 19.67 -23.18 15.50
CA TYR C 229 18.97 -24.47 15.39
C TYR C 229 19.59 -25.34 14.31
N LEU C 230 20.07 -24.74 13.22
CA LEU C 230 20.67 -25.51 12.13
C LEU C 230 21.99 -26.14 12.55
N ILE C 231 22.80 -25.41 13.32
CA ILE C 231 24.11 -25.93 13.72
C ILE C 231 23.94 -27.05 14.75
N GLU C 232 22.96 -26.90 15.66
CA GLU C 232 22.72 -27.94 16.64
C GLU C 232 22.36 -29.28 15.98
N ILE C 233 21.30 -29.27 15.16
CA ILE C 233 20.85 -30.51 14.54
C ILE C 233 21.86 -31.04 13.54
N THR C 234 22.73 -30.18 12.99
CA THR C 234 23.77 -30.65 12.10
C THR C 234 24.72 -31.60 12.83
N GLY C 235 25.18 -31.20 14.02
CA GLY C 235 26.04 -32.06 14.81
C GLY C 235 25.35 -33.34 15.24
N ASP C 236 24.07 -33.24 15.60
CA ASP C 236 23.31 -34.43 15.97
C ASP C 236 23.09 -35.33 14.75
N ILE C 237 22.98 -34.75 13.56
CA ILE C 237 22.81 -35.55 12.35
C ILE C 237 24.05 -36.42 12.12
N PHE C 238 25.24 -35.88 12.40
CA PHE C 238 26.48 -36.56 12.07
C PHE C 238 26.80 -37.73 12.99
N MET C 239 26.00 -37.96 14.03
CA MET C 239 26.19 -39.10 14.92
C MET C 239 25.07 -40.13 14.78
N LYS C 240 24.16 -39.96 13.84
CA LYS C 240 23.10 -40.94 13.60
C LYS C 240 23.70 -42.11 12.86
N LEU C 241 24.04 -43.17 13.58
CA LEU C 241 24.66 -44.34 12.98
C LEU C 241 23.64 -45.17 12.21
N ASP C 242 24.12 -45.87 11.19
CA ASP C 242 23.36 -46.96 10.60
C ASP C 242 23.50 -48.19 11.49
N GLU C 243 22.95 -49.33 11.06
CA GLU C 243 22.98 -50.47 11.97
C GLU C 243 24.36 -51.13 12.04
N ASN C 244 25.22 -50.89 11.05
CA ASN C 244 26.61 -51.31 11.13
C ASN C 244 27.50 -50.23 11.75
N LYS C 245 26.91 -49.31 12.49
CA LYS C 245 27.64 -48.33 13.32
C LYS C 245 28.46 -47.37 12.46
N GLU C 246 27.90 -46.97 11.33
CA GLU C 246 28.54 -46.01 10.44
C GLU C 246 27.62 -44.81 10.22
N ALA C 247 28.23 -43.68 9.89
CA ALA C 247 27.48 -42.44 9.72
C ALA C 247 26.47 -42.56 8.60
N LEU C 248 25.19 -42.45 8.94
CA LEU C 248 24.13 -42.57 7.95
C LEU C 248 24.14 -41.42 6.96
N VAL C 249 24.56 -40.23 7.39
CA VAL C 249 24.55 -39.07 6.51
C VAL C 249 25.48 -39.28 5.32
N GLU C 250 26.50 -40.11 5.47
CA GLU C 250 27.44 -40.36 4.38
C GLU C 250 26.85 -41.27 3.31
N LYS C 251 25.84 -42.06 3.65
CA LYS C 251 25.20 -42.96 2.70
C LYS C 251 24.02 -42.32 1.97
N ILE C 252 23.69 -41.07 2.29
CA ILE C 252 22.58 -40.38 1.65
C ILE C 252 23.02 -39.88 0.28
N LEU C 253 22.20 -40.14 -0.74
CA LEU C 253 22.51 -39.66 -2.09
C LEU C 253 22.52 -38.14 -2.11
N ASP C 254 23.59 -37.58 -2.68
CA ASP C 254 23.84 -36.13 -2.63
C ASP C 254 23.07 -35.41 -3.74
N THR C 255 21.75 -35.59 -3.73
CA THR C 255 20.85 -34.92 -4.66
C THR C 255 19.91 -34.03 -3.84
N ALA C 256 20.24 -32.75 -3.75
CA ALA C 256 19.47 -31.82 -2.92
C ALA C 256 18.20 -31.40 -3.65
N GLY C 257 17.05 -31.70 -3.07
CA GLY C 257 15.79 -31.23 -3.61
C GLY C 257 15.44 -29.84 -3.08
N GLN C 258 14.44 -29.24 -3.69
CA GLN C 258 14.00 -27.91 -3.27
C GLN C 258 12.64 -27.62 -3.87
N LYS C 259 11.84 -26.87 -3.12
CA LYS C 259 10.58 -26.34 -3.61
C LYS C 259 10.84 -24.98 -4.24
N GLY C 260 9.77 -24.25 -4.55
CA GLY C 260 9.91 -22.99 -5.28
C GLY C 260 10.57 -21.87 -4.51
N THR C 261 10.69 -21.99 -3.19
CA THR C 261 11.10 -20.85 -2.35
C THR C 261 12.49 -20.36 -2.71
N GLY C 262 13.46 -21.27 -2.82
CA GLY C 262 14.80 -20.86 -3.20
C GLY C 262 14.85 -20.24 -4.57
N LYS C 263 14.12 -20.82 -5.53
CA LYS C 263 14.06 -20.26 -6.88
C LYS C 263 13.35 -18.91 -6.88
N TRP C 264 12.25 -18.80 -6.13
CA TRP C 264 11.47 -17.57 -6.13
C TRP C 264 12.25 -16.40 -5.54
N THR C 265 12.98 -16.64 -4.45
CA THR C 265 13.67 -15.54 -3.77
C THR C 265 14.84 -15.01 -4.59
N SER C 266 15.49 -15.87 -5.37
CA SER C 266 16.56 -15.39 -6.24
C SER C 266 16.00 -14.65 -7.45
N ILE C 267 14.88 -15.13 -7.99
CA ILE C 267 14.20 -14.41 -9.06
C ILE C 267 13.74 -13.04 -8.56
N ASN C 268 13.19 -12.99 -7.35
CA ASN C 268 12.73 -11.73 -6.79
C ASN C 268 13.89 -10.74 -6.63
N ALA C 269 15.04 -11.22 -6.15
CA ALA C 269 16.19 -10.35 -5.99
C ALA C 269 16.67 -9.81 -7.33
N LEU C 270 16.69 -10.66 -8.35
CA LEU C 270 17.06 -10.21 -9.69
C LEU C 270 16.09 -9.15 -10.19
N GLU C 271 14.78 -9.39 -10.01
CA GLU C 271 13.78 -8.40 -10.41
C GLU C 271 13.94 -7.11 -9.63
N LEU C 272 14.34 -7.18 -8.36
CA LEU C 272 14.50 -6.01 -7.53
C LEU C 272 15.83 -5.30 -7.73
N GLY C 273 16.77 -5.91 -8.45
CA GLY C 273 18.09 -5.33 -8.61
C GLY C 273 18.96 -5.46 -7.38
N ILE C 274 18.72 -6.47 -6.56
CA ILE C 274 19.46 -6.68 -5.32
C ILE C 274 20.48 -7.79 -5.55
N PRO C 275 21.75 -7.60 -5.21
CA PRO C 275 22.77 -8.65 -5.38
C PRO C 275 22.70 -9.74 -4.31
N LEU C 276 21.76 -10.66 -4.48
CA LEU C 276 21.60 -11.80 -3.57
C LEU C 276 22.50 -12.95 -3.99
N THR C 277 23.81 -12.67 -4.02
CA THR C 277 24.76 -13.58 -4.64
C THR C 277 24.86 -14.90 -3.87
N ILE C 278 24.96 -14.82 -2.54
CA ILE C 278 25.22 -16.03 -1.76
C ILE C 278 24.02 -16.97 -1.79
N ILE C 279 22.82 -16.42 -1.58
CA ILE C 279 21.61 -17.24 -1.62
C ILE C 279 21.41 -17.84 -3.00
N THR C 280 21.65 -17.05 -4.05
CA THR C 280 21.50 -17.55 -5.41
C THR C 280 22.55 -18.62 -5.73
N GLU C 281 23.77 -18.46 -5.21
CA GLU C 281 24.79 -19.49 -5.40
C GLU C 281 24.38 -20.79 -4.73
N SER C 282 23.70 -20.71 -3.59
CA SER C 282 23.23 -21.91 -2.91
C SER C 282 22.10 -22.58 -3.69
N VAL C 283 21.20 -21.77 -4.26
CA VAL C 283 20.14 -22.33 -5.10
C VAL C 283 20.75 -23.04 -6.31
N PHE C 284 21.73 -22.40 -6.94
CA PHE C 284 22.42 -23.04 -8.05
C PHE C 284 23.17 -24.29 -7.61
N ALA C 285 23.70 -24.31 -6.39
CA ALA C 285 24.43 -25.47 -5.90
C ALA C 285 23.50 -26.67 -5.75
N ARG C 286 22.25 -26.44 -5.35
CA ARG C 286 21.28 -27.53 -5.32
C ARG C 286 20.99 -28.04 -6.72
N PHE C 287 20.97 -27.14 -7.71
CA PHE C 287 20.75 -27.56 -9.10
C PHE C 287 21.85 -28.50 -9.57
N ILE C 288 23.11 -28.11 -9.39
CA ILE C 288 24.22 -28.94 -9.84
C ILE C 288 24.30 -30.24 -9.03
N SER C 289 23.77 -30.27 -7.81
CA SER C 289 23.71 -31.51 -7.06
C SER C 289 22.66 -32.47 -7.62
N SER C 290 21.68 -31.95 -8.37
CA SER C 290 20.63 -32.81 -8.90
C SER C 290 21.18 -33.79 -9.93
N ILE C 291 22.08 -33.32 -10.80
CA ILE C 291 22.60 -34.14 -11.90
C ILE C 291 23.69 -35.07 -11.37
N LYS C 292 23.29 -36.02 -10.52
CA LYS C 292 24.27 -36.91 -9.90
C LYS C 292 25.00 -37.76 -10.93
N GLU C 293 24.25 -38.42 -11.82
CA GLU C 293 24.87 -39.29 -12.82
C GLU C 293 25.72 -38.49 -13.79
N GLU C 294 25.27 -37.29 -14.17
CA GLU C 294 26.07 -36.43 -15.02
C GLU C 294 27.35 -36.00 -14.33
N ARG C 295 27.31 -35.82 -13.01
CA ARG C 295 28.52 -35.49 -12.26
C ARG C 295 29.45 -36.70 -12.15
N VAL C 296 28.88 -37.88 -11.92
CA VAL C 296 29.69 -39.09 -11.83
C VAL C 296 30.45 -39.32 -13.13
N ASN C 297 29.78 -39.11 -14.26
CA ASN C 297 30.45 -39.24 -15.55
C ASN C 297 31.52 -38.16 -15.73
N ALA C 298 31.22 -36.93 -15.28
CA ALA C 298 32.19 -35.85 -15.41
C ALA C 298 33.39 -36.07 -14.50
N SER C 299 33.20 -36.75 -13.37
CA SER C 299 34.33 -37.04 -12.48
C SER C 299 35.37 -37.90 -13.18
N LYS C 300 34.92 -38.87 -13.97
CA LYS C 300 35.84 -39.75 -14.70
C LYS C 300 36.46 -39.07 -15.92
N GLU C 301 36.13 -37.82 -16.19
CA GLU C 301 36.62 -37.12 -17.38
C GLU C 301 37.35 -35.83 -17.08
N LEU C 302 37.06 -35.17 -15.96
CA LEU C 302 37.69 -33.90 -15.60
C LEU C 302 38.46 -34.08 -14.30
N ASN C 303 39.78 -34.09 -14.39
CA ASN C 303 40.61 -34.28 -13.22
C ASN C 303 40.78 -32.97 -12.45
N GLY C 304 41.34 -33.08 -11.25
CA GLY C 304 41.63 -31.93 -10.43
C GLY C 304 42.73 -32.24 -9.43
N PRO C 305 43.14 -31.24 -8.67
CA PRO C 305 44.14 -31.48 -7.64
C PRO C 305 43.59 -32.38 -6.55
N LYS C 306 44.49 -33.15 -5.93
CA LYS C 306 44.10 -34.02 -4.82
C LYS C 306 44.29 -33.25 -3.52
N ALA C 307 43.23 -33.20 -2.71
CA ALA C 307 43.23 -32.39 -1.51
C ALA C 307 44.19 -32.96 -0.47
N SER C 308 44.99 -32.08 0.13
CA SER C 308 45.92 -32.46 1.19
C SER C 308 46.27 -31.21 2.00
N PHE C 309 46.14 -31.31 3.31
CA PHE C 309 46.43 -30.20 4.22
C PHE C 309 47.49 -30.66 5.22
N ASP C 310 48.66 -30.03 5.20
CA ASP C 310 49.77 -30.44 6.04
C ASP C 310 49.94 -29.59 7.29
N GLY C 311 49.34 -28.39 7.33
CA GLY C 311 49.51 -27.49 8.45
C GLY C 311 48.61 -27.84 9.63
N ASP C 312 48.54 -26.91 10.58
CA ASP C 312 47.76 -27.12 11.80
C ASP C 312 46.29 -27.22 11.45
N LYS C 313 45.73 -28.43 11.58
CA LYS C 313 44.34 -28.66 11.20
C LYS C 313 43.38 -27.97 12.16
N LYS C 314 43.70 -27.93 13.45
CA LYS C 314 42.84 -27.28 14.43
C LYS C 314 42.96 -25.76 14.38
N ASP C 315 44.07 -25.22 13.88
CA ASP C 315 44.12 -23.80 13.55
C ASP C 315 43.26 -23.49 12.34
N PHE C 316 43.34 -24.34 11.31
CA PHE C 316 42.49 -24.18 10.14
C PHE C 316 41.02 -24.43 10.48
N LEU C 317 40.76 -25.36 11.40
CA LEU C 317 39.39 -25.61 11.84
C LEU C 317 38.75 -24.34 12.39
N GLU C 318 39.53 -23.49 13.06
CA GLU C 318 38.99 -22.24 13.57
C GLU C 318 38.76 -21.24 12.45
N LYS C 319 39.60 -21.26 11.41
CA LYS C 319 39.39 -20.38 10.26
C LYS C 319 38.09 -20.71 9.55
N ILE C 320 37.73 -21.99 9.50
CA ILE C 320 36.46 -22.39 8.91
C ILE C 320 35.30 -21.87 9.74
N ARG C 321 35.47 -21.83 11.06
CA ARG C 321 34.42 -21.33 11.94
C ARG C 321 34.14 -19.85 11.68
N LYS C 322 35.19 -19.03 11.65
CA LYS C 322 35.03 -17.61 11.38
C LYS C 322 34.55 -17.35 9.97
N ALA C 323 34.98 -18.17 9.00
CA ALA C 323 34.49 -18.02 7.64
C ALA C 323 33.00 -18.32 7.56
N LEU C 324 32.55 -19.37 8.24
CA LEU C 324 31.13 -19.70 8.26
C LEU C 324 30.32 -18.59 8.95
N TYR C 325 30.89 -17.98 9.99
CA TYR C 325 30.18 -16.92 10.69
C TYR C 325 30.09 -15.67 9.85
N MET C 326 31.19 -15.27 9.22
CA MET C 326 31.17 -14.10 8.35
C MET C 326 30.28 -14.34 7.13
N SER C 327 30.34 -15.53 6.55
CA SER C 327 29.50 -15.85 5.40
C SER C 327 28.03 -15.80 5.78
N LYS C 328 27.69 -16.24 6.98
CA LYS C 328 26.30 -16.16 7.44
C LYS C 328 25.85 -14.70 7.59
N ILE C 329 26.74 -13.85 8.09
CA ILE C 329 26.40 -12.44 8.25
C ILE C 329 26.20 -11.78 6.89
N CYS C 330 27.06 -12.09 5.92
CA CYS C 330 26.94 -11.50 4.60
C CYS C 330 25.64 -11.91 3.92
N SER C 331 25.26 -13.18 4.04
CA SER C 331 23.98 -13.64 3.49
C SER C 331 22.82 -12.89 4.13
N TYR C 332 22.89 -12.66 5.44
CA TYR C 332 21.84 -11.91 6.13
C TYR C 332 21.79 -10.47 5.63
N ALA C 333 22.95 -9.88 5.33
CA ALA C 333 22.99 -8.51 4.80
C ALA C 333 22.25 -8.42 3.47
N GLN C 334 22.49 -9.38 2.57
CA GLN C 334 21.82 -9.38 1.27
C GLN C 334 20.33 -9.64 1.43
N GLY C 335 19.95 -10.57 2.31
CA GLY C 335 18.54 -10.89 2.49
C GLY C 335 17.73 -9.72 3.03
N PHE C 336 18.27 -9.04 4.04
CA PHE C 336 17.55 -7.91 4.63
C PHE C 336 17.61 -6.67 3.73
N ALA C 337 18.67 -6.54 2.93
CA ALA C 337 18.65 -5.54 1.87
C ALA C 337 17.57 -5.85 0.85
N GLN C 338 17.37 -7.15 0.56
CA GLN C 338 16.31 -7.55 -0.35
C GLN C 338 14.94 -7.25 0.24
N MET C 339 14.77 -7.49 1.54
CA MET C 339 13.48 -7.20 2.17
C MET C 339 13.20 -5.71 2.24
N ARG C 340 14.22 -4.88 2.39
CA ARG C 340 14.03 -3.43 2.38
C ARG C 340 13.60 -2.96 1.00
N LYS C 341 14.28 -3.44 -0.04
CA LYS C 341 13.93 -3.05 -1.41
C LYS C 341 12.51 -3.49 -1.75
N ALA C 342 12.10 -4.67 -1.25
CA ALA C 342 10.76 -5.17 -1.57
C ALA C 342 9.68 -4.38 -0.84
N SER C 343 9.96 -3.94 0.39
CA SER C 343 9.03 -3.07 1.08
C SER C 343 8.81 -1.77 0.32
N GLU C 344 9.87 -1.26 -0.32
CA GLU C 344 9.76 -0.04 -1.09
C GLU C 344 8.97 -0.27 -2.38
N ASP C 345 9.36 -1.28 -3.17
CA ASP C 345 8.72 -1.50 -4.45
C ASP C 345 7.26 -1.92 -4.32
N ASN C 346 6.91 -2.61 -3.23
CA ASN C 346 5.55 -3.05 -3.00
C ASN C 346 4.78 -2.12 -2.06
N GLU C 347 5.43 -1.08 -1.54
CA GLU C 347 4.80 -0.12 -0.62
C GLU C 347 4.21 -0.84 0.58
N TRP C 348 5.03 -1.66 1.24
CA TRP C 348 4.58 -2.47 2.36
C TRP C 348 4.88 -1.84 3.72
N ASN C 349 5.76 -0.85 3.77
CA ASN C 349 6.11 -0.17 5.02
C ASN C 349 6.58 -1.19 6.07
N LEU C 350 7.48 -2.07 5.65
CA LEU C 350 7.93 -3.14 6.51
C LEU C 350 8.88 -2.63 7.59
N LYS C 351 8.71 -3.15 8.81
CA LYS C 351 9.60 -2.86 9.93
C LYS C 351 10.59 -4.02 10.01
N LEU C 352 11.81 -3.79 9.52
CA LEU C 352 12.79 -4.86 9.39
C LEU C 352 13.18 -5.44 10.75
N GLY C 353 13.18 -4.62 11.80
CA GLY C 353 13.51 -5.11 13.13
C GLY C 353 12.58 -6.18 13.64
N ASP C 354 11.34 -6.22 13.13
CA ASP C 354 10.36 -7.23 13.53
C ASP C 354 10.37 -8.45 12.61
N LEU C 355 11.33 -8.55 11.71
CA LEU C 355 11.38 -9.62 10.72
C LEU C 355 12.65 -10.44 10.86
N ALA C 356 13.08 -10.67 12.11
CA ALA C 356 14.30 -11.42 12.39
C ALA C 356 14.01 -12.78 13.05
N MET C 357 12.77 -13.25 12.96
CA MET C 357 12.39 -14.51 13.59
C MET C 357 12.38 -15.64 12.55
N ILE C 358 13.59 -15.96 12.07
CA ILE C 358 13.77 -17.08 11.16
C ILE C 358 13.72 -18.37 11.95
N TRP C 359 12.94 -19.34 11.46
CA TRP C 359 12.67 -20.55 12.22
C TRP C 359 13.93 -21.37 12.45
N ARG C 360 14.54 -21.85 11.37
CA ARG C 360 15.64 -22.80 11.49
C ARG C 360 16.95 -22.17 11.94
N GLU C 361 16.99 -20.87 12.21
CA GLU C 361 18.19 -20.22 12.72
C GLU C 361 18.10 -19.88 14.21
N GLY C 362 16.95 -20.13 14.83
CA GLY C 362 16.89 -20.01 16.28
C GLY C 362 15.78 -19.16 16.86
N CYS C 363 14.68 -18.97 16.13
CA CYS C 363 13.55 -18.28 16.72
C CYS C 363 12.85 -19.20 17.72
N ILE C 364 12.05 -18.58 18.61
CA ILE C 364 11.44 -19.19 19.79
C ILE C 364 12.49 -19.32 20.88
N ILE C 365 13.68 -19.81 20.53
CA ILE C 365 14.79 -19.84 21.48
C ILE C 365 15.39 -18.45 21.68
N ARG C 366 15.18 -17.53 20.73
CA ARG C 366 15.72 -16.18 20.78
C ARG C 366 17.25 -16.20 20.81
N ALA C 367 17.82 -16.75 19.74
CA ALA C 367 19.27 -16.79 19.61
C ALA C 367 19.84 -15.38 19.52
N GLN C 368 21.07 -15.22 20.04
CA GLN C 368 21.67 -13.88 20.13
C GLN C 368 21.89 -13.27 18.75
N PHE C 369 22.14 -14.10 17.73
CA PHE C 369 22.39 -13.57 16.39
C PHE C 369 21.15 -12.85 15.86
N LEU C 370 19.99 -13.50 15.93
CA LEU C 370 18.75 -12.87 15.49
C LEU C 370 18.40 -11.65 16.32
N GLN C 371 18.90 -11.57 17.55
CA GLN C 371 18.62 -10.40 18.39
C GLN C 371 19.49 -9.22 18.00
N LYS C 372 20.71 -9.45 17.52
CA LYS C 372 21.54 -8.36 17.04
C LYS C 372 21.10 -7.86 15.67
N ILE C 373 20.50 -8.73 14.86
CA ILE C 373 19.88 -8.28 13.62
C ILE C 373 18.77 -7.29 13.91
N LYS C 374 17.88 -7.63 14.86
CA LYS C 374 16.80 -6.73 15.23
C LYS C 374 17.34 -5.45 15.87
N ASP C 375 18.38 -5.57 16.69
CA ASP C 375 18.95 -4.39 17.33
C ASP C 375 19.54 -3.42 16.32
N ALA C 376 20.16 -3.95 15.26
CA ALA C 376 20.79 -3.09 14.25
C ALA C 376 19.76 -2.19 13.59
N TYR C 377 18.64 -2.77 13.14
CA TYR C 377 17.63 -1.98 12.45
C TYR C 377 16.79 -1.14 13.40
N ASP C 378 16.57 -1.62 14.63
CA ASP C 378 15.85 -0.81 15.61
C ASP C 378 16.65 0.44 15.96
N ASN C 379 17.96 0.30 16.13
CA ASN C 379 18.79 1.45 16.48
C ASN C 379 19.01 2.36 15.28
N ASN C 380 18.94 1.83 14.06
CA ASN C 380 19.12 2.63 12.86
C ASN C 380 18.23 2.06 11.76
N PRO C 381 16.98 2.53 11.67
CA PRO C 381 16.08 2.01 10.63
C PRO C 381 16.55 2.32 9.22
N GLY C 382 17.28 3.41 9.03
CA GLY C 382 17.81 3.77 7.72
C GLY C 382 19.03 2.99 7.30
N LEU C 383 19.43 1.99 8.08
CA LEU C 383 20.62 1.20 7.76
C LEU C 383 20.49 0.57 6.38
N GLN C 384 21.45 0.87 5.50
CA GLN C 384 21.41 0.38 4.13
C GLN C 384 21.95 -1.03 3.99
N ASN C 385 22.73 -1.50 4.96
CA ASN C 385 23.37 -2.81 4.86
C ASN C 385 23.85 -3.21 6.24
N LEU C 386 23.63 -4.48 6.60
CA LEU C 386 24.01 -4.96 7.93
C LEU C 386 25.53 -4.93 8.12
N LEU C 387 26.31 -4.97 7.04
CA LEU C 387 27.76 -4.93 7.15
C LEU C 387 28.25 -3.63 7.78
N LEU C 388 27.45 -2.57 7.72
CA LEU C 388 27.82 -1.27 8.28
C LEU C 388 27.36 -1.07 9.71
N ASP C 389 26.61 -2.03 10.27
CA ASP C 389 26.23 -1.93 11.67
C ASP C 389 27.45 -2.20 12.55
N PRO C 390 27.67 -1.39 13.60
CA PRO C 390 28.90 -1.52 14.39
C PRO C 390 29.21 -2.93 14.87
N TYR C 391 28.21 -3.70 15.28
CA TYR C 391 28.45 -5.06 15.73
C TYR C 391 28.98 -5.92 14.58
N PHE C 392 28.16 -6.10 13.53
CA PHE C 392 28.55 -6.96 12.42
C PHE C 392 29.77 -6.41 11.67
N LYS C 393 29.97 -5.09 11.68
CA LYS C 393 31.14 -4.51 11.04
C LYS C 393 32.41 -4.95 11.77
N ASN C 394 32.35 -5.09 13.09
CA ASN C 394 33.52 -5.50 13.85
C ASN C 394 33.90 -6.95 13.56
N ILE C 395 32.93 -7.79 13.21
CA ILE C 395 33.20 -9.20 12.99
C ILE C 395 33.79 -9.43 11.60
N VAL C 396 33.16 -8.86 10.56
CA VAL C 396 33.60 -9.13 9.21
C VAL C 396 34.97 -8.50 8.93
N THR C 397 35.26 -7.34 9.54
CA THR C 397 36.53 -6.68 9.28
C THR C 397 37.70 -7.42 9.90
N GLU C 398 37.46 -8.24 10.93
CA GLU C 398 38.51 -9.08 11.52
C GLU C 398 38.46 -10.51 11.02
N TYR C 399 37.26 -11.05 10.75
CA TYR C 399 37.12 -12.42 10.28
C TYR C 399 37.46 -12.56 8.80
N GLN C 400 37.71 -11.46 8.09
CA GLN C 400 37.98 -11.54 6.65
C GLN C 400 39.26 -12.31 6.37
N ASP C 401 40.23 -12.27 7.29
CA ASP C 401 41.48 -13.01 7.10
C ASP C 401 41.21 -14.51 7.00
N ALA C 402 40.36 -15.04 7.89
CA ALA C 402 40.05 -16.46 7.86
C ALA C 402 39.28 -16.84 6.59
N LEU C 403 38.30 -16.02 6.22
CA LEU C 403 37.48 -16.32 5.05
C LEU C 403 38.33 -16.37 3.78
N ARG C 404 39.33 -15.50 3.68
CA ARG C 404 40.23 -15.54 2.54
C ARG C 404 41.07 -16.81 2.54
N ASP C 405 41.53 -17.24 3.71
CA ASP C 405 42.41 -18.40 3.78
C ASP C 405 41.71 -19.69 3.39
N VAL C 406 40.46 -19.87 3.84
CA VAL C 406 39.76 -21.10 3.52
C VAL C 406 39.26 -21.10 2.08
N VAL C 407 38.91 -19.93 1.55
CA VAL C 407 38.52 -19.85 0.14
C VAL C 407 39.71 -20.16 -0.76
N ALA C 408 40.85 -19.53 -0.48
CA ALA C 408 42.04 -19.78 -1.28
C ALA C 408 42.52 -21.22 -1.11
N THR C 409 42.41 -21.78 0.09
CA THR C 409 42.78 -23.17 0.29
C THR C 409 41.82 -24.10 -0.44
N GLY C 410 40.52 -23.82 -0.34
CA GLY C 410 39.55 -24.67 -1.01
C GLY C 410 39.67 -24.66 -2.52
N VAL C 411 40.01 -23.50 -3.09
CA VAL C 411 40.17 -23.42 -4.53
C VAL C 411 41.42 -24.18 -4.97
N GLN C 412 42.51 -24.05 -4.22
CA GLN C 412 43.76 -24.72 -4.58
C GLN C 412 43.67 -26.24 -4.41
N ASN C 413 42.74 -26.74 -3.60
CA ASN C 413 42.59 -28.17 -3.38
C ASN C 413 41.41 -28.77 -4.13
N GLY C 414 40.66 -27.95 -4.88
CA GLY C 414 39.60 -28.46 -5.72
C GLY C 414 38.28 -28.76 -5.02
N VAL C 415 38.10 -28.29 -3.80
CA VAL C 415 36.84 -28.49 -3.05
C VAL C 415 35.95 -27.30 -3.36
N PRO C 416 34.81 -27.47 -4.02
CA PRO C 416 33.98 -26.33 -4.41
C PRO C 416 33.44 -25.60 -3.19
N THR C 417 33.65 -24.29 -3.16
CA THR C 417 33.12 -23.41 -2.11
C THR C 417 32.37 -22.26 -2.76
N PRO C 418 31.22 -22.54 -3.39
CA PRO C 418 30.48 -21.45 -4.05
C PRO C 418 29.97 -20.39 -3.08
N GLY C 419 29.51 -20.81 -1.90
CA GLY C 419 29.00 -19.87 -0.91
C GLY C 419 30.10 -19.07 -0.24
N PHE C 420 31.19 -19.75 0.14
CA PHE C 420 32.31 -19.06 0.77
C PHE C 420 32.93 -18.04 -0.16
N SER C 421 33.16 -18.43 -1.42
CA SER C 421 33.76 -17.51 -2.39
C SER C 421 32.82 -16.36 -2.71
N SER C 422 31.51 -16.62 -2.74
CA SER C 422 30.55 -15.56 -3.04
C SER C 422 30.49 -14.52 -1.93
N SER C 423 30.75 -14.92 -0.68
CA SER C 423 30.71 -13.97 0.42
C SER C 423 31.92 -13.04 0.40
N ILE C 424 33.12 -13.60 0.23
CA ILE C 424 34.31 -12.76 0.19
C ILE C 424 34.31 -11.87 -1.05
N ASN C 425 33.72 -12.35 -2.15
CA ASN C 425 33.61 -11.51 -3.34
C ASN C 425 32.60 -10.39 -3.12
N TYR C 426 31.54 -10.66 -2.36
CA TYR C 426 30.56 -9.63 -2.05
C TYR C 426 31.14 -8.59 -1.10
N TYR C 427 31.91 -9.03 -0.10
CA TYR C 427 32.56 -8.10 0.81
C TYR C 427 33.58 -7.23 0.08
N ASP C 428 34.34 -7.83 -0.84
CA ASP C 428 35.33 -7.06 -1.59
C ASP C 428 34.69 -6.16 -2.64
N SER C 429 33.51 -6.55 -3.15
CA SER C 429 32.82 -5.70 -4.12
C SER C 429 32.08 -4.56 -3.43
N TYR C 430 31.45 -4.83 -2.29
CA TYR C 430 30.64 -3.82 -1.61
C TYR C 430 31.53 -2.71 -1.04
N ARG C 431 32.69 -3.09 -0.50
CA ARG C 431 33.62 -2.11 0.07
C ARG C 431 34.51 -1.45 -0.96
N ALA C 432 34.38 -1.83 -2.24
CA ALA C 432 35.24 -1.29 -3.29
C ALA C 432 34.74 0.09 -3.71
N ALA C 433 35.53 1.13 -3.45
CA ALA C 433 35.19 2.46 -3.91
C ALA C 433 35.29 2.57 -5.44
N ASP C 434 36.09 1.71 -6.08
CA ASP C 434 36.27 1.75 -7.53
C ASP C 434 36.35 0.32 -8.04
N LEU C 435 35.40 -0.06 -8.88
CA LEU C 435 35.34 -1.37 -9.49
C LEU C 435 35.61 -1.26 -10.99
N PRO C 436 35.97 -2.37 -11.66
CA PRO C 436 36.26 -2.31 -13.10
C PRO C 436 35.01 -2.11 -13.96
N ALA C 437 33.91 -1.66 -13.35
CA ALA C 437 32.70 -1.39 -14.11
C ALA C 437 32.89 -0.25 -15.11
N ASN C 438 33.94 0.56 -14.94
CA ASN C 438 34.21 1.62 -15.90
C ASN C 438 34.54 1.04 -17.28
N LEU C 439 35.25 -0.10 -17.31
CA LEU C 439 35.54 -0.75 -18.58
C LEU C 439 34.27 -1.29 -19.22
N ILE C 440 33.35 -1.80 -18.41
CA ILE C 440 32.07 -2.29 -18.94
C ILE C 440 31.28 -1.14 -19.55
N GLN C 441 31.28 0.02 -18.88
CA GLN C 441 30.61 1.19 -19.44
C GLN C 441 31.25 1.63 -20.75
N ALA C 442 32.57 1.48 -20.86
CA ALA C 442 33.24 1.79 -22.12
C ALA C 442 32.81 0.81 -23.22
N GLN C 443 32.78 -0.48 -22.90
CA GLN C 443 32.35 -1.48 -23.88
C GLN C 443 30.89 -1.27 -24.25
N ARG C 444 30.04 -0.95 -23.27
CA ARG C 444 28.64 -0.70 -23.56
C ARG C 444 28.46 0.55 -24.40
N ASP C 445 29.27 1.59 -24.15
CA ASP C 445 29.15 2.83 -24.91
C ASP C 445 29.59 2.66 -26.35
N TYR C 446 30.48 1.70 -26.62
CA TYR C 446 30.90 1.46 -28.00
C TYR C 446 29.88 0.61 -28.74
N PHE C 447 29.40 -0.46 -28.11
CA PHE C 447 28.53 -1.41 -28.80
C PHE C 447 27.15 -0.81 -29.06
N GLY C 448 26.51 -0.28 -28.02
CA GLY C 448 25.15 0.20 -28.15
C GLY C 448 24.97 1.68 -27.90
N ALA C 449 26.07 2.44 -27.86
CA ALA C 449 26.05 3.87 -27.64
C ALA C 449 25.21 4.23 -26.40
N HIS C 450 25.37 3.44 -25.35
CA HIS C 450 24.56 3.59 -24.14
C HIS C 450 24.99 4.76 -23.27
N THR C 451 25.95 5.57 -23.72
CA THR C 451 26.48 6.71 -22.97
C THR C 451 27.11 6.29 -21.64
N TYR C 452 27.73 7.23 -20.95
CA TYR C 452 28.36 6.95 -19.68
C TYR C 452 28.53 8.25 -18.92
N GLU C 453 28.84 8.12 -17.62
CA GLU C 453 29.14 9.24 -16.77
C GLU C 453 30.62 9.23 -16.43
N ARG C 454 31.08 10.32 -15.82
CA ARG C 454 32.48 10.49 -15.47
C ARG C 454 32.63 10.72 -13.98
N LYS C 455 33.84 10.44 -13.48
CA LYS C 455 34.15 10.70 -12.07
C LYS C 455 34.57 12.14 -11.82
N ASP C 456 35.03 12.84 -12.86
CA ASP C 456 35.56 14.19 -12.72
C ASP C 456 34.62 15.28 -13.21
N LYS C 457 33.85 15.03 -14.27
CA LYS C 457 33.05 16.05 -14.91
C LYS C 457 31.57 15.74 -14.76
N GLU C 458 30.75 16.77 -14.94
CA GLU C 458 29.30 16.63 -14.91
C GLU C 458 28.77 16.16 -16.26
N GLY C 459 27.65 15.46 -16.23
CA GLY C 459 26.90 15.18 -17.43
C GLY C 459 27.12 13.78 -17.98
N VAL C 460 26.60 13.59 -19.20
CA VAL C 460 26.56 12.31 -19.88
C VAL C 460 27.31 12.44 -21.19
N PHE C 461 28.11 11.43 -21.54
CA PHE C 461 29.00 11.49 -22.69
C PHE C 461 28.92 10.23 -23.51
N HIS C 462 29.11 10.39 -24.82
CA HIS C 462 29.32 9.30 -25.76
C HIS C 462 30.65 9.53 -26.47
N THR C 463 31.40 8.46 -26.69
CA THR C 463 32.77 8.60 -27.19
C THR C 463 33.03 7.72 -28.40
N GLN C 464 33.76 8.30 -29.35
CA GLN C 464 34.23 7.70 -30.60
C GLN C 464 35.42 6.79 -30.28
N TRP C 465 35.13 5.60 -29.73
CA TRP C 465 36.18 4.81 -29.11
C TRP C 465 37.26 4.31 -30.08
N ILE C 466 37.06 4.42 -31.39
CA ILE C 466 38.12 4.13 -32.34
C ILE C 466 37.87 4.82 -33.67
N MET D 1 1.09 0.86 -56.72
CA MET D 1 0.32 1.45 -55.62
C MET D 1 0.81 0.94 -54.27
N THR D 2 0.98 -0.37 -54.17
CA THR D 2 1.39 -0.98 -52.91
C THR D 2 2.91 -0.98 -52.77
N GLN D 3 3.35 -1.09 -51.52
CA GLN D 3 4.74 -1.36 -51.19
C GLN D 3 4.84 -2.79 -50.67
N GLN D 4 6.06 -3.31 -50.64
CA GLN D 4 6.27 -4.72 -50.34
C GLN D 4 6.35 -5.00 -48.84
N ILE D 5 6.89 -4.08 -48.04
CA ILE D 5 7.07 -4.30 -46.61
C ILE D 5 7.02 -2.95 -45.90
N GLY D 6 6.48 -2.96 -44.68
CA GLY D 6 6.31 -1.73 -43.93
C GLY D 6 7.02 -1.77 -42.60
N VAL D 7 7.36 -0.58 -42.09
CA VAL D 7 8.04 -0.43 -40.80
C VAL D 7 7.30 0.60 -39.97
N ILE D 8 7.02 0.26 -38.72
CA ILE D 8 6.45 1.19 -37.75
C ILE D 8 7.47 1.38 -36.63
N GLY D 9 7.62 2.62 -36.18
CA GLY D 9 8.65 2.96 -35.21
C GLY D 9 9.88 3.49 -35.92
N LEU D 10 9.97 4.81 -36.04
CA LEU D 10 10.98 5.45 -36.85
C LEU D 10 12.07 6.10 -36.00
N ALA D 11 12.44 5.46 -34.91
CA ALA D 11 13.64 5.85 -34.17
C ALA D 11 14.86 5.40 -34.98
N VAL D 12 16.05 5.58 -34.40
CA VAL D 12 17.28 5.25 -35.13
C VAL D 12 17.30 3.78 -35.53
N MET D 13 16.63 2.92 -34.76
CA MET D 13 16.63 1.49 -35.07
C MET D 13 15.71 1.17 -36.24
N GLY D 14 14.46 1.63 -36.18
CA GLY D 14 13.53 1.36 -37.27
C GLY D 14 13.85 2.14 -38.53
N LYS D 15 14.42 3.34 -38.39
CA LYS D 15 14.78 4.14 -39.55
C LYS D 15 15.90 3.47 -40.35
N ASN D 16 16.90 2.92 -39.66
CA ASN D 16 18.02 2.29 -40.36
C ASN D 16 17.61 0.95 -40.97
N LEU D 17 16.73 0.22 -40.30
CA LEU D 17 16.27 -1.05 -40.86
C LEU D 17 15.42 -0.83 -42.10
N ALA D 18 14.56 0.20 -42.09
CA ALA D 18 13.79 0.53 -43.29
C ALA D 18 14.71 0.97 -44.42
N TRP D 19 15.78 1.71 -44.09
CA TRP D 19 16.75 2.10 -45.10
C TRP D 19 17.50 0.88 -45.64
N ASN D 20 17.89 -0.03 -44.75
CA ASN D 20 18.55 -1.26 -45.17
C ASN D 20 17.68 -2.05 -46.14
N ILE D 21 16.39 -2.18 -45.82
CA ILE D 21 15.47 -2.94 -46.67
C ILE D 21 15.38 -2.30 -48.05
N GLU D 22 15.27 -0.97 -48.10
CA GLU D 22 15.16 -0.29 -49.39
C GLU D 22 16.47 -0.36 -50.17
N SER D 23 17.61 -0.41 -49.48
CA SER D 23 18.89 -0.47 -50.16
C SER D 23 19.05 -1.75 -50.97
N ARG D 24 18.22 -2.77 -50.71
CA ARG D 24 18.29 -4.03 -51.41
C ARG D 24 17.29 -4.13 -52.56
N GLY D 25 16.56 -3.08 -52.84
CA GLY D 25 15.62 -3.06 -53.95
C GLY D 25 14.16 -3.24 -53.60
N TYR D 26 13.79 -3.08 -52.34
CA TYR D 26 12.42 -3.25 -51.89
C TYR D 26 11.74 -1.90 -51.68
N SER D 27 10.44 -1.86 -51.97
CA SER D 27 9.62 -0.69 -51.69
C SER D 27 9.10 -0.79 -50.26
N VAL D 28 9.33 0.25 -49.47
CA VAL D 28 9.02 0.24 -48.05
C VAL D 28 8.08 1.39 -47.72
N SER D 29 7.09 1.12 -46.87
CA SER D 29 6.26 2.14 -46.26
C SER D 29 6.66 2.31 -44.80
N VAL D 30 6.63 3.56 -44.33
CA VAL D 30 7.02 3.85 -42.96
C VAL D 30 5.87 4.55 -42.25
N PHE D 31 5.92 4.53 -40.92
CA PHE D 31 4.90 5.14 -40.09
C PHE D 31 5.47 5.34 -38.69
N ASN D 32 5.02 6.40 -38.03
CA ASN D 32 5.35 6.65 -36.64
C ASN D 32 4.19 7.42 -36.01
N ARG D 33 3.75 6.97 -34.83
CA ARG D 33 2.64 7.63 -34.15
C ARG D 33 2.94 9.11 -33.94
N SER D 34 4.17 9.43 -33.55
CA SER D 34 4.63 10.82 -33.56
C SER D 34 4.92 11.21 -35.00
N SER D 35 4.12 12.13 -35.54
CA SER D 35 4.22 12.45 -36.96
C SER D 35 5.51 13.17 -37.30
N GLU D 36 6.12 13.87 -36.34
CA GLU D 36 7.25 14.74 -36.65
C GLU D 36 8.48 13.96 -37.09
N LYS D 37 8.66 12.73 -36.59
CA LYS D 37 9.80 11.94 -37.02
C LYS D 37 9.55 11.19 -38.33
N THR D 38 8.28 10.96 -38.69
CA THR D 38 7.98 10.44 -40.01
C THR D 38 8.34 11.46 -41.09
N ASP D 39 7.93 12.71 -40.90
CA ASP D 39 8.25 13.75 -41.88
C ASP D 39 9.76 13.98 -41.98
N LEU D 40 10.49 13.82 -40.88
CA LEU D 40 11.94 13.98 -40.92
C LEU D 40 12.58 12.90 -41.79
N MET D 41 12.20 11.64 -41.58
CA MET D 41 12.80 10.55 -42.32
C MET D 41 12.62 10.73 -43.83
N VAL D 42 11.52 11.34 -44.25
CA VAL D 42 11.29 11.60 -45.66
C VAL D 42 12.33 12.60 -46.19
N GLU D 43 12.63 13.63 -45.38
CA GLU D 43 13.66 14.58 -45.78
C GLU D 43 15.03 13.93 -45.88
N GLU D 44 15.28 12.88 -45.09
CA GLU D 44 16.54 12.16 -45.12
C GLU D 44 16.55 11.04 -46.17
N SER D 45 15.47 10.87 -46.93
CA SER D 45 15.35 9.76 -47.87
C SER D 45 14.75 10.26 -49.18
N LYS D 46 15.27 11.37 -49.70
CA LYS D 46 14.67 11.99 -50.88
C LYS D 46 14.84 11.12 -52.12
N GLY D 47 15.98 10.43 -52.23
CA GLY D 47 16.23 9.58 -53.38
C GLY D 47 15.68 8.18 -53.23
N LYS D 48 15.71 7.66 -52.01
CA LYS D 48 15.27 6.30 -51.76
C LYS D 48 13.75 6.20 -51.86
N ASN D 49 13.27 4.98 -52.14
CA ASN D 49 11.83 4.74 -52.33
C ASN D 49 11.22 4.39 -50.99
N ILE D 50 10.93 5.42 -50.20
CA ILE D 50 10.31 5.29 -48.88
C ILE D 50 8.95 5.98 -48.95
N HIS D 51 7.88 5.22 -48.73
CA HIS D 51 6.54 5.77 -48.81
C HIS D 51 6.06 6.15 -47.42
N PRO D 52 5.86 7.43 -47.12
CA PRO D 52 5.37 7.80 -45.79
C PRO D 52 3.86 7.66 -45.67
N THR D 53 3.42 7.33 -44.45
CA THR D 53 2.02 7.27 -44.11
C THR D 53 1.80 8.01 -42.80
N TYR D 54 0.55 8.43 -42.57
CA TYR D 54 0.23 9.23 -41.40
C TYR D 54 -1.03 8.75 -40.68
N SER D 55 -1.54 7.58 -41.04
CA SER D 55 -2.55 6.90 -40.26
C SER D 55 -2.25 5.40 -40.30
N LEU D 56 -2.78 4.68 -39.32
CA LEU D 56 -2.59 3.24 -39.31
C LEU D 56 -3.34 2.58 -40.46
N GLU D 57 -4.52 3.09 -40.80
CA GLU D 57 -5.27 2.56 -41.94
C GLU D 57 -4.49 2.76 -43.23
N GLU D 58 -3.90 3.94 -43.42
CA GLU D 58 -3.12 4.19 -44.62
C GLU D 58 -1.88 3.32 -44.69
N PHE D 59 -1.27 3.03 -43.54
CA PHE D 59 -0.08 2.18 -43.53
C PHE D 59 -0.44 0.73 -43.89
N VAL D 60 -1.54 0.22 -43.33
CA VAL D 60 -1.96 -1.14 -43.64
C VAL D 60 -2.40 -1.25 -45.09
N ASN D 61 -3.15 -0.25 -45.58
CA ASN D 61 -3.61 -0.27 -46.97
C ASN D 61 -2.49 -0.05 -47.96
N SER D 62 -1.35 0.49 -47.52
CA SER D 62 -0.23 0.75 -48.43
C SER D 62 0.57 -0.50 -48.75
N LEU D 63 0.36 -1.59 -48.03
CA LEU D 63 1.19 -2.79 -48.15
C LEU D 63 0.48 -3.86 -48.97
N GLU D 64 1.26 -4.61 -49.74
CA GLU D 64 0.73 -5.75 -50.48
C GLU D 64 0.49 -6.92 -49.54
N LYS D 65 -0.40 -7.82 -49.96
CA LYS D 65 -0.75 -8.94 -49.09
C LYS D 65 -0.09 -10.23 -49.56
N PRO D 66 0.33 -11.11 -48.64
CA PRO D 66 0.22 -10.97 -47.18
C PRO D 66 1.14 -9.87 -46.64
N ARG D 67 0.57 -8.99 -45.81
CA ARG D 67 1.28 -7.80 -45.37
C ARG D 67 2.43 -8.18 -44.43
N LYS D 68 3.57 -7.52 -44.64
CA LYS D 68 4.78 -7.75 -43.85
C LYS D 68 5.10 -6.45 -43.12
N ILE D 69 4.82 -6.42 -41.83
CA ILE D 69 4.93 -5.22 -41.01
C ILE D 69 6.04 -5.42 -39.99
N LEU D 70 7.01 -4.52 -39.99
CA LEU D 70 8.17 -4.59 -39.09
C LEU D 70 7.94 -3.66 -37.90
N LEU D 71 7.83 -4.25 -36.71
CA LEU D 71 7.63 -3.49 -35.49
C LEU D 71 8.99 -3.08 -34.93
N MET D 72 9.22 -1.77 -34.81
CA MET D 72 10.43 -1.22 -34.22
C MET D 72 10.08 -0.11 -33.25
N VAL D 73 9.20 -0.42 -32.30
CA VAL D 73 8.80 0.54 -31.27
C VAL D 73 9.46 0.14 -29.95
N GLN D 74 9.20 0.91 -28.90
CA GLN D 74 9.84 0.62 -27.62
C GLN D 74 9.25 -0.64 -27.01
N ALA D 75 10.07 -1.35 -26.23
CA ALA D 75 9.68 -2.64 -25.70
C ALA D 75 8.63 -2.49 -24.60
N GLY D 76 7.74 -3.46 -24.53
CA GLY D 76 6.72 -3.50 -23.49
C GLY D 76 5.35 -3.09 -23.99
N LYS D 77 4.77 -2.08 -23.34
CA LYS D 77 3.37 -1.72 -23.53
C LYS D 77 3.14 -0.93 -24.81
N ALA D 78 4.18 -0.29 -25.36
CA ALA D 78 4.06 0.38 -26.65
C ALA D 78 3.93 -0.63 -27.78
N THR D 79 4.67 -1.74 -27.69
CA THR D 79 4.53 -2.79 -28.70
C THR D 79 3.14 -3.40 -28.67
N ASP D 80 2.62 -3.68 -27.48
CA ASP D 80 1.28 -4.25 -27.37
C ASP D 80 0.23 -3.26 -27.84
N ALA D 81 0.43 -1.97 -27.57
CA ALA D 81 -0.53 -0.96 -28.01
C ALA D 81 -0.58 -0.89 -29.53
N THR D 82 0.57 -0.99 -30.19
CA THR D 82 0.59 -0.96 -31.65
C THR D 82 0.01 -2.25 -32.23
N ILE D 83 0.26 -3.39 -31.59
CA ILE D 83 -0.32 -4.64 -32.05
C ILE D 83 -1.85 -4.58 -31.93
N ASP D 84 -2.34 -4.12 -30.78
CA ASP D 84 -3.78 -4.02 -30.58
C ASP D 84 -4.41 -3.06 -31.57
N SER D 85 -3.69 -2.00 -31.96
CA SER D 85 -4.23 -1.05 -32.91
C SER D 85 -4.16 -1.57 -34.34
N LEU D 86 -3.15 -2.40 -34.65
CA LEU D 86 -3.03 -2.96 -35.99
C LEU D 86 -4.06 -4.06 -36.25
N LEU D 87 -4.43 -4.80 -35.20
CA LEU D 87 -5.21 -6.03 -35.38
C LEU D 87 -6.53 -5.82 -36.11
N PRO D 88 -7.39 -4.86 -35.74
CA PRO D 88 -8.67 -4.74 -36.45
C PRO D 88 -8.54 -4.33 -37.91
N LEU D 89 -7.35 -3.95 -38.36
CA LEU D 89 -7.12 -3.57 -39.75
C LEU D 89 -6.42 -4.63 -40.56
N LEU D 90 -5.97 -5.71 -39.93
CA LEU D 90 -5.23 -6.76 -40.62
C LEU D 90 -6.17 -7.78 -41.25
N ASP D 91 -5.62 -8.59 -42.15
CA ASP D 91 -6.33 -9.70 -42.76
C ASP D 91 -5.64 -11.00 -42.40
N ASP D 92 -6.37 -12.10 -42.58
CA ASP D 92 -5.81 -13.43 -42.31
C ASP D 92 -4.55 -13.65 -43.13
N GLY D 93 -3.47 -14.05 -42.45
CA GLY D 93 -2.21 -14.31 -43.10
C GLY D 93 -1.18 -13.22 -42.99
N ASP D 94 -1.57 -12.02 -42.53
CA ASP D 94 -0.61 -10.93 -42.40
C ASP D 94 0.42 -11.24 -41.33
N ILE D 95 1.65 -10.79 -41.56
CA ILE D 95 2.80 -11.15 -40.73
C ILE D 95 3.29 -9.89 -40.01
N LEU D 96 3.33 -9.95 -38.69
CA LEU D 96 3.93 -8.90 -37.87
C LEU D 96 5.30 -9.36 -37.41
N ILE D 97 6.30 -8.48 -37.52
CA ILE D 97 7.67 -8.78 -37.15
C ILE D 97 8.09 -7.79 -36.07
N ASP D 98 8.29 -8.27 -34.85
CA ASP D 98 8.76 -7.46 -33.74
C ASP D 98 10.27 -7.61 -33.64
N GLY D 99 11.00 -6.58 -34.04
CA GLY D 99 12.44 -6.60 -33.98
C GLY D 99 13.05 -6.01 -32.73
N GLY D 100 12.23 -5.61 -31.75
CA GLY D 100 12.75 -5.04 -30.53
C GLY D 100 13.45 -6.07 -29.66
N ASN D 101 14.08 -5.57 -28.60
CA ASN D 101 14.74 -6.43 -27.62
C ASN D 101 13.71 -6.87 -26.58
N THR D 102 12.80 -7.72 -27.04
CA THR D 102 11.64 -8.12 -26.27
C THR D 102 11.96 -9.34 -25.40
N ASN D 103 11.38 -9.36 -24.21
CA ASN D 103 11.40 -10.56 -23.39
C ASN D 103 10.62 -11.67 -24.10
N TYR D 104 11.25 -12.82 -24.25
CA TYR D 104 10.68 -13.88 -25.08
C TYR D 104 9.30 -14.32 -24.60
N GLN D 105 9.03 -14.20 -23.30
CA GLN D 105 7.72 -14.56 -22.79
C GLN D 105 6.64 -13.61 -23.29
N ASP D 106 7.00 -12.37 -23.59
CA ASP D 106 6.06 -11.46 -24.24
C ASP D 106 5.79 -11.90 -25.67
N THR D 107 6.83 -12.38 -26.36
CA THR D 107 6.66 -12.87 -27.72
C THR D 107 5.76 -14.10 -27.76
N ILE D 108 5.88 -14.97 -26.75
CA ILE D 108 5.04 -16.16 -26.70
C ILE D 108 3.57 -15.78 -26.52
N ARG D 109 3.31 -14.83 -25.63
CA ARG D 109 1.93 -14.40 -25.39
C ARG D 109 1.34 -13.75 -26.64
N ARG D 110 2.12 -12.92 -27.33
CA ARG D 110 1.61 -12.23 -28.52
C ARG D 110 1.39 -13.22 -29.66
N ASN D 111 2.33 -14.13 -29.89
CA ASN D 111 2.18 -15.11 -30.96
C ASN D 111 0.97 -16.00 -30.71
N LYS D 112 0.69 -16.33 -29.45
CA LYS D 112 -0.45 -17.18 -29.14
C LYS D 112 -1.76 -16.40 -29.30
N ALA D 113 -1.77 -15.13 -28.93
CA ALA D 113 -2.99 -14.33 -29.04
C ALA D 113 -3.31 -14.01 -30.49
N LEU D 114 -2.30 -13.59 -31.26
CA LEU D 114 -2.53 -13.21 -32.65
C LEU D 114 -2.84 -14.44 -33.52
N ALA D 115 -2.37 -15.61 -33.12
CA ALA D 115 -2.72 -16.83 -33.86
C ALA D 115 -4.21 -17.12 -33.78
N GLN D 116 -4.86 -16.72 -32.68
CA GLN D 116 -6.30 -16.93 -32.53
C GLN D 116 -7.09 -16.12 -33.54
N SER D 117 -6.49 -15.10 -34.15
CA SER D 117 -7.15 -14.28 -35.16
C SER D 117 -6.46 -14.41 -36.52
N ALA D 118 -5.82 -15.56 -36.76
CA ALA D 118 -5.19 -15.86 -38.04
C ALA D 118 -4.14 -14.82 -38.43
N ILE D 119 -3.39 -14.35 -37.44
CA ILE D 119 -2.33 -13.38 -37.66
C ILE D 119 -1.01 -14.00 -37.19
N ASN D 120 0.00 -13.94 -38.05
CA ASN D 120 1.31 -14.45 -37.70
C ASN D 120 2.12 -13.40 -36.95
N PHE D 121 2.98 -13.85 -36.05
CA PHE D 121 3.82 -12.96 -35.26
C PHE D 121 5.22 -13.55 -35.17
N ILE D 122 6.21 -12.78 -35.61
CA ILE D 122 7.61 -13.21 -35.59
C ILE D 122 8.35 -12.30 -34.62
N GLY D 123 8.80 -12.87 -33.50
CA GLY D 123 9.70 -12.17 -32.62
C GLY D 123 11.14 -12.35 -33.06
N MET D 124 11.76 -11.27 -33.51
CA MET D 124 13.08 -11.33 -34.14
C MET D 124 14.09 -10.59 -33.28
N GLY D 125 15.13 -11.30 -32.84
CA GLY D 125 16.24 -10.65 -32.19
C GLY D 125 17.15 -9.97 -33.19
N VAL D 126 17.55 -8.74 -32.87
CA VAL D 126 18.41 -7.93 -33.73
C VAL D 126 19.63 -7.52 -32.92
N SER D 127 20.82 -7.82 -33.45
CA SER D 127 22.08 -7.45 -32.82
C SER D 127 22.98 -6.80 -33.85
N GLY D 128 23.74 -5.80 -33.40
CA GLY D 128 24.65 -5.09 -34.28
C GLY D 128 24.63 -3.59 -34.08
N GLY D 129 23.68 -3.10 -33.30
CA GLY D 129 23.59 -1.68 -33.01
C GLY D 129 23.00 -0.87 -34.16
N GLU D 130 23.10 0.45 -34.01
CA GLU D 130 22.57 1.36 -35.03
C GLU D 130 23.24 1.13 -36.37
N ILE D 131 24.57 1.00 -36.37
CA ILE D 131 25.31 0.83 -37.62
C ILE D 131 25.03 -0.55 -38.21
N GLY D 132 24.87 -1.57 -37.37
CA GLY D 132 24.57 -2.90 -37.88
C GLY D 132 23.22 -2.97 -38.57
N ALA D 133 22.20 -2.32 -38.00
CA ALA D 133 20.88 -2.35 -38.61
C ALA D 133 20.86 -1.66 -39.97
N LEU D 134 21.76 -0.69 -40.19
CA LEU D 134 21.83 -0.02 -41.48
C LEU D 134 22.54 -0.88 -42.52
N THR D 135 23.68 -1.47 -42.15
CA THR D 135 24.50 -2.18 -43.11
C THR D 135 24.17 -3.67 -43.19
N GLY D 136 23.89 -4.31 -42.06
CA GLY D 136 23.58 -5.72 -42.05
C GLY D 136 23.71 -6.30 -40.65
N PRO D 137 22.58 -6.47 -39.98
CA PRO D 137 22.60 -7.02 -38.61
C PRO D 137 22.45 -8.53 -38.62
N SER D 138 22.66 -9.12 -37.44
CA SER D 138 22.43 -10.54 -37.23
C SER D 138 21.02 -10.71 -36.67
N LEU D 139 20.21 -11.52 -37.35
CA LEU D 139 18.80 -11.66 -37.03
C LEU D 139 18.52 -13.06 -36.49
N MET D 140 17.78 -13.13 -35.39
CA MET D 140 17.34 -14.38 -34.77
C MET D 140 15.81 -14.37 -34.74
N PRO D 141 15.16 -14.69 -35.85
CA PRO D 141 13.69 -14.67 -35.88
C PRO D 141 13.07 -15.98 -35.42
N GLY D 142 11.99 -15.85 -34.67
CA GLY D 142 11.22 -17.00 -34.23
C GLY D 142 9.74 -16.74 -34.39
N GLY D 143 8.98 -17.81 -34.56
CA GLY D 143 7.55 -17.72 -34.77
C GLY D 143 7.03 -18.79 -35.69
N GLN D 144 6.03 -18.46 -36.51
CA GLN D 144 5.49 -19.41 -37.45
C GLN D 144 6.49 -19.69 -38.57
N GLU D 145 6.75 -20.97 -38.82
CA GLU D 145 7.74 -21.33 -39.83
C GLU D 145 7.28 -20.93 -41.22
N GLU D 146 5.98 -21.05 -41.51
CA GLU D 146 5.47 -20.63 -42.80
C GLU D 146 5.55 -19.12 -42.96
N ALA D 147 5.33 -18.37 -41.87
CA ALA D 147 5.47 -16.92 -41.92
C ALA D 147 6.92 -16.51 -42.15
N TYR D 148 7.88 -17.26 -41.60
CA TYR D 148 9.28 -16.95 -41.83
C TYR D 148 9.67 -17.15 -43.29
N ASN D 149 9.22 -18.25 -43.89
CA ASN D 149 9.60 -18.55 -45.28
C ASN D 149 9.10 -17.47 -46.24
N LYS D 150 7.97 -16.83 -45.92
CA LYS D 150 7.47 -15.77 -46.79
C LYS D 150 8.34 -14.52 -46.72
N VAL D 151 8.99 -14.28 -45.58
CA VAL D 151 9.83 -13.11 -45.38
C VAL D 151 11.31 -13.47 -45.37
N ALA D 152 11.65 -14.73 -45.64
CA ALA D 152 13.04 -15.16 -45.52
C ALA D 152 13.93 -14.49 -46.55
N ASP D 153 13.39 -14.14 -47.72
CA ASP D 153 14.21 -13.50 -48.75
C ASP D 153 14.58 -12.08 -48.35
N ILE D 154 13.67 -11.35 -47.71
CA ILE D 154 13.96 -9.99 -47.30
C ILE D 154 14.96 -9.97 -46.14
N LEU D 155 14.81 -10.90 -45.19
CA LEU D 155 15.75 -10.99 -44.09
C LEU D 155 17.13 -11.40 -44.57
N ASP D 156 17.19 -12.35 -45.50
CA ASP D 156 18.47 -12.77 -46.06
C ASP D 156 19.17 -11.62 -46.77
N ALA D 157 18.40 -10.75 -47.43
CA ALA D 157 18.99 -9.65 -48.20
C ALA D 157 19.62 -8.61 -47.29
N ILE D 158 18.95 -8.27 -46.19
CA ILE D 158 19.41 -7.19 -45.31
C ILE D 158 20.36 -7.65 -44.23
N ALA D 159 20.48 -8.96 -44.00
CA ALA D 159 21.31 -9.45 -42.91
C ALA D 159 22.79 -9.39 -43.27
N ALA D 160 23.64 -9.48 -42.25
CA ALA D 160 25.07 -9.54 -42.45
C ALA D 160 25.48 -10.83 -43.13
N LYS D 161 26.55 -10.77 -43.92
CA LYS D 161 27.07 -11.92 -44.65
C LYS D 161 28.40 -12.32 -44.02
N ALA D 162 28.50 -13.58 -43.59
CA ALA D 162 29.70 -14.08 -42.96
C ALA D 162 30.76 -14.41 -44.02
N LYS D 163 31.95 -14.78 -43.56
CA LYS D 163 33.01 -15.20 -44.48
C LYS D 163 32.69 -16.51 -45.16
N ASP D 164 31.73 -17.26 -44.63
CA ASP D 164 31.17 -18.42 -45.31
C ASP D 164 30.34 -18.05 -46.52
N GLY D 165 30.13 -16.76 -46.78
CA GLY D 165 29.19 -16.30 -47.77
C GLY D 165 27.75 -16.38 -47.33
N ALA D 166 27.48 -16.95 -46.16
CA ALA D 166 26.11 -17.19 -45.70
C ALA D 166 25.60 -15.99 -44.91
N SER D 167 24.30 -15.75 -45.05
CA SER D 167 23.65 -14.72 -44.24
C SER D 167 23.63 -15.15 -42.78
N CYS D 168 23.81 -14.18 -41.89
CA CYS D 168 23.72 -14.42 -40.46
C CYS D 168 22.26 -14.31 -39.99
N VAL D 169 21.40 -15.07 -40.64
CA VAL D 169 19.99 -15.17 -40.29
C VAL D 169 19.55 -16.61 -40.51
N THR D 170 18.68 -17.11 -39.64
CA THR D 170 18.17 -18.46 -39.76
C THR D 170 16.91 -18.60 -38.91
N TYR D 171 16.04 -19.52 -39.29
CA TYR D 171 14.84 -19.78 -38.51
C TYR D 171 15.22 -20.43 -37.18
N ILE D 172 14.96 -19.73 -36.09
CA ILE D 172 15.31 -20.25 -34.76
C ILE D 172 14.34 -21.36 -34.36
N GLY D 173 13.05 -21.03 -34.32
CA GLY D 173 12.05 -21.97 -33.90
C GLY D 173 10.71 -21.29 -33.68
N PRO D 174 9.76 -22.01 -33.10
CA PRO D 174 8.41 -21.46 -32.92
C PRO D 174 8.37 -20.34 -31.90
N ASN D 175 7.33 -19.51 -32.03
CA ASN D 175 7.03 -18.35 -31.18
C ASN D 175 8.27 -17.62 -30.67
N GLY D 176 8.51 -17.68 -29.37
CA GLY D 176 9.52 -16.87 -28.72
C GLY D 176 10.94 -17.41 -28.74
N ALA D 177 11.20 -18.46 -29.51
CA ALA D 177 12.55 -19.04 -29.54
C ALA D 177 13.57 -18.04 -30.07
N GLY D 178 13.16 -17.21 -31.04
CA GLY D 178 14.11 -16.28 -31.64
C GLY D 178 14.56 -15.21 -30.67
N HIS D 179 13.62 -14.60 -29.95
CA HIS D 179 13.98 -13.62 -28.92
C HIS D 179 14.69 -14.27 -27.75
N TYR D 180 14.41 -15.56 -27.50
CA TYR D 180 15.08 -16.25 -26.40
C TYR D 180 16.57 -16.39 -26.64
N VAL D 181 16.95 -16.88 -27.83
CA VAL D 181 18.36 -17.11 -28.13
C VAL D 181 19.13 -15.80 -28.10
N LYS D 182 18.48 -14.70 -28.51
CA LYS D 182 19.09 -13.38 -28.34
C LYS D 182 19.38 -13.10 -26.88
N MET D 183 18.44 -13.46 -25.99
CA MET D 183 18.63 -13.21 -24.56
C MET D 183 19.80 -14.02 -24.01
N VAL D 184 19.86 -15.30 -24.37
CA VAL D 184 20.96 -16.15 -23.90
C VAL D 184 22.29 -15.66 -24.46
N HIS D 185 22.31 -15.29 -25.75
CA HIS D 185 23.54 -14.78 -26.35
C HIS D 185 24.02 -13.52 -25.64
N ASN D 186 23.11 -12.59 -25.35
CA ASN D 186 23.48 -11.38 -24.64
C ASN D 186 23.91 -11.70 -23.21
N GLY D 187 23.24 -12.65 -22.57
CA GLY D 187 23.64 -13.04 -21.22
C GLY D 187 25.04 -13.61 -21.16
N ILE D 188 25.41 -14.41 -22.17
CA ILE D 188 26.77 -14.91 -22.26
C ILE D 188 27.76 -13.75 -22.38
N GLU D 189 27.37 -12.71 -23.13
CA GLU D 189 28.24 -11.54 -23.28
C GLU D 189 28.47 -10.83 -21.96
N TYR D 190 27.44 -10.79 -21.10
CA TYR D 190 27.60 -10.23 -19.76
C TYR D 190 28.77 -10.90 -19.03
N ALA D 191 28.84 -12.23 -19.10
CA ALA D 191 29.90 -12.96 -18.42
C ALA D 191 31.26 -12.64 -19.03
N ASP D 192 31.33 -12.52 -20.36
CA ASP D 192 32.59 -12.21 -21.01
C ASP D 192 33.12 -10.84 -20.58
N MET D 193 32.23 -9.85 -20.49
CA MET D 193 32.66 -8.51 -20.08
C MET D 193 33.07 -8.47 -18.62
N GLN D 194 32.40 -9.24 -17.77
CA GLN D 194 32.77 -9.28 -16.35
C GLN D 194 34.11 -9.97 -16.14
N LEU D 195 34.38 -11.02 -16.93
CA LEU D 195 35.67 -11.69 -16.83
C LEU D 195 36.79 -10.82 -17.38
N ILE D 196 36.52 -10.09 -18.46
CA ILE D 196 37.51 -9.12 -18.96
C ILE D 196 37.73 -8.01 -17.94
N ALA D 197 36.65 -7.57 -17.30
CA ALA D 197 36.78 -6.50 -16.30
C ALA D 197 37.62 -6.96 -15.11
N GLU D 198 37.39 -8.18 -14.63
CA GLU D 198 38.23 -8.72 -13.57
C GLU D 198 39.67 -8.85 -14.01
N SER D 199 39.88 -9.29 -15.27
CA SER D 199 41.24 -9.39 -15.81
C SER D 199 41.94 -8.03 -15.77
N TYR D 200 41.24 -6.98 -16.18
CA TYR D 200 41.82 -5.64 -16.14
C TYR D 200 42.04 -5.18 -14.71
N ALA D 201 41.12 -5.53 -13.80
CA ALA D 201 41.29 -5.17 -12.39
C ALA D 201 42.58 -5.75 -11.83
N MET D 202 42.89 -7.01 -12.16
CA MET D 202 44.12 -7.63 -11.67
C MET D 202 45.34 -7.04 -12.36
N MET D 203 45.23 -6.71 -13.65
CA MET D 203 46.36 -6.14 -14.37
C MET D 203 46.74 -4.78 -13.81
N LYS D 204 45.76 -4.01 -13.31
CA LYS D 204 46.02 -2.67 -12.80
C LYS D 204 46.28 -2.66 -11.31
N GLU D 205 45.34 -3.20 -10.52
CA GLU D 205 45.43 -3.12 -9.07
C GLU D 205 46.39 -4.12 -8.46
N LEU D 206 46.86 -5.11 -9.22
CA LEU D 206 47.78 -6.12 -8.70
C LEU D 206 49.12 -6.11 -9.41
N LEU D 207 49.13 -6.07 -10.75
CA LEU D 207 50.36 -6.05 -11.51
C LEU D 207 50.86 -4.63 -11.79
N GLY D 208 50.09 -3.60 -11.42
CA GLY D 208 50.52 -2.23 -11.60
C GLY D 208 50.79 -1.86 -13.05
N MET D 209 50.10 -2.49 -13.99
CA MET D 209 50.32 -2.24 -15.40
C MET D 209 49.65 -0.95 -15.84
N SER D 210 50.37 -0.16 -16.64
CA SER D 210 49.82 1.06 -17.19
C SER D 210 48.78 0.73 -18.26
N HIS D 211 48.11 1.77 -18.77
CA HIS D 211 47.10 1.56 -19.80
C HIS D 211 47.72 1.11 -21.12
N GLU D 212 49.02 1.31 -21.31
CA GLU D 212 49.68 0.81 -22.51
C GLU D 212 49.94 -0.69 -22.42
N ASP D 213 50.53 -1.14 -21.31
CA ASP D 213 50.73 -2.57 -21.10
C ASP D 213 49.40 -3.31 -21.03
N ILE D 214 48.36 -2.65 -20.53
CA ILE D 214 47.03 -3.26 -20.51
C ILE D 214 46.49 -3.40 -21.93
N ALA D 215 46.54 -2.30 -22.69
CA ALA D 215 45.98 -2.32 -24.04
C ALA D 215 46.72 -3.28 -24.95
N GLN D 216 48.05 -3.27 -24.90
CA GLN D 216 48.83 -4.24 -25.67
C GLN D 216 48.42 -5.66 -25.33
N THR D 217 48.48 -6.02 -24.04
CA THR D 217 48.20 -7.38 -23.60
C THR D 217 46.90 -7.92 -24.18
N PHE D 218 45.85 -7.10 -24.25
CA PHE D 218 44.61 -7.54 -24.87
C PHE D 218 44.80 -7.78 -26.36
N LYS D 219 45.62 -6.94 -27.02
CA LYS D 219 45.84 -7.11 -28.46
C LYS D 219 46.69 -8.34 -28.75
N ASP D 220 47.57 -8.73 -27.83
CA ASP D 220 48.27 -10.00 -27.99
C ASP D 220 47.33 -11.18 -27.73
N TRP D 221 46.45 -11.06 -26.74
CA TRP D 221 45.49 -12.11 -26.47
C TRP D 221 44.49 -12.27 -27.60
N ASN D 222 44.19 -11.19 -28.31
CA ASN D 222 43.30 -11.27 -29.46
C ASN D 222 43.94 -12.01 -30.64
N ALA D 223 45.27 -12.14 -30.65
CA ALA D 223 45.94 -12.89 -31.70
C ALA D 223 45.85 -14.40 -31.50
N GLY D 224 45.65 -14.85 -30.27
CA GLY D 224 45.60 -16.26 -29.94
C GLY D 224 44.19 -16.79 -29.84
N GLU D 225 44.01 -17.80 -28.98
CA GLU D 225 42.72 -18.47 -28.84
C GLU D 225 41.65 -17.57 -28.22
N LEU D 226 42.03 -16.44 -27.62
CA LEU D 226 41.07 -15.51 -27.04
C LEU D 226 40.53 -14.52 -28.06
N GLU D 227 40.69 -14.80 -29.35
CA GLU D 227 40.24 -13.87 -30.39
C GLU D 227 38.72 -13.72 -30.34
N SER D 228 38.28 -12.48 -30.13
CA SER D 228 36.86 -12.17 -30.15
C SER D 228 36.71 -10.67 -30.33
N TYR D 229 35.53 -10.27 -30.82
CA TYR D 229 35.25 -8.85 -31.00
C TYR D 229 35.40 -8.07 -29.71
N LEU D 230 35.02 -8.69 -28.59
CA LEU D 230 35.10 -8.02 -27.29
C LEU D 230 36.54 -7.72 -26.91
N ILE D 231 37.44 -8.70 -27.08
CA ILE D 231 38.84 -8.50 -26.72
C ILE D 231 39.48 -7.46 -27.63
N GLU D 232 39.16 -7.52 -28.92
CA GLU D 232 39.76 -6.58 -29.88
C GLU D 232 39.36 -5.15 -29.56
N ILE D 233 38.11 -4.94 -29.11
CA ILE D 233 37.66 -3.60 -28.75
C ILE D 233 38.32 -3.15 -27.45
N THR D 234 38.48 -4.07 -26.50
CA THR D 234 39.06 -3.70 -25.20
C THR D 234 40.47 -3.16 -25.34
N GLY D 235 41.24 -3.67 -26.30
CA GLY D 235 42.57 -3.12 -26.54
C GLY D 235 42.52 -1.69 -27.05
N ASP D 236 41.59 -1.41 -27.97
CA ASP D 236 41.44 -0.05 -28.47
C ASP D 236 40.86 0.88 -27.42
N ILE D 237 40.04 0.34 -26.51
CA ILE D 237 39.43 1.16 -25.46
C ILE D 237 40.52 1.76 -24.58
N PHE D 238 41.48 0.95 -24.14
CA PHE D 238 42.57 1.43 -23.31
C PHE D 238 43.59 2.27 -24.08
N MET D 239 43.34 2.54 -25.36
CA MET D 239 44.25 3.34 -26.18
C MET D 239 43.61 4.65 -26.63
N LYS D 240 42.45 5.00 -26.10
CA LYS D 240 41.81 6.27 -26.39
C LYS D 240 41.97 7.18 -25.18
N LEU D 241 42.72 8.27 -25.36
CA LEU D 241 43.14 9.13 -24.27
C LEU D 241 42.41 10.48 -24.36
N ASP D 242 42.30 11.14 -23.20
CA ASP D 242 41.53 12.38 -23.10
C ASP D 242 42.27 13.56 -23.71
N GLU D 243 41.93 14.77 -23.27
CA GLU D 243 42.57 15.97 -23.79
C GLU D 243 43.98 16.18 -23.24
N ASN D 244 44.31 15.58 -22.11
CA ASN D 244 45.61 15.82 -21.45
C ASN D 244 46.21 14.48 -21.03
N LYS D 245 46.58 13.66 -22.03
CA LYS D 245 47.48 12.52 -21.84
C LYS D 245 46.94 11.40 -20.96
N GLU D 246 45.70 11.53 -20.47
CA GLU D 246 45.13 10.55 -19.57
C GLU D 246 44.18 9.62 -20.32
N ALA D 247 44.21 8.34 -19.96
CA ALA D 247 43.30 7.37 -20.56
C ALA D 247 41.87 7.68 -20.15
N LEU D 248 40.97 7.72 -21.14
CA LEU D 248 39.60 8.14 -20.86
C LEU D 248 38.81 7.09 -20.08
N VAL D 249 39.11 5.79 -20.30
CA VAL D 249 38.39 4.73 -19.61
C VAL D 249 38.58 4.82 -18.10
N GLU D 250 39.67 5.44 -17.64
CA GLU D 250 39.89 5.62 -16.21
C GLU D 250 39.04 6.74 -15.62
N LYS D 251 38.51 7.63 -16.45
CA LYS D 251 37.66 8.72 -16.00
C LYS D 251 36.18 8.35 -15.98
N ILE D 252 35.81 7.19 -16.53
CA ILE D 252 34.40 6.80 -16.60
C ILE D 252 33.93 6.36 -15.22
N LEU D 253 32.75 6.83 -14.83
CA LEU D 253 32.15 6.41 -13.57
C LEU D 253 31.79 4.93 -13.63
N ASP D 254 32.18 4.18 -12.61
CA ASP D 254 32.05 2.73 -12.61
C ASP D 254 30.65 2.29 -12.13
N THR D 255 29.64 2.69 -12.90
CA THR D 255 28.25 2.31 -12.63
C THR D 255 27.70 1.67 -13.91
N ALA D 256 27.74 0.35 -13.98
CA ALA D 256 27.32 -0.39 -15.17
C ALA D 256 25.82 -0.64 -15.11
N GLY D 257 25.09 -0.12 -16.11
CA GLY D 257 23.68 -0.36 -16.23
C GLY D 257 23.38 -1.58 -17.08
N GLN D 258 22.08 -1.85 -17.25
CA GLN D 258 21.65 -2.97 -18.08
C GLN D 258 20.22 -2.71 -18.53
N LYS D 259 19.90 -3.21 -19.72
CA LYS D 259 18.59 -3.01 -20.34
C LYS D 259 17.61 -4.12 -20.00
N GLY D 260 17.96 -5.03 -19.10
CA GLY D 260 17.05 -6.03 -18.60
C GLY D 260 17.32 -7.44 -19.07
N THR D 261 18.07 -7.62 -20.16
CA THR D 261 18.34 -8.96 -20.66
C THR D 261 19.26 -9.75 -19.73
N GLY D 262 20.02 -9.08 -18.87
CA GLY D 262 20.77 -9.80 -17.85
C GLY D 262 19.86 -10.38 -16.80
N LYS D 263 18.90 -9.58 -16.31
CA LYS D 263 17.90 -10.08 -15.38
C LYS D 263 17.12 -11.24 -15.99
N TRP D 264 16.69 -11.09 -17.25
CA TRP D 264 15.80 -12.07 -17.86
C TRP D 264 16.47 -13.43 -18.01
N THR D 265 17.75 -13.44 -18.43
CA THR D 265 18.42 -14.73 -18.67
C THR D 265 18.74 -15.44 -17.36
N SER D 266 19.01 -14.69 -16.28
CA SER D 266 19.27 -15.32 -15.00
C SER D 266 17.98 -15.84 -14.36
N ILE D 267 16.89 -15.07 -14.49
CA ILE D 267 15.59 -15.53 -14.02
C ILE D 267 15.17 -16.79 -14.77
N ASN D 268 15.42 -16.83 -16.08
CA ASN D 268 15.07 -18.00 -16.88
C ASN D 268 15.86 -19.23 -16.43
N ALA D 269 17.14 -19.04 -16.13
CA ALA D 269 17.98 -20.17 -15.71
C ALA D 269 17.49 -20.74 -14.38
N LEU D 270 17.07 -19.87 -13.46
CA LEU D 270 16.51 -20.36 -12.20
C LEU D 270 15.20 -21.09 -12.42
N GLU D 271 14.37 -20.61 -13.35
CA GLU D 271 13.12 -21.28 -13.65
C GLU D 271 13.36 -22.64 -14.27
N LEU D 272 14.40 -22.77 -15.08
CA LEU D 272 14.74 -24.02 -15.75
C LEU D 272 15.57 -24.97 -14.90
N GLY D 273 16.07 -24.51 -13.74
CA GLY D 273 16.92 -25.35 -12.94
C GLY D 273 18.33 -25.51 -13.46
N ILE D 274 18.80 -24.57 -14.27
CA ILE D 274 20.13 -24.63 -14.88
C ILE D 274 21.08 -23.79 -14.05
N PRO D 275 22.21 -24.32 -13.60
CA PRO D 275 23.15 -23.52 -12.82
C PRO D 275 23.93 -22.51 -13.66
N LEU D 276 23.39 -21.31 -13.78
CA LEU D 276 24.00 -20.24 -14.58
C LEU D 276 24.75 -19.26 -13.67
N THR D 277 25.67 -19.82 -12.90
CA THR D 277 26.30 -19.06 -11.81
C THR D 277 27.18 -17.93 -12.34
N ILE D 278 27.98 -18.20 -13.37
CA ILE D 278 28.91 -17.19 -13.86
C ILE D 278 28.16 -16.00 -14.46
N ILE D 279 27.17 -16.27 -15.31
CA ILE D 279 26.40 -15.20 -15.93
C ILE D 279 25.59 -14.45 -14.88
N THR D 280 25.08 -15.17 -13.88
CA THR D 280 24.30 -14.52 -12.83
C THR D 280 25.18 -13.67 -11.91
N GLU D 281 26.38 -14.16 -11.60
CA GLU D 281 27.32 -13.35 -10.82
C GLU D 281 27.71 -12.09 -11.58
N SER D 282 27.72 -12.14 -12.91
CA SER D 282 28.00 -10.95 -13.70
C SER D 282 26.83 -9.97 -13.63
N VAL D 283 25.60 -10.48 -13.61
CA VAL D 283 24.44 -9.61 -13.45
C VAL D 283 24.44 -8.95 -12.08
N PHE D 284 24.74 -9.72 -11.03
CA PHE D 284 24.82 -9.16 -9.69
C PHE D 284 25.97 -8.18 -9.56
N ALA D 285 27.07 -8.41 -10.29
CA ALA D 285 28.21 -7.49 -10.23
C ALA D 285 27.84 -6.11 -10.75
N ARG D 286 27.02 -6.05 -11.80
CA ARG D 286 26.52 -4.76 -12.28
C ARG D 286 25.63 -4.10 -11.23
N PHE D 287 24.84 -4.90 -10.51
CA PHE D 287 24.02 -4.37 -9.43
C PHE D 287 24.88 -3.67 -8.38
N ILE D 288 25.96 -4.33 -7.94
CA ILE D 288 26.84 -3.73 -6.95
C ILE D 288 27.57 -2.53 -7.53
N SER D 289 27.85 -2.54 -8.83
CA SER D 289 28.44 -1.37 -9.47
C SER D 289 27.49 -0.18 -9.44
N SER D 290 26.18 -0.41 -9.32
CA SER D 290 25.22 0.69 -9.36
C SER D 290 25.32 1.56 -8.12
N ILE D 291 25.48 0.96 -6.95
CA ILE D 291 25.48 1.70 -5.69
C ILE D 291 26.83 2.36 -5.47
N LYS D 292 27.18 3.32 -6.33
CA LYS D 292 28.49 3.96 -6.24
C LYS D 292 28.62 4.75 -4.93
N GLU D 293 27.59 5.54 -4.59
CA GLU D 293 27.65 6.30 -3.35
C GLU D 293 27.74 5.39 -2.14
N GLU D 294 26.99 4.28 -2.15
CA GLU D 294 27.07 3.34 -1.04
C GLU D 294 28.42 2.65 -0.98
N ARG D 295 29.06 2.43 -2.14
CA ARG D 295 30.33 1.73 -2.15
C ARG D 295 31.46 2.60 -1.60
N VAL D 296 31.51 3.87 -1.99
CA VAL D 296 32.57 4.75 -1.51
C VAL D 296 32.44 4.99 -0.02
N ASN D 297 31.22 4.92 0.52
CA ASN D 297 31.05 5.05 1.97
C ASN D 297 31.46 3.77 2.68
N ALA D 298 31.13 2.61 2.11
CA ALA D 298 31.58 1.35 2.69
C ALA D 298 33.09 1.25 2.69
N SER D 299 33.74 1.81 1.66
CA SER D 299 35.20 1.81 1.61
C SER D 299 35.79 2.58 2.76
N LYS D 300 35.08 3.58 3.29
CA LYS D 300 35.53 4.33 4.45
C LYS D 300 35.29 3.59 5.76
N GLU D 301 34.64 2.43 5.72
CA GLU D 301 34.29 1.68 6.93
C GLU D 301 34.82 0.26 6.97
N LEU D 302 35.08 -0.36 5.81
CA LEU D 302 35.50 -1.76 5.75
C LEU D 302 36.90 -1.82 5.15
N ASN D 303 37.86 -2.30 5.95
CA ASN D 303 39.24 -2.41 5.50
C ASN D 303 39.43 -3.71 4.72
N GLY D 304 40.63 -3.89 4.17
CA GLY D 304 40.98 -5.07 3.43
C GLY D 304 42.46 -5.12 3.15
N PRO D 305 42.95 -6.27 2.67
CA PRO D 305 44.38 -6.38 2.35
C PRO D 305 44.75 -5.45 1.22
N LYS D 306 45.97 -4.92 1.29
CA LYS D 306 46.51 -4.06 0.25
C LYS D 306 47.24 -4.93 -0.78
N ALA D 307 46.83 -4.82 -2.03
CA ALA D 307 47.35 -5.70 -3.07
C ALA D 307 48.84 -5.49 -3.28
N SER D 308 49.58 -6.60 -3.37
CA SER D 308 51.00 -6.56 -3.66
C SER D 308 51.41 -7.90 -4.25
N PHE D 309 52.20 -7.86 -5.32
CA PHE D 309 52.64 -9.07 -6.02
C PHE D 309 54.16 -9.13 -6.00
N ASP D 310 54.69 -10.24 -5.49
CA ASP D 310 56.15 -10.39 -5.34
C ASP D 310 56.78 -11.09 -6.53
N GLY D 311 56.09 -12.05 -7.14
CA GLY D 311 56.69 -12.95 -8.11
C GLY D 311 56.69 -12.41 -9.53
N ASP D 312 56.87 -13.34 -10.46
CA ASP D 312 56.94 -13.05 -11.89
C ASP D 312 55.64 -12.43 -12.40
N LYS D 313 55.68 -11.16 -12.79
CA LYS D 313 54.47 -10.47 -13.23
C LYS D 313 54.00 -11.00 -14.58
N LYS D 314 54.93 -11.28 -15.49
CA LYS D 314 54.53 -11.74 -16.81
C LYS D 314 54.06 -13.19 -16.77
N ASP D 315 54.60 -14.00 -15.86
CA ASP D 315 54.07 -15.34 -15.65
C ASP D 315 52.64 -15.30 -15.14
N PHE D 316 52.36 -14.40 -14.20
CA PHE D 316 51.00 -14.27 -13.68
C PHE D 316 50.06 -13.72 -14.74
N LEU D 317 50.55 -12.82 -15.61
CA LEU D 317 49.72 -12.31 -16.69
C LEU D 317 49.27 -13.42 -17.61
N GLU D 318 50.13 -14.41 -17.86
CA GLU D 318 49.73 -15.56 -18.65
C GLU D 318 48.72 -16.42 -17.90
N LYS D 319 48.86 -16.50 -16.58
CA LYS D 319 47.86 -17.22 -15.78
C LYS D 319 46.50 -16.54 -15.88
N ILE D 320 46.47 -15.21 -15.90
CA ILE D 320 45.22 -14.49 -16.08
C ILE D 320 44.64 -14.79 -17.46
N ARG D 321 45.50 -14.91 -18.48
CA ARG D 321 45.02 -15.27 -19.81
C ARG D 321 44.35 -16.64 -19.80
N LYS D 322 45.03 -17.64 -19.24
CA LYS D 322 44.43 -18.96 -19.12
C LYS D 322 43.16 -18.92 -18.29
N ALA D 323 43.18 -18.15 -17.19
CA ALA D 323 41.99 -18.02 -16.35
C ALA D 323 40.85 -17.39 -17.12
N LEU D 324 41.14 -16.39 -17.96
CA LEU D 324 40.10 -15.74 -18.73
C LEU D 324 39.53 -16.68 -19.79
N TYR D 325 40.39 -17.46 -20.44
CA TYR D 325 39.92 -18.37 -21.49
C TYR D 325 39.13 -19.53 -20.90
N MET D 326 39.58 -20.09 -19.78
CA MET D 326 38.84 -21.16 -19.13
C MET D 326 37.50 -20.66 -18.59
N SER D 327 37.50 -19.47 -17.98
CA SER D 327 36.25 -18.91 -17.47
C SER D 327 35.25 -18.66 -18.60
N LYS D 328 35.75 -18.29 -19.78
CA LYS D 328 34.87 -18.09 -20.93
C LYS D 328 34.26 -19.40 -21.41
N ILE D 329 35.00 -20.51 -21.30
CA ILE D 329 34.49 -21.79 -21.76
C ILE D 329 33.36 -22.27 -20.86
N CYS D 330 33.55 -22.19 -19.54
CA CYS D 330 32.49 -22.58 -18.62
C CYS D 330 31.25 -21.69 -18.77
N SER D 331 31.46 -20.42 -19.14
CA SER D 331 30.33 -19.53 -19.39
C SER D 331 29.49 -20.04 -20.56
N TYR D 332 30.15 -20.44 -21.65
CA TYR D 332 29.44 -21.00 -22.79
C TYR D 332 28.82 -22.35 -22.45
N ALA D 333 29.48 -23.12 -21.59
CA ALA D 333 28.91 -24.39 -21.15
C ALA D 333 27.59 -24.17 -20.43
N GLN D 334 27.56 -23.20 -19.52
CA GLN D 334 26.33 -22.89 -18.81
C GLN D 334 25.27 -22.33 -19.77
N GLY D 335 25.67 -21.40 -20.63
CA GLY D 335 24.72 -20.80 -21.55
C GLY D 335 24.11 -21.79 -22.51
N PHE D 336 24.91 -22.73 -23.01
CA PHE D 336 24.39 -23.70 -23.97
C PHE D 336 23.67 -24.85 -23.28
N ALA D 337 24.05 -25.18 -22.04
CA ALA D 337 23.22 -26.08 -21.25
C ALA D 337 21.85 -25.46 -20.99
N GLN D 338 21.81 -24.14 -20.82
CA GLN D 338 20.54 -23.44 -20.62
C GLN D 338 19.67 -23.49 -21.86
N MET D 339 20.27 -23.35 -23.04
CA MET D 339 19.49 -23.36 -24.29
C MET D 339 18.95 -24.75 -24.58
N ARG D 340 19.70 -25.79 -24.24
CA ARG D 340 19.22 -27.15 -24.43
C ARG D 340 18.00 -27.43 -23.55
N LYS D 341 18.06 -27.02 -22.29
CA LYS D 341 16.93 -27.20 -21.39
C LYS D 341 15.72 -26.38 -21.85
N ALA D 342 15.97 -25.17 -22.36
CA ALA D 342 14.86 -24.32 -22.78
C ALA D 342 14.13 -24.89 -23.99
N SER D 343 14.86 -25.41 -24.97
CA SER D 343 14.23 -26.04 -26.11
C SER D 343 13.39 -27.23 -25.67
N GLU D 344 13.85 -27.95 -24.64
CA GLU D 344 13.09 -29.07 -24.10
C GLU D 344 11.80 -28.59 -23.45
N ASP D 345 11.89 -27.60 -22.57
CA ASP D 345 10.72 -27.15 -21.82
C ASP D 345 9.72 -26.42 -22.71
N ASN D 346 10.18 -25.82 -23.80
CA ASN D 346 9.31 -25.06 -24.68
C ASN D 346 8.94 -25.81 -25.96
N GLU D 347 9.47 -27.02 -26.16
CA GLU D 347 9.23 -27.81 -27.37
C GLU D 347 9.62 -27.02 -28.62
N TRP D 348 10.80 -26.41 -28.58
CA TRP D 348 11.29 -25.61 -29.70
C TRP D 348 12.12 -26.40 -30.68
N ASN D 349 12.65 -27.56 -30.27
CA ASN D 349 13.43 -28.44 -31.15
C ASN D 349 14.62 -27.72 -31.76
N LEU D 350 15.40 -27.04 -30.91
CA LEU D 350 16.50 -26.22 -31.39
C LEU D 350 17.73 -27.09 -31.68
N LYS D 351 18.64 -26.54 -32.46
CA LYS D 351 19.91 -27.17 -32.79
C LYS D 351 20.97 -26.25 -32.25
N LEU D 352 21.66 -26.69 -31.21
CA LEU D 352 22.63 -25.83 -30.55
C LEU D 352 23.81 -25.51 -31.46
N GLY D 353 24.13 -26.37 -32.42
CA GLY D 353 25.20 -26.07 -33.36
C GLY D 353 24.88 -24.91 -34.27
N ASP D 354 23.59 -24.66 -34.51
CA ASP D 354 23.15 -23.55 -35.35
C ASP D 354 22.94 -22.26 -34.56
N LEU D 355 23.18 -22.28 -33.26
CA LEU D 355 22.98 -21.13 -32.40
C LEU D 355 24.29 -20.67 -31.78
N ALA D 356 25.36 -20.69 -32.57
CA ALA D 356 26.69 -20.32 -32.10
C ALA D 356 27.19 -19.02 -32.73
N MET D 357 26.28 -18.19 -33.24
CA MET D 357 26.64 -16.94 -33.90
C MET D 357 26.32 -15.77 -32.98
N ILE D 358 27.12 -15.65 -31.92
CA ILE D 358 27.00 -14.52 -31.00
C ILE D 358 27.75 -13.33 -31.57
N TRP D 359 27.12 -12.15 -31.47
CA TRP D 359 27.64 -10.97 -32.17
C TRP D 359 28.94 -10.48 -31.57
N ARG D 360 28.92 -10.10 -30.29
CA ARG D 360 30.11 -9.54 -29.65
C ARG D 360 31.23 -10.56 -29.50
N GLU D 361 30.97 -11.84 -29.74
CA GLU D 361 32.01 -12.87 -29.68
C GLU D 361 32.77 -13.02 -30.99
N GLY D 362 32.18 -12.61 -32.12
CA GLY D 362 32.91 -12.62 -33.37
C GLY D 362 32.28 -13.45 -34.47
N CYS D 363 30.99 -13.25 -34.72
CA CYS D 363 30.32 -13.88 -35.85
C CYS D 363 30.25 -12.89 -37.01
N ILE D 364 30.18 -13.45 -38.23
CA ILE D 364 30.37 -12.77 -39.51
C ILE D 364 31.87 -12.63 -39.77
N ILE D 365 32.67 -12.67 -38.70
CA ILE D 365 34.12 -12.77 -38.81
C ILE D 365 34.62 -14.20 -38.69
N ARG D 366 33.74 -15.13 -38.30
CA ARG D 366 34.06 -16.56 -38.21
C ARG D 366 35.21 -16.81 -37.22
N ALA D 367 34.98 -16.37 -35.98
CA ALA D 367 35.94 -16.62 -34.92
C ALA D 367 36.09 -18.12 -34.67
N GLN D 368 37.33 -18.56 -34.47
CA GLN D 368 37.60 -19.98 -34.30
C GLN D 368 36.89 -20.55 -33.07
N PHE D 369 36.69 -19.72 -32.05
CA PHE D 369 36.01 -20.18 -30.83
C PHE D 369 34.58 -20.62 -31.14
N LEU D 370 33.81 -19.76 -31.80
CA LEU D 370 32.40 -20.05 -32.05
C LEU D 370 32.21 -21.21 -33.03
N GLN D 371 33.22 -21.53 -33.84
CA GLN D 371 33.12 -22.71 -34.69
C GLN D 371 33.38 -23.99 -33.91
N LYS D 372 34.27 -23.94 -32.91
CA LYS D 372 34.45 -25.09 -32.04
C LYS D 372 33.17 -25.41 -31.27
N ILE D 373 32.41 -24.38 -30.90
CA ILE D 373 31.13 -24.60 -30.24
C ILE D 373 30.16 -25.30 -31.18
N LYS D 374 30.06 -24.82 -32.42
CA LYS D 374 29.21 -25.47 -33.40
C LYS D 374 29.68 -26.89 -33.70
N ASP D 375 31.01 -27.08 -33.75
CA ASP D 375 31.55 -28.40 -34.02
C ASP D 375 31.19 -29.40 -32.92
N ALA D 376 31.21 -28.94 -31.67
CA ALA D 376 30.97 -29.84 -30.55
C ALA D 376 29.56 -30.43 -30.61
N TYR D 377 28.56 -29.61 -30.91
CA TYR D 377 27.19 -30.10 -30.96
C TYR D 377 26.83 -30.72 -32.30
N ASP D 378 27.55 -30.38 -33.37
CA ASP D 378 27.37 -31.07 -34.63
C ASP D 378 27.92 -32.49 -34.55
N ASN D 379 29.04 -32.67 -33.85
CA ASN D 379 29.63 -34.00 -33.68
C ASN D 379 28.94 -34.82 -32.60
N ASN D 380 28.14 -34.18 -31.75
CA ASN D 380 27.43 -34.87 -30.69
C ASN D 380 26.21 -34.06 -30.28
N PRO D 381 25.11 -34.15 -31.02
CA PRO D 381 23.91 -33.36 -30.66
C PRO D 381 23.38 -33.66 -29.26
N GLY D 382 23.69 -34.83 -28.70
CA GLY D 382 23.30 -35.17 -27.36
C GLY D 382 24.27 -34.76 -26.28
N LEU D 383 25.33 -34.02 -26.63
CA LEU D 383 26.32 -33.59 -25.67
C LEU D 383 25.68 -32.79 -24.55
N GLN D 384 25.93 -33.20 -23.31
CA GLN D 384 25.29 -32.59 -22.15
C GLN D 384 26.01 -31.33 -21.66
N ASN D 385 27.31 -31.21 -21.91
CA ASN D 385 28.05 -30.06 -21.42
C ASN D 385 29.29 -29.86 -22.29
N LEU D 386 29.53 -28.61 -22.69
CA LEU D 386 30.72 -28.30 -23.48
C LEU D 386 32.00 -28.62 -22.74
N LEU D 387 31.96 -28.70 -21.41
CA LEU D 387 33.13 -29.13 -20.65
C LEU D 387 33.53 -30.55 -21.00
N LEU D 388 32.58 -31.37 -21.44
CA LEU D 388 32.86 -32.75 -21.79
C LEU D 388 33.35 -32.91 -23.23
N ASP D 389 33.16 -31.89 -24.07
CA ASP D 389 33.61 -31.97 -25.44
C ASP D 389 35.13 -32.08 -25.51
N PRO D 390 35.67 -32.98 -26.34
CA PRO D 390 37.12 -33.24 -26.32
C PRO D 390 38.00 -32.00 -26.45
N TYR D 391 37.63 -31.03 -27.29
CA TYR D 391 38.47 -29.85 -27.45
C TYR D 391 38.47 -29.00 -26.19
N PHE D 392 37.28 -28.66 -25.68
CA PHE D 392 37.21 -27.83 -24.47
C PHE D 392 37.63 -28.61 -23.22
N LYS D 393 37.36 -29.92 -23.19
CA LYS D 393 37.81 -30.73 -22.06
C LYS D 393 39.32 -30.72 -21.95
N ASN D 394 40.02 -30.71 -23.08
CA ASN D 394 41.48 -30.68 -23.06
C ASN D 394 42.01 -29.36 -22.51
N ILE D 395 41.29 -28.27 -22.74
CA ILE D 395 41.77 -26.96 -22.30
C ILE D 395 41.52 -26.76 -20.82
N VAL D 396 40.28 -26.96 -20.37
CA VAL D 396 39.93 -26.72 -18.98
C VAL D 396 40.65 -27.69 -18.04
N THR D 397 41.03 -28.87 -18.52
CA THR D 397 41.81 -29.78 -17.69
C THR D 397 43.21 -29.25 -17.46
N GLU D 398 43.76 -28.49 -18.42
CA GLU D 398 45.10 -27.94 -18.29
C GLU D 398 45.10 -26.55 -17.66
N TYR D 399 44.12 -25.71 -18.03
CA TYR D 399 44.08 -24.33 -17.59
C TYR D 399 43.54 -24.16 -16.18
N GLN D 400 43.17 -25.26 -15.50
CA GLN D 400 42.59 -25.13 -14.17
C GLN D 400 43.60 -24.64 -13.16
N ASP D 401 44.87 -25.04 -13.31
CA ASP D 401 45.90 -24.63 -12.35
C ASP D 401 46.11 -23.13 -12.39
N ALA D 402 46.02 -22.51 -13.57
CA ALA D 402 46.18 -21.07 -13.66
C ALA D 402 45.00 -20.33 -13.06
N LEU D 403 43.78 -20.82 -13.32
CA LEU D 403 42.59 -20.16 -12.78
C LEU D 403 42.54 -20.24 -11.26
N ARG D 404 42.97 -21.37 -10.69
CA ARG D 404 43.00 -21.50 -9.23
C ARG D 404 43.96 -20.49 -8.62
N ASP D 405 45.15 -20.33 -9.20
CA ASP D 405 46.13 -19.40 -8.65
C ASP D 405 45.67 -17.96 -8.85
N VAL D 406 44.99 -17.66 -9.96
CA VAL D 406 44.47 -16.32 -10.19
C VAL D 406 43.36 -16.01 -9.18
N VAL D 407 42.49 -16.99 -8.92
CA VAL D 407 41.42 -16.78 -7.96
C VAL D 407 41.99 -16.64 -6.55
N ALA D 408 42.92 -17.54 -6.18
CA ALA D 408 43.50 -17.48 -4.84
C ALA D 408 44.27 -16.19 -4.63
N THR D 409 45.05 -15.75 -5.63
CA THR D 409 45.78 -14.50 -5.51
C THR D 409 44.83 -13.31 -5.42
N GLY D 410 43.70 -13.38 -6.13
CA GLY D 410 42.73 -12.31 -6.06
C GLY D 410 42.04 -12.22 -4.70
N VAL D 411 41.68 -13.38 -4.14
CA VAL D 411 41.00 -13.40 -2.85
C VAL D 411 41.93 -12.89 -1.75
N GLN D 412 43.17 -13.36 -1.75
CA GLN D 412 44.11 -12.99 -0.69
C GLN D 412 44.50 -11.52 -0.75
N ASN D 413 44.35 -10.87 -1.90
CA ASN D 413 44.71 -9.46 -2.05
C ASN D 413 43.50 -8.55 -2.11
N GLY D 414 42.29 -9.08 -1.92
CA GLY D 414 41.10 -8.26 -1.81
C GLY D 414 40.46 -7.84 -3.11
N VAL D 415 40.98 -8.28 -4.26
CA VAL D 415 40.41 -7.90 -5.55
C VAL D 415 39.24 -8.83 -5.86
N PRO D 416 38.01 -8.31 -5.94
CA PRO D 416 36.84 -9.18 -6.12
C PRO D 416 36.86 -9.88 -7.47
N THR D 417 36.61 -11.18 -7.47
CA THR D 417 36.62 -12.01 -8.67
C THR D 417 35.37 -12.89 -8.71
N PRO D 418 34.18 -12.29 -8.78
CA PRO D 418 32.96 -13.13 -8.79
C PRO D 418 32.86 -14.04 -9.99
N GLY D 419 33.31 -13.58 -11.16
CA GLY D 419 33.26 -14.44 -12.34
C GLY D 419 34.30 -15.54 -12.30
N PHE D 420 35.54 -15.21 -11.93
CA PHE D 420 36.58 -16.22 -11.83
C PHE D 420 36.26 -17.25 -10.75
N SER D 421 35.72 -16.79 -9.61
CA SER D 421 35.46 -17.70 -8.50
C SER D 421 34.35 -18.68 -8.82
N SER D 422 33.24 -18.19 -9.38
CA SER D 422 32.14 -19.07 -9.74
C SER D 422 32.48 -19.98 -10.91
N SER D 423 33.50 -19.61 -11.71
CA SER D 423 33.94 -20.49 -12.78
C SER D 423 34.68 -21.71 -12.22
N ILE D 424 35.70 -21.48 -11.39
CA ILE D 424 36.43 -22.58 -10.80
C ILE D 424 35.54 -23.36 -9.83
N ASN D 425 34.56 -22.68 -9.21
CA ASN D 425 33.59 -23.39 -8.38
C ASN D 425 32.69 -24.27 -9.23
N TYR D 426 32.29 -23.79 -10.40
CA TYR D 426 31.45 -24.58 -11.29
C TYR D 426 32.21 -25.79 -11.83
N TYR D 427 33.49 -25.60 -12.17
CA TYR D 427 34.30 -26.73 -12.64
C TYR D 427 34.49 -27.76 -11.53
N ASP D 428 34.69 -27.29 -10.30
CA ASP D 428 34.93 -28.21 -9.19
C ASP D 428 33.66 -28.94 -8.75
N SER D 429 32.48 -28.36 -9.00
CA SER D 429 31.23 -29.00 -8.62
C SER D 429 30.71 -29.93 -9.70
N TYR D 430 30.79 -29.52 -10.97
CA TYR D 430 30.33 -30.38 -12.05
C TYR D 430 31.13 -31.66 -12.14
N ARG D 431 32.44 -31.57 -11.87
CA ARG D 431 33.32 -32.73 -11.90
C ARG D 431 33.34 -33.50 -10.58
N ALA D 432 32.59 -33.06 -9.58
CA ALA D 432 32.60 -33.69 -8.27
C ALA D 432 31.60 -34.84 -8.25
N ALA D 433 32.11 -36.06 -8.09
CA ALA D 433 31.23 -37.22 -7.99
C ALA D 433 30.42 -37.21 -6.71
N ASP D 434 30.95 -36.61 -5.64
CA ASP D 434 30.28 -36.58 -4.34
C ASP D 434 30.33 -35.15 -3.80
N LEU D 435 29.16 -34.55 -3.65
CA LEU D 435 29.02 -33.20 -3.12
C LEU D 435 28.38 -33.24 -1.73
N PRO D 436 28.57 -32.18 -0.92
CA PRO D 436 28.00 -32.19 0.43
C PRO D 436 26.49 -31.96 0.47
N ALA D 437 25.80 -32.29 -0.62
CA ALA D 437 24.35 -32.22 -0.62
C ALA D 437 23.71 -33.32 0.22
N ASN D 438 24.48 -34.37 0.55
CA ASN D 438 23.98 -35.39 1.46
C ASN D 438 23.63 -34.78 2.81
N LEU D 439 24.42 -33.81 3.27
CA LEU D 439 24.11 -33.13 4.52
C LEU D 439 22.86 -32.27 4.38
N ILE D 440 22.71 -31.60 3.22
CA ILE D 440 21.52 -30.78 2.99
C ILE D 440 20.27 -31.65 2.96
N GLN D 441 20.39 -32.87 2.42
CA GLN D 441 19.25 -33.78 2.38
C GLN D 441 18.87 -34.25 3.78
N ALA D 442 19.88 -34.49 4.64
CA ALA D 442 19.58 -34.93 6.00
C ALA D 442 18.92 -33.83 6.81
N GLN D 443 19.33 -32.57 6.61
CA GLN D 443 18.69 -31.46 7.30
C GLN D 443 17.28 -31.21 6.80
N ARG D 444 17.04 -31.41 5.49
CA ARG D 444 15.70 -31.27 4.96
C ARG D 444 14.78 -32.38 5.47
N ASP D 445 15.33 -33.59 5.68
CA ASP D 445 14.49 -34.69 6.13
C ASP D 445 14.09 -34.54 7.59
N TYR D 446 14.90 -33.87 8.41
CA TYR D 446 14.49 -33.63 9.79
C TYR D 446 13.58 -32.41 9.90
N PHE D 447 13.90 -31.35 9.17
CA PHE D 447 13.15 -30.10 9.32
C PHE D 447 11.78 -30.20 8.66
N GLY D 448 11.67 -30.90 7.54
CA GLY D 448 10.42 -30.93 6.80
C GLY D 448 9.97 -32.30 6.36
N ALA D 449 10.63 -33.35 6.85
CA ALA D 449 10.29 -34.73 6.51
C ALA D 449 10.23 -34.92 4.99
N HIS D 450 11.18 -34.31 4.28
CA HIS D 450 11.22 -34.36 2.83
C HIS D 450 11.78 -35.69 2.31
N THR D 451 12.26 -36.56 3.20
CA THR D 451 12.81 -37.87 2.85
C THR D 451 14.06 -37.75 1.98
N TYR D 452 14.74 -38.87 1.75
CA TYR D 452 16.01 -38.85 1.02
C TYR D 452 16.20 -40.19 0.32
N GLU D 453 17.26 -40.24 -0.50
CA GLU D 453 17.68 -41.46 -1.17
C GLU D 453 19.08 -41.83 -0.70
N ARG D 454 19.44 -43.10 -0.89
CA ARG D 454 20.72 -43.62 -0.45
C ARG D 454 21.63 -43.88 -1.65
N LYS D 455 22.94 -43.90 -1.38
CA LYS D 455 23.91 -44.21 -2.41
C LYS D 455 24.09 -45.72 -2.62
N ASP D 456 23.67 -46.52 -1.64
CA ASP D 456 23.88 -47.96 -1.69
C ASP D 456 22.61 -48.79 -1.79
N LYS D 457 21.46 -48.22 -1.47
CA LYS D 457 20.20 -48.95 -1.47
C LYS D 457 19.14 -48.13 -2.19
N GLU D 458 18.25 -48.83 -2.88
CA GLU D 458 17.15 -48.17 -3.58
C GLU D 458 16.03 -47.83 -2.60
N GLY D 459 15.16 -46.93 -3.03
CA GLY D 459 13.99 -46.56 -2.26
C GLY D 459 14.14 -45.22 -1.58
N VAL D 460 13.07 -44.84 -0.88
CA VAL D 460 12.96 -43.57 -0.18
C VAL D 460 12.95 -43.85 1.31
N PHE D 461 13.58 -42.97 2.09
CA PHE D 461 13.76 -43.20 3.52
C PHE D 461 13.47 -41.94 4.31
N HIS D 462 12.95 -42.13 5.52
CA HIS D 462 12.78 -41.07 6.51
C HIS D 462 13.43 -41.53 7.81
N THR D 463 14.02 -40.58 8.54
CA THR D 463 14.82 -40.89 9.71
C THR D 463 14.46 -39.97 10.87
N GLN D 464 14.32 -40.56 12.06
CA GLN D 464 14.22 -39.78 13.29
C GLN D 464 15.63 -39.39 13.70
N TRP D 465 16.01 -38.14 13.42
CA TRP D 465 17.42 -37.75 13.50
C TRP D 465 17.89 -37.43 14.91
N ILE D 466 16.97 -37.18 15.85
CA ILE D 466 17.34 -36.97 17.25
C ILE D 466 16.40 -37.78 18.14
AG AG E . -38.20 14.66 2.51
AG AG F . -46.02 13.73 2.95
AG AG G . -46.62 16.28 1.87
AG AG H . -42.18 13.66 3.57
AG AG I . -45.45 -2.83 26.90
AG AG J . 2.51 15.65 13.42
AG AG K . 8.77 17.01 17.45
AG AG L . 5.57 16.99 16.23
AG AG M . 9.85 14.22 17.39
AG AG N . -1.87 38.10 33.80
AG AG O . 9.76 -16.38 8.88
AG AG P . 9.62 -18.01 16.46
AG AG Q . 9.10 -15.30 17.47
AG AG R . 10.37 -18.07 12.82
AG AG S . 29.68 -39.90 14.29
AG AG T . 22.46 -13.96 -31.27
AG AG U . 26.84 -13.11 -37.61
AG AG V . 26.21 -15.85 -38.98
AG AG W . 25.47 -12.99 -34.09
AG AG X . 46.84 2.95 -24.11
#